data_1G6X
# 
_entry.id   1G6X 
# 
_audit_conform.dict_name       mmcif_pdbx.dic 
_audit_conform.dict_version    5.398 
_audit_conform.dict_location   http://mmcif.pdb.org/dictionaries/ascii/mmcif_pdbx.dic 
# 
loop_
_database_2.database_id 
_database_2.database_code 
_database_2.pdbx_database_accession 
_database_2.pdbx_DOI 
PDB   1G6X         pdb_00001g6x 10.2210/pdb1g6x/pdb 
RCSB  RCSB012309   ?            ?                   
WWPDB D_1000012309 ?            ?                   
# 
loop_
_pdbx_audit_revision_history.ordinal 
_pdbx_audit_revision_history.data_content_type 
_pdbx_audit_revision_history.major_revision 
_pdbx_audit_revision_history.minor_revision 
_pdbx_audit_revision_history.revision_date 
1 'Structure model' 1 0 2001-05-09 
2 'Structure model' 1 1 2008-04-27 
3 'Structure model' 1 2 2011-07-13 
4 'Structure model' 1 3 2021-10-27 
5 'Structure model' 1 4 2023-08-09 
6 'Structure model' 1 5 2024-11-06 
# 
_pdbx_audit_revision_details.ordinal             1 
_pdbx_audit_revision_details.revision_ordinal    1 
_pdbx_audit_revision_details.data_content_type   'Structure model' 
_pdbx_audit_revision_details.provider            repository 
_pdbx_audit_revision_details.type                'Initial release' 
_pdbx_audit_revision_details.description         ? 
_pdbx_audit_revision_details.details             ? 
# 
loop_
_pdbx_audit_revision_group.ordinal 
_pdbx_audit_revision_group.revision_ordinal 
_pdbx_audit_revision_group.data_content_type 
_pdbx_audit_revision_group.group 
1 2 'Structure model' 'Version format compliance' 
2 3 'Structure model' 'Derived calculations'      
3 3 'Structure model' 'Version format compliance' 
4 4 'Structure model' 'Data collection'           
5 4 'Structure model' 'Database references'       
6 4 'Structure model' 'Derived calculations'      
7 5 'Structure model' 'Data collection'           
8 5 'Structure model' 'Refinement description'    
9 6 'Structure model' 'Structure summary'         
# 
loop_
_pdbx_audit_revision_category.ordinal 
_pdbx_audit_revision_category.revision_ordinal 
_pdbx_audit_revision_category.data_content_type 
_pdbx_audit_revision_category.category 
1 4 'Structure model' database_2                    
2 4 'Structure model' diffrn_source                 
3 4 'Structure model' struct_ref_seq_dif            
4 4 'Structure model' struct_site                   
5 5 'Structure model' chem_comp_atom                
6 5 'Structure model' chem_comp_bond                
7 5 'Structure model' pdbx_initial_refinement_model 
8 6 'Structure model' pdbx_entry_details            
9 6 'Structure model' pdbx_modification_feature     
# 
loop_
_pdbx_audit_revision_item.ordinal 
_pdbx_audit_revision_item.revision_ordinal 
_pdbx_audit_revision_item.data_content_type 
_pdbx_audit_revision_item.item 
1 4 'Structure model' '_database_2.pdbx_DOI'                 
2 4 'Structure model' '_database_2.pdbx_database_accession'  
3 4 'Structure model' '_diffrn_source.pdbx_synchrotron_site' 
4 4 'Structure model' '_struct_ref_seq_dif.details'          
5 4 'Structure model' '_struct_site.pdbx_auth_asym_id'       
6 4 'Structure model' '_struct_site.pdbx_auth_comp_id'       
7 4 'Structure model' '_struct_site.pdbx_auth_seq_id'        
# 
_pdbx_database_status.status_code                     REL 
_pdbx_database_status.entry_id                        1G6X 
_pdbx_database_status.recvd_initial_deposition_date   2000-11-08 
_pdbx_database_status.deposit_site                    RCSB 
_pdbx_database_status.process_site                    RCSB 
_pdbx_database_status.status_code_sf                  REL 
_pdbx_database_status.SG_entry                        . 
_pdbx_database_status.pdb_format_compatible           Y 
_pdbx_database_status.status_code_mr                  ? 
_pdbx_database_status.status_code_cs                  ? 
_pdbx_database_status.status_code_nmr_data            ? 
_pdbx_database_status.methods_development_category    ? 
# 
loop_
_pdbx_database_related.db_name 
_pdbx_database_related.db_id 
_pdbx_database_related.details 
_pdbx_database_related.content_type 
PDB 1QLQ 
;BOVINE PANCREATIC TRYPSIN INHIBITOR (BPTI) MUTANT (THR 11  
REPLACED BY ALA, PRO 13 REPLACED BY ALA, LYS 15 REPLACED  
BY ARG, MET 52 REPLACED BY LEU)
;
unspecified 
PDB 4PTI 'TRYPSIN INHIBITOR' unspecified 
PDB 5PTI 'TRYPSIN INHIBITOR (CRYSTAL FORM II)' unspecified 
PDB 6PTI 'BOVINE PANCREATIC TRYPSIN INHIBITOR (BPTI, CRYSTAL FORM III)' unspecified 
PDB 7PTI 
;BOVINE PANCREATIC TRYPSIN INHIBITOR (BPTI) MUTANT (CYS 30   
REPLACED BY ALA, CYS 51 REPLACED BY ALA)
;
unspecified 
PDB 8PTI 
;BOVINE PANCREATIC TRYPSIN INHIBITOR (BPTI) MUTANT (TYR 35  
 REPLACED BY GLY)
;
unspecified 
PDB 9PTI 'BASIC PANCREATIC TRYPSIN INHIBITOR (MET 52 OXIDIZED)' unspecified 
PDB 1AAL 
;BOVINE PANCREATIC TRYPSIN INHIBITOR 
(BPTI, BASIC) MUTANT WITH CYS 30 
REPLACED BY VAL AND CYS 51 REPLACED 
BY ALA
;
unspecified 
PDB 1BPT 
;BOVINE PANCREATIC TRYPSIN INHIBITOR 
(BPTI) MUTANT (TYR 23 REPLACED BY ALA)
;
unspecified 
PDB 1BTI 
;BOVINE PANCREATIC TRYPSIN INHIBITOR (BPTI) 
MUTANT WITH PHE 22 REPLACED BY ALA
;
unspecified 
PDB 1FAN 
;BOVINE PANCREATIC TRYPSIN INHIBITOR (BPTI) MUTANT 
WITH PHE 45 REPLACED BY ALA
;
unspecified 
# 
loop_
_audit_author.name 
_audit_author.pdbx_ordinal 
'Addlagatta, A.' 1 
'Czapinska, H.'  2 
'Krzywda, S.'    3 
'Otlewski, J.'   4 
'Jaskolski, M.'  5 
# 
loop_
_citation.id 
_citation.title 
_citation.journal_abbrev 
_citation.journal_volume 
_citation.page_first 
_citation.page_last 
_citation.year 
_citation.journal_id_ASTM 
_citation.country 
_citation.journal_id_ISSN 
_citation.journal_id_CSD 
_citation.book_publisher 
_citation.pdbx_database_id_PubMed 
_citation.pdbx_database_id_DOI 
primary 'Ultrahigh-resolution structure of a BPTI mutant.' 'Acta Crystallogr.,Sect.D' 57  649  663  2001 ABCRE6 DK 0907-4449 0766 
? 11320305 10.1107/S0907444901003468 
1       'High-Resolution Structure of Bovine Pancreatic Trypsin Inhibitor with Altered Binding Loop Sequenc' J.Mol.Biol. 295 1237 
1249 2000 JMOBAK UK 0022-2836 0070 ? ?        10.1006/jmbi.1999.3445    
2       'Structure of Bovine Pancreatic Trypsin Inhibitor at 125 K: Definition of Carboxyl-Terminal Residues Gly57 and Ala58' 
'Acta Crystallogr.,Sect.D' 52  19   29   1996 ABCRE6 DK 0907-4449 0766 ? ?        ?                         
3       
;Determination of a High Quality Nuclear Magnetic Resonance Solution Structure of the Bovine Pancreatic Trypsin Inhibitor and Comparison with Three Crystal Structures
;
J.Mol.Biol.                227 757  775  1992 JMOBAK UK 0022-2836 0070 ? ?        ?                         
4       'Structure of Bovine Pancreatic Trypsin Inhibitor . Results of Joint Neutron and X-Ray Refinement of Crystal Form II' 
J.Mol.Biol.                180 301  329  1984 JMOBAK UK 0022-2836 0070 ? ?        ?                         
5       'Crystallographic Refinement of the Structure of Bovine Pancreatic Trypsin Inhibitor at 1.5 A Resolution' 
'Acta Crystallogr.,Sect.B' 31  238  250  1975 ASBSDK DK 0108-7681 0622 ? ?        10.1107/S0567740875002415 
# 
loop_
_citation_author.citation_id 
_citation_author.name 
_citation_author.ordinal 
_citation_author.identifier_ORCID 
primary 'Addlagatta, A.'  1  ? 
primary 'Krzywda, S.'     2  ? 
primary 'Czapinska, H.'   3  ? 
primary 'Otlewski, J.'    4  ? 
primary 'Jaskolski, M.'   5  ? 
1       'Czapinska, H.'   6  ? 
1       'Otlewski, J.'    7  ? 
1       'Krzywda, S.'     8  ? 
1       'Sheldrick, G.M.' 9  ? 
1       'Jaskolski, M.'   10 ? 
2       'Parkin, S.'      11 ? 
2       'Rupp, B.'        12 ? 
2       'Hope, H.'        13 ? 
3       'Berndt, K.'      14 ? 
3       'Guentert, P.'    15 ? 
3       'Orbons, L.P.'    16 ? 
3       'Wuethrich, K.'   17 ? 
4       'Wlodawer, A.'    18 ? 
4       'Walter, J.'      19 ? 
4       'Huber, R.'       20 ? 
4       'Sjolin, L.'      21 ? 
5       'Deisenhofer, J.' 22 ? 
5       'Steigemann, W.'  23 ? 
# 
loop_
_entity.id 
_entity.type 
_entity.src_method 
_entity.pdbx_description 
_entity.formula_weight 
_entity.pdbx_number_of_molecules 
_entity.pdbx_ec 
_entity.pdbx_mutation 
_entity.pdbx_fragment 
_entity.details 
1 polymer     man 'PANCREATIC TRYPSIN INHIBITOR' 6481.481 1   ? YES ? ? 
2 non-polymer syn 'SULFATE ION'                  96.063   8   ? ?   ? ? 
3 non-polymer syn 1,2-ETHANEDIOL                 62.068   2   ? ?   ? ? 
4 water       nat water                          18.015   170 ? ?   ? ? 
# 
_entity_name_com.entity_id   1 
_entity_name_com.name        'BPTI, APROTININ, TRASYLOL, BASIC PROTEASE INHIBITOR' 
# 
_entity_poly.entity_id                      1 
_entity_poly.type                           'polypeptide(L)' 
_entity_poly.nstd_linkage                   no 
_entity_poly.nstd_monomer                   no 
_entity_poly.pdbx_seq_one_letter_code       RPDFCLEPPYAGACRARIIRYFYNAKAGLCQTFVYGGCRAKRNNFKSAEDCLRTCGGA 
_entity_poly.pdbx_seq_one_letter_code_can   RPDFCLEPPYAGACRARIIRYFYNAKAGLCQTFVYGGCRAKRNNFKSAEDCLRTCGGA 
_entity_poly.pdbx_strand_id                 A 
_entity_poly.pdbx_target_identifier         ? 
# 
loop_
_pdbx_entity_nonpoly.entity_id 
_pdbx_entity_nonpoly.name 
_pdbx_entity_nonpoly.comp_id 
2 'SULFATE ION'  SO4 
3 1,2-ETHANEDIOL EDO 
4 water          HOH 
# 
loop_
_entity_poly_seq.entity_id 
_entity_poly_seq.num 
_entity_poly_seq.mon_id 
_entity_poly_seq.hetero 
1 1  ARG n 
1 2  PRO n 
1 3  ASP n 
1 4  PHE n 
1 5  CYS n 
1 6  LEU n 
1 7  GLU n 
1 8  PRO n 
1 9  PRO n 
1 10 TYR n 
1 11 ALA n 
1 12 GLY n 
1 13 ALA n 
1 14 CYS n 
1 15 ARG n 
1 16 ALA n 
1 17 ARG n 
1 18 ILE n 
1 19 ILE n 
1 20 ARG n 
1 21 TYR n 
1 22 PHE n 
1 23 TYR n 
1 24 ASN n 
1 25 ALA n 
1 26 LYS n 
1 27 ALA n 
1 28 GLY n 
1 29 LEU n 
1 30 CYS n 
1 31 GLN n 
1 32 THR n 
1 33 PHE n 
1 34 VAL n 
1 35 TYR n 
1 36 GLY n 
1 37 GLY n 
1 38 CYS n 
1 39 ARG n 
1 40 ALA n 
1 41 LYS n 
1 42 ARG n 
1 43 ASN n 
1 44 ASN n 
1 45 PHE n 
1 46 LYS n 
1 47 SER n 
1 48 ALA n 
1 49 GLU n 
1 50 ASP n 
1 51 CYS n 
1 52 LEU n 
1 53 ARG n 
1 54 THR n 
1 55 CYS n 
1 56 GLY n 
1 57 GLY n 
1 58 ALA n 
# 
_entity_src_gen.entity_id                          1 
_entity_src_gen.pdbx_src_id                        1 
_entity_src_gen.pdbx_alt_source_flag               sample 
_entity_src_gen.pdbx_seq_type                      ? 
_entity_src_gen.pdbx_beg_seq_num                   ? 
_entity_src_gen.pdbx_end_seq_num                   ? 
_entity_src_gen.gene_src_common_name               cattle 
_entity_src_gen.gene_src_genus                     Bos 
_entity_src_gen.pdbx_gene_src_gene                 ? 
_entity_src_gen.gene_src_species                   ? 
_entity_src_gen.gene_src_strain                    ? 
_entity_src_gen.gene_src_tissue                    ? 
_entity_src_gen.gene_src_tissue_fraction           ? 
_entity_src_gen.gene_src_details                   ? 
_entity_src_gen.pdbx_gene_src_fragment             ? 
_entity_src_gen.pdbx_gene_src_scientific_name      'Bos taurus' 
_entity_src_gen.pdbx_gene_src_ncbi_taxonomy_id     9913 
_entity_src_gen.pdbx_gene_src_variant              ? 
_entity_src_gen.pdbx_gene_src_cell_line            ? 
_entity_src_gen.pdbx_gene_src_atcc                 ? 
_entity_src_gen.pdbx_gene_src_organ                ? 
_entity_src_gen.pdbx_gene_src_organelle            ? 
_entity_src_gen.pdbx_gene_src_cell                 ? 
_entity_src_gen.pdbx_gene_src_cellular_location    ? 
_entity_src_gen.host_org_common_name               ? 
_entity_src_gen.pdbx_host_org_scientific_name      'Escherichia coli' 
_entity_src_gen.pdbx_host_org_ncbi_taxonomy_id     562 
_entity_src_gen.host_org_genus                     Escherichia 
_entity_src_gen.pdbx_host_org_gene                 ? 
_entity_src_gen.pdbx_host_org_organ                ? 
_entity_src_gen.host_org_species                   ? 
_entity_src_gen.pdbx_host_org_tissue               ? 
_entity_src_gen.pdbx_host_org_tissue_fraction      ? 
_entity_src_gen.pdbx_host_org_strain               'BL21 (DE3) PLYSS' 
_entity_src_gen.pdbx_host_org_variant              ? 
_entity_src_gen.pdbx_host_org_cell_line            ? 
_entity_src_gen.pdbx_host_org_atcc                 ? 
_entity_src_gen.pdbx_host_org_culture_collection   ? 
_entity_src_gen.pdbx_host_org_cell                 ? 
_entity_src_gen.pdbx_host_org_organelle            ? 
_entity_src_gen.pdbx_host_org_cellular_location    ? 
_entity_src_gen.pdbx_host_org_vector_type          PLASMID 
_entity_src_gen.pdbx_host_org_vector               ? 
_entity_src_gen.host_org_details                   ? 
_entity_src_gen.expression_system_id               ? 
_entity_src_gen.plasmid_name                       PAED4 
_entity_src_gen.plasmid_details                    ? 
_entity_src_gen.pdbx_description                   ? 
# 
loop_
_chem_comp.id 
_chem_comp.type 
_chem_comp.mon_nstd_flag 
_chem_comp.name 
_chem_comp.pdbx_synonyms 
_chem_comp.formula 
_chem_comp.formula_weight 
ALA 'L-peptide linking' y ALANINE         ?                 'C3 H7 N O2'     89.093  
ARG 'L-peptide linking' y ARGININE        ?                 'C6 H15 N4 O2 1' 175.209 
ASN 'L-peptide linking' y ASPARAGINE      ?                 'C4 H8 N2 O3'    132.118 
ASP 'L-peptide linking' y 'ASPARTIC ACID' ?                 'C4 H7 N O4'     133.103 
CYS 'L-peptide linking' y CYSTEINE        ?                 'C3 H7 N O2 S'   121.158 
EDO non-polymer         . 1,2-ETHANEDIOL  'ETHYLENE GLYCOL' 'C2 H6 O2'       62.068  
GLN 'L-peptide linking' y GLUTAMINE       ?                 'C5 H10 N2 O3'   146.144 
GLU 'L-peptide linking' y 'GLUTAMIC ACID' ?                 'C5 H9 N O4'     147.129 
GLY 'peptide linking'   y GLYCINE         ?                 'C2 H5 N O2'     75.067  
HOH non-polymer         . WATER           ?                 'H2 O'           18.015  
ILE 'L-peptide linking' y ISOLEUCINE      ?                 'C6 H13 N O2'    131.173 
LEU 'L-peptide linking' y LEUCINE         ?                 'C6 H13 N O2'    131.173 
LYS 'L-peptide linking' y LYSINE          ?                 'C6 H15 N2 O2 1' 147.195 
MET 'L-peptide linking' y METHIONINE      ?                 'C5 H11 N O2 S'  149.211 
PHE 'L-peptide linking' y PHENYLALANINE   ?                 'C9 H11 N O2'    165.189 
PRO 'L-peptide linking' y PROLINE         ?                 'C5 H9 N O2'     115.130 
SER 'L-peptide linking' y SERINE          ?                 'C3 H7 N O3'     105.093 
SO4 non-polymer         . 'SULFATE ION'   ?                 'O4 S -2'        96.063  
THR 'L-peptide linking' y THREONINE       ?                 'C4 H9 N O3'     119.119 
TYR 'L-peptide linking' y TYROSINE        ?                 'C9 H11 N O3'    181.189 
VAL 'L-peptide linking' y VALINE          ?                 'C5 H11 N O2'    117.146 
# 
loop_
_pdbx_poly_seq_scheme.asym_id 
_pdbx_poly_seq_scheme.entity_id 
_pdbx_poly_seq_scheme.seq_id 
_pdbx_poly_seq_scheme.mon_id 
_pdbx_poly_seq_scheme.ndb_seq_num 
_pdbx_poly_seq_scheme.pdb_seq_num 
_pdbx_poly_seq_scheme.auth_seq_num 
_pdbx_poly_seq_scheme.pdb_mon_id 
_pdbx_poly_seq_scheme.auth_mon_id 
_pdbx_poly_seq_scheme.pdb_strand_id 
_pdbx_poly_seq_scheme.pdb_ins_code 
_pdbx_poly_seq_scheme.hetero 
A 1 1  ARG 1  1  1  ARG ARG A . n 
A 1 2  PRO 2  2  2  PRO PRO A . n 
A 1 3  ASP 3  3  3  ASP ASP A . n 
A 1 4  PHE 4  4  4  PHE PHE A . n 
A 1 5  CYS 5  5  5  CYS CYS A . n 
A 1 6  LEU 6  6  6  LEU LEU A . n 
A 1 7  GLU 7  7  7  GLU GLU A . n 
A 1 8  PRO 8  8  8  PRO PRO A . n 
A 1 9  PRO 9  9  9  PRO PRO A . n 
A 1 10 TYR 10 10 10 TYR TYR A . n 
A 1 11 ALA 11 11 11 ALA ALA A . n 
A 1 12 GLY 12 12 12 GLY GLY A . n 
A 1 13 ALA 13 13 13 ALA ALA A . n 
A 1 14 CYS 14 14 14 CYS CYS A . n 
A 1 15 ARG 15 15 15 ARG ARG A . n 
A 1 16 ALA 16 16 16 ALA ALA A . n 
A 1 17 ARG 17 17 17 ARG ARG A . n 
A 1 18 ILE 18 18 18 ILE ILE A . n 
A 1 19 ILE 19 19 19 ILE ILE A . n 
A 1 20 ARG 20 20 20 ARG ARG A . n 
A 1 21 TYR 21 21 21 TYR TYR A . n 
A 1 22 PHE 22 22 22 PHE PHE A . n 
A 1 23 TYR 23 23 23 TYR TYR A . n 
A 1 24 ASN 24 24 24 ASN ASN A . n 
A 1 25 ALA 25 25 25 ALA ALA A . n 
A 1 26 LYS 26 26 26 LYS LYS A . n 
A 1 27 ALA 27 27 27 ALA ALA A . n 
A 1 28 GLY 28 28 28 GLY GLY A . n 
A 1 29 LEU 29 29 29 LEU LEU A . n 
A 1 30 CYS 30 30 30 CYS CYS A . n 
A 1 31 GLN 31 31 31 GLN GLN A . n 
A 1 32 THR 32 32 32 THR THR A . n 
A 1 33 PHE 33 33 33 PHE PHE A . n 
A 1 34 VAL 34 34 34 VAL VAL A . n 
A 1 35 TYR 35 35 35 TYR TYR A . n 
A 1 36 GLY 36 36 36 GLY GLY A . n 
A 1 37 GLY 37 37 37 GLY GLY A . n 
A 1 38 CYS 38 38 38 CYS CYS A . n 
A 1 39 ARG 39 39 39 ARG ARG A . n 
A 1 40 ALA 40 40 40 ALA ALA A . n 
A 1 41 LYS 41 41 41 LYS LYS A . n 
A 1 42 ARG 42 42 42 ARG ARG A . n 
A 1 43 ASN 43 43 43 ASN ASN A . n 
A 1 44 ASN 44 44 44 ASN ASN A . n 
A 1 45 PHE 45 45 45 PHE PHE A . n 
A 1 46 LYS 46 46 46 LYS LYS A . n 
A 1 47 SER 47 47 47 SER SER A . n 
A 1 48 ALA 48 48 48 ALA ALA A . n 
A 1 49 GLU 49 49 49 GLU GLU A . n 
A 1 50 ASP 50 50 50 ASP ASP A . n 
A 1 51 CYS 51 51 51 CYS CYS A . n 
A 1 52 LEU 52 52 52 LEU LEU A . n 
A 1 53 ARG 53 53 53 ARG ARG A . n 
A 1 54 THR 54 54 54 THR THR A . n 
A 1 55 CYS 55 55 55 CYS CYS A . n 
A 1 56 GLY 56 56 56 GLY GLY A . n 
A 1 57 GLY 57 57 57 GLY GLY A . n 
A 1 58 ALA 58 58 58 ALA ALA A . n 
# 
loop_
_pdbx_nonpoly_scheme.asym_id 
_pdbx_nonpoly_scheme.entity_id 
_pdbx_nonpoly_scheme.mon_id 
_pdbx_nonpoly_scheme.ndb_seq_num 
_pdbx_nonpoly_scheme.pdb_seq_num 
_pdbx_nonpoly_scheme.auth_seq_num 
_pdbx_nonpoly_scheme.pdb_mon_id 
_pdbx_nonpoly_scheme.auth_mon_id 
_pdbx_nonpoly_scheme.pdb_strand_id 
_pdbx_nonpoly_scheme.pdb_ins_code 
B 2 SO4 1   61  61  SO4 SO4 A . 
C 2 SO4 1   62  62  SO4 SO4 A . 
D 2 SO4 1   63  63  SO4 SO4 A . 
E 2 SO4 1   64  64  SO4 SO4 A . 
F 2 SO4 1   65  65  SO4 SO4 A . 
G 2 SO4 1   66  66  SO4 SO4 A . 
H 2 SO4 1   68  68  SO4 SO4 A . 
I 2 SO4 1   67  67  SO4 SO4 A . 
J 3 EDO 1   81  81  EDO EDO A . 
K 3 EDO 1   82  82  EDO EDO A . 
L 4 HOH 1   101 101 HOH HOH A . 
L 4 HOH 2   102 102 HOH HOH A . 
L 4 HOH 3   103 103 HOH HOH A . 
L 4 HOH 4   104 104 HOH HOH A . 
L 4 HOH 5   105 105 HOH HOH A . 
L 4 HOH 6   106 106 HOH HOH A . 
L 4 HOH 7   107 107 HOH HOH A . 
L 4 HOH 8   108 108 HOH HOH A . 
L 4 HOH 9   109 109 HOH HOH A . 
L 4 HOH 10  110 110 HOH HOH A . 
L 4 HOH 11  111 111 HOH HOH A . 
L 4 HOH 12  112 112 HOH HOH A . 
L 4 HOH 13  113 113 HOH HOH A . 
L 4 HOH 14  114 114 HOH HOH A . 
L 4 HOH 15  115 115 HOH HOH A . 
L 4 HOH 16  116 116 HOH HOH A . 
L 4 HOH 17  117 117 HOH HOH A . 
L 4 HOH 18  118 118 HOH HOH A . 
L 4 HOH 19  119 119 HOH HOH A . 
L 4 HOH 20  120 120 HOH HOH A . 
L 4 HOH 21  121 121 HOH HOH A . 
L 4 HOH 22  122 122 HOH HOH A . 
L 4 HOH 23  123 123 HOH HOH A . 
L 4 HOH 24  124 124 HOH HOH A . 
L 4 HOH 25  125 125 HOH HOH A . 
L 4 HOH 26  126 126 HOH HOH A . 
L 4 HOH 27  127 127 HOH HOH A . 
L 4 HOH 28  128 128 HOH HOH A . 
L 4 HOH 29  129 129 HOH HOH A . 
L 4 HOH 30  130 130 HOH HOH A . 
L 4 HOH 31  131 131 HOH HOH A . 
L 4 HOH 32  132 132 HOH HOH A . 
L 4 HOH 33  133 133 HOH HOH A . 
L 4 HOH 34  134 134 HOH HOH A . 
L 4 HOH 35  135 135 HOH HOH A . 
L 4 HOH 36  136 136 HOH HOH A . 
L 4 HOH 37  137 137 HOH HOH A . 
L 4 HOH 38  138 138 HOH HOH A . 
L 4 HOH 39  139 139 HOH HOH A . 
L 4 HOH 40  140 140 HOH HOH A . 
L 4 HOH 41  141 141 HOH HOH A . 
L 4 HOH 42  142 142 HOH HOH A . 
L 4 HOH 43  143 143 HOH HOH A . 
L 4 HOH 44  144 144 HOH HOH A . 
L 4 HOH 45  145 145 HOH HOH A . 
L 4 HOH 46  146 146 HOH HOH A . 
L 4 HOH 47  147 147 HOH HOH A . 
L 4 HOH 48  148 148 HOH HOH A . 
L 4 HOH 49  149 149 HOH HOH A . 
L 4 HOH 50  150 150 HOH HOH A . 
L 4 HOH 51  151 151 HOH HOH A . 
L 4 HOH 52  152 152 HOH HOH A . 
L 4 HOH 53  153 153 HOH HOH A . 
L 4 HOH 54  154 154 HOH HOH A . 
L 4 HOH 55  155 155 HOH HOH A . 
L 4 HOH 56  156 156 HOH HOH A . 
L 4 HOH 57  157 157 HOH HOH A . 
L 4 HOH 58  158 158 HOH HOH A . 
L 4 HOH 59  159 159 HOH HOH A . 
L 4 HOH 60  160 160 HOH HOH A . 
L 4 HOH 61  161 161 HOH HOH A . 
L 4 HOH 62  162 162 HOH HOH A . 
L 4 HOH 63  163 163 HOH HOH A . 
L 4 HOH 64  164 164 HOH HOH A . 
L 4 HOH 65  165 165 HOH HOH A . 
L 4 HOH 66  166 166 HOH HOH A . 
L 4 HOH 67  167 167 HOH HOH A . 
L 4 HOH 68  168 168 HOH HOH A . 
L 4 HOH 69  169 169 HOH HOH A . 
L 4 HOH 70  170 170 HOH HOH A . 
L 4 HOH 71  171 171 HOH HOH A . 
L 4 HOH 72  172 172 HOH HOH A . 
L 4 HOH 73  173 173 HOH HOH A . 
L 4 HOH 74  174 174 HOH HOH A . 
L 4 HOH 75  175 175 HOH HOH A . 
L 4 HOH 76  176 176 HOH HOH A . 
L 4 HOH 77  177 177 HOH HOH A . 
L 4 HOH 78  178 178 HOH HOH A . 
L 4 HOH 79  179 179 HOH HOH A . 
L 4 HOH 80  180 180 HOH HOH A . 
L 4 HOH 81  181 181 HOH HOH A . 
L 4 HOH 82  182 182 HOH HOH A . 
L 4 HOH 83  183 183 HOH HOH A . 
L 4 HOH 84  184 184 HOH HOH A . 
L 4 HOH 85  185 185 HOH HOH A . 
L 4 HOH 86  186 186 HOH HOH A . 
L 4 HOH 87  187 187 HOH HOH A . 
L 4 HOH 88  188 188 HOH HOH A . 
L 4 HOH 89  189 189 HOH HOH A . 
L 4 HOH 90  190 190 HOH HOH A . 
L 4 HOH 91  191 191 HOH HOH A . 
L 4 HOH 92  192 192 HOH HOH A . 
L 4 HOH 93  193 193 HOH HOH A . 
L 4 HOH 94  194 194 HOH HOH A . 
L 4 HOH 95  195 195 HOH HOH A . 
L 4 HOH 96  196 196 HOH HOH A . 
L 4 HOH 97  197 197 HOH HOH A . 
L 4 HOH 98  198 198 HOH HOH A . 
L 4 HOH 99  199 199 HOH HOH A . 
L 4 HOH 100 200 200 HOH HOH A . 
L 4 HOH 101 201 201 HOH HOH A . 
L 4 HOH 102 202 202 HOH HOH A . 
L 4 HOH 103 203 203 HOH HOH A . 
L 4 HOH 104 204 204 HOH HOH A . 
L 4 HOH 105 205 205 HOH HOH A . 
L 4 HOH 106 206 206 HOH HOH A . 
L 4 HOH 107 207 207 HOH HOH A . 
L 4 HOH 108 208 208 HOH HOH A . 
L 4 HOH 109 209 209 HOH HOH A . 
L 4 HOH 110 210 210 HOH HOH A . 
L 4 HOH 111 211 211 HOH HOH A . 
L 4 HOH 112 212 212 HOH HOH A . 
L 4 HOH 113 213 213 HOH HOH A . 
L 4 HOH 114 214 214 HOH HOH A . 
L 4 HOH 115 215 215 HOH HOH A . 
L 4 HOH 116 216 216 HOH HOH A . 
L 4 HOH 117 217 217 HOH HOH A . 
L 4 HOH 118 218 218 HOH HOH A . 
L 4 HOH 119 219 219 HOH HOH A . 
L 4 HOH 120 220 220 HOH HOH A . 
L 4 HOH 121 221 221 HOH HOH A . 
L 4 HOH 122 222 222 HOH HOH A . 
L 4 HOH 123 223 223 HOH HOH A . 
L 4 HOH 124 224 224 HOH HOH A . 
L 4 HOH 125 225 225 HOH HOH A . 
L 4 HOH 126 226 226 HOH HOH A . 
L 4 HOH 127 227 227 HOH HOH A . 
L 4 HOH 128 228 228 HOH HOH A . 
L 4 HOH 129 229 229 HOH HOH A . 
L 4 HOH 130 230 230 HOH HOH A . 
L 4 HOH 131 231 231 HOH HOH A . 
L 4 HOH 132 232 232 HOH HOH A . 
L 4 HOH 133 233 233 HOH HOH A . 
L 4 HOH 134 234 234 HOH HOH A . 
L 4 HOH 135 235 235 HOH HOH A . 
L 4 HOH 136 236 236 HOH HOH A . 
L 4 HOH 137 237 237 HOH HOH A . 
L 4 HOH 138 238 238 HOH HOH A . 
L 4 HOH 139 239 239 HOH HOH A . 
L 4 HOH 140 240 240 HOH HOH A . 
L 4 HOH 141 241 241 HOH HOH A . 
L 4 HOH 142 242 242 HOH HOH A . 
L 4 HOH 143 243 243 HOH HOH A . 
L 4 HOH 144 244 244 HOH HOH A . 
L 4 HOH 145 245 245 HOH HOH A . 
L 4 HOH 146 246 246 HOH HOH A . 
L 4 HOH 147 247 247 HOH HOH A . 
L 4 HOH 148 248 248 HOH HOH A . 
L 4 HOH 149 249 249 HOH HOH A . 
L 4 HOH 150 250 250 HOH HOH A . 
L 4 HOH 151 251 251 HOH HOH A . 
L 4 HOH 152 252 252 HOH HOH A . 
L 4 HOH 153 253 253 HOH HOH A . 
L 4 HOH 154 254 254 HOH HOH A . 
L 4 HOH 155 255 255 HOH HOH A . 
L 4 HOH 156 256 256 HOH HOH A . 
L 4 HOH 157 257 257 HOH HOH A . 
L 4 HOH 158 258 258 HOH HOH A . 
L 4 HOH 159 259 259 HOH HOH A . 
L 4 HOH 160 260 260 HOH HOH A . 
L 4 HOH 161 261 261 HOH HOH A . 
L 4 HOH 162 262 262 HOH HOH A . 
L 4 HOH 163 263 263 HOH HOH A . 
L 4 HOH 164 264 264 HOH HOH A . 
L 4 HOH 165 265 265 HOH HOH A . 
L 4 HOH 166 266 266 HOH HOH A . 
L 4 HOH 167 267 267 HOH HOH A . 
L 4 HOH 168 300 300 HOH HOH A . 
L 4 HOH 169 301 301 HOH HOH A . 
L 4 HOH 170 303 303 HOH HOH A . 
# 
loop_
_pdbx_unobs_or_zero_occ_atoms.id 
_pdbx_unobs_or_zero_occ_atoms.PDB_model_num 
_pdbx_unobs_or_zero_occ_atoms.polymer_flag 
_pdbx_unobs_or_zero_occ_atoms.occupancy_flag 
_pdbx_unobs_or_zero_occ_atoms.auth_asym_id 
_pdbx_unobs_or_zero_occ_atoms.auth_comp_id 
_pdbx_unobs_or_zero_occ_atoms.auth_seq_id 
_pdbx_unobs_or_zero_occ_atoms.PDB_ins_code 
_pdbx_unobs_or_zero_occ_atoms.auth_atom_id 
_pdbx_unobs_or_zero_occ_atoms.label_alt_id 
_pdbx_unobs_or_zero_occ_atoms.label_asym_id 
_pdbx_unobs_or_zero_occ_atoms.label_comp_id 
_pdbx_unobs_or_zero_occ_atoms.label_seq_id 
_pdbx_unobs_or_zero_occ_atoms.label_atom_id 
1 1 N 1 A SO4 64 ? O2 ? E SO4 1 O2 
2 1 N 1 A SO4 64 ? O4 ? E SO4 1 O4 
3 1 N 1 A SO4 65 ? O2 ? F SO4 1 O2 
4 1 N 1 A SO4 65 ? O4 ? F SO4 1 O4 
# 
loop_
_software.name 
_software.classification 
_software.version 
_software.citation_id 
_software.pdbx_ordinal 
DENZO     'data reduction' . ? 1 
SCALEPACK 'data scaling'   . ? 2 
SHELX     'model building' . ? 3 
SHELXL-97 refinement       . ? 4 
SHELX     phasing          . ? 5 
# 
_cell.entry_id           1G6X 
_cell.length_a           51.891 
_cell.length_b           51.891 
_cell.length_c           43.035 
_cell.angle_alpha        90.00 
_cell.angle_beta         90.00 
_cell.angle_gamma        90.00 
_cell.Z_PDB              8 
_cell.pdbx_unique_axis   ? 
# 
_symmetry.entry_id                         1G6X 
_symmetry.space_group_name_H-M             'P 43 21 2' 
_symmetry.pdbx_full_space_group_name_H-M   ? 
_symmetry.cell_setting                     ? 
_symmetry.Int_Tables_number                96 
# 
_exptl.entry_id          1G6X 
_exptl.method            'X-RAY DIFFRACTION' 
_exptl.crystals_number   1 
# 
_exptl_crystal.id                    1 
_exptl_crystal.density_meas          ? 
_exptl_crystal.density_Matthews      2.28 
_exptl_crystal.density_percent_sol   46.0 
_exptl_crystal.description           ? 
# 
_exptl_crystal_grow.crystal_id      1 
_exptl_crystal_grow.method          'VAPOR DIFFUSION, HANGING DROP' 
_exptl_crystal_grow.temp            292 
_exptl_crystal_grow.temp_details    ? 
_exptl_crystal_grow.pH              7.5 
_exptl_crystal_grow.pdbx_details    
;2% PEG 400,  
2 M AMMONIUM SULFATE,  
0.1 M NA HEPES.
A PROTEIN SAMPLE, LYOPHILIZED AFTER HPLC PURIFICATION FROM TFA/ACETONITRILE
MIXTURE, WAS DISSOLVED IN WATER TO A CONCENTRATION OF 9 MG/2 UL DROPS
OF THE PROTEIN SOLUTION WERE MIXED WITH 2 UL OF RESERVOIR SOLUTION CONTAINING 2% PEG 400, 2 M 
AMMONIUM SULFATE AND 0.1 M NA HEPES, PH 7.5.  THE HANGING DROPLETS WERE
EQUILIBRATED AT 19 DEG C THROUGH THE GAS PHASE WITH THE RESERVOIR. 
PRISMATIC CRYSTALS MEASURING UP TO 0.4 MM GREW WITHIN 12 HOURS. FOR LOW-TEMPERATURE 
DATA COLLECTION (100 K), THE CRYSTAL WAS CRYOPROTECTED IN THE RESERVOIR SOLUTION
SUPPLEMENTED BY 30 % ETHYLENE GLYCOL., VAPOR DIFFUSION, HANGING DROP, temperature 292K
;
_exptl_crystal_grow.pdbx_pH_range   ? 
# 
_diffrn.id                     1 
_diffrn.ambient_temp           100.0 
_diffrn.ambient_temp_details   ? 
_diffrn.crystal_id             1 
# 
_diffrn_detector.diffrn_id              1 
_diffrn_detector.detector               'IMAGE PLATE' 
_diffrn_detector.type                   MARRESEARCH 
_diffrn_detector.pdbx_collection_date   1999-07-07 
_diffrn_detector.details                ? 
# 
_diffrn_radiation.diffrn_id                        1 
_diffrn_radiation.wavelength_id                    1 
_diffrn_radiation.pdbx_monochromatic_or_laue_m_l   M 
_diffrn_radiation.monochromator                    SI 
_diffrn_radiation.pdbx_diffrn_protocol             'SINGLE WAVELENGTH' 
_diffrn_radiation.pdbx_scattering_type             x-ray 
# 
_diffrn_radiation_wavelength.id           1 
_diffrn_radiation_wavelength.wavelength   0.9090 
_diffrn_radiation_wavelength.wt           1.0 
# 
_diffrn_source.diffrn_id                   1 
_diffrn_source.source                      SYNCHROTRON 
_diffrn_source.type                        'EMBL/DESY, HAMBURG BEAMLINE X11' 
_diffrn_source.pdbx_synchrotron_site       'EMBL/DESY, HAMBURG' 
_diffrn_source.pdbx_synchrotron_beamline   X11 
_diffrn_source.pdbx_wavelength             0.9090 
_diffrn_source.pdbx_wavelength_list        ? 
# 
_reflns.entry_id                     1G6X 
_reflns.observed_criterion_sigma_I   -3.000 
_reflns.observed_criterion_sigma_F   ? 
_reflns.d_resolution_low             20.000 
_reflns.d_resolution_high            0.860 
_reflns.number_obs                   47018 
_reflns.number_all                   ? 
_reflns.percent_possible_obs         94.9 
_reflns.pdbx_Rmerge_I_obs            0.036 
_reflns.pdbx_Rsym_value              ? 
_reflns.pdbx_netI_over_sigmaI        54.1000 
_reflns.B_iso_Wilson_estimate        ? 
_reflns.pdbx_redundancy              17.30 
_reflns.R_free_details               ? 
_reflns.limit_h_max                  ? 
_reflns.limit_h_min                  ? 
_reflns.limit_k_max                  ? 
_reflns.limit_k_min                  ? 
_reflns.limit_l_max                  ? 
_reflns.limit_l_min                  ? 
_reflns.observed_criterion_F_max     ? 
_reflns.observed_criterion_F_min     ? 
_reflns.pdbx_ordinal                 1 
_reflns.pdbx_diffrn_id               1 
# 
_reflns_shell.d_res_high             0.86 
_reflns_shell.d_res_low              0.90 
_reflns_shell.percent_possible_all   88.6 
_reflns_shell.Rmerge_I_obs           0.488 
_reflns_shell.pdbx_Rsym_value        ? 
_reflns_shell.meanI_over_sigI_obs    3.610 
_reflns_shell.pdbx_redundancy        6.00 
_reflns_shell.percent_possible_obs   ? 
_reflns_shell.number_unique_all      ? 
_reflns_shell.pdbx_ordinal           1 
_reflns_shell.pdbx_diffrn_id         1 
# 
_refine.entry_id                                 1G6X 
_refine.ls_number_reflns_obs                     ? 
_refine.ls_number_reflns_all                     46998 
_refine.pdbx_ls_sigma_I                          ? 
_refine.pdbx_ls_sigma_F                          ? 
_refine.pdbx_data_cutoff_high_absF               ? 
_refine.pdbx_data_cutoff_low_absF                ? 
_refine.pdbx_data_cutoff_high_rms_absF           ? 
_refine.ls_d_res_low                             10.00 
_refine.ls_d_res_high                            0.86 
_refine.ls_percent_reflns_obs                    94.9 
_refine.ls_R_factor_obs                          0.1068 
_refine.ls_R_factor_all                          0.1072 
_refine.ls_R_factor_R_work                       ? 
_refine.ls_R_factor_R_free                       0.14 
_refine.ls_R_factor_R_free_error                 ? 
_refine.ls_R_factor_R_free_error_details         ? 
_refine.ls_percent_reflns_R_free                 4.0 
_refine.ls_number_reflns_R_free                  1883 
_refine.ls_number_parameters                     6499 
_refine.ls_number_restraints                     7361 
_refine.occupancy_min                            ? 
_refine.occupancy_max                            ? 
_refine.B_iso_mean                               ? 
_refine.aniso_B[1][1]                            ? 
_refine.aniso_B[2][2]                            ? 
_refine.aniso_B[3][3]                            ? 
_refine.aniso_B[1][2]                            ? 
_refine.aniso_B[1][3]                            ? 
_refine.aniso_B[2][3]                            ? 
_refine.solvent_model_details                    'MOEWS & KRETSINGER, J.MOL.BIOL.91(1973)201-228' 
_refine.solvent_model_param_ksol                 ? 
_refine.solvent_model_param_bsol                 ? 
_refine.pdbx_ls_cross_valid_method               'FREE R' 
_refine.details                                  
;ANISOTROPIC REFINEMENT WITHOUT STEREOCHEMICAL RESTRAINTS ON ORDERED MAIN CHAIN. THE COMPLETE C-TERMINUS IS VISIBLE. IT FORMS A SALT-BRIDGE WITH THE N-TERMINUS. ARG 39 IS DISORDERED IN TWO CONFORMATIONS. IN ADDITION, IT IS ADJACENT TO CYS 38 OF THE DISORDERED 14-38 DISULFIDE AND IS PART OF A DISORDERED ARGININE CAGE. ALA 58 IS THE C-TERMINAL RESIDUE. IT IMMEDIATELY FOLLOWS THE DISORDERED GLY 56 - GLY 57 DOUBLET. THE CYS14-CYS38 DISULFIDE BRIDGE IS OBSERVED IN TWO DISTINCT CHIRALITIES (60 % RIGHT-HANDED, 40 % LEFT-HANDED). THE MAIN CHAIN OF THREE RESIDUES AND THE SIDE CHAINS OF 10 RESIDUES ARE MODELED IN TWO CONFORMATIONS. EIGHT SULFATE ANIONS (TWO WITH TWO-FOLD SYMMETRY) ARE PRESENT IN THE ASYMMETRIC UNIT. ONE OF THEM SHARES A SITE WITH THREE WATER MOLECULES. TWO ETHYLENE GLYCOL MOLECULES MODELED PER ONE PROTEIN MOLECULE. REFINEMENT CONCLUDED USING ONE CYCLE OF BLOCKED FULL-MATRIX LEAST-SQUARES ALGORITHM.
;
_refine.pdbx_starting_model                      1QLQ 
_refine.pdbx_method_to_determine_struct          'EXISTING MODEL' 
_refine.pdbx_isotropic_thermal_model             ? 
_refine.pdbx_stereochemistry_target_values       'ENGH AND HUBER' 
_refine.pdbx_stereochem_target_val_spec_case     'ETHYLENE GLYCOL (EDO) AND SULFATE (SO4) GEOMETRY BASED ON DATA FROM CSD' 
_refine.pdbx_R_Free_selection_details            RANDOM 
_refine.pdbx_overall_ESU_R                       ? 
_refine.pdbx_overall_ESU_R_Free                  ? 
_refine.overall_SU_ML                            ? 
_refine.overall_SU_B                             ? 
_refine.ls_redundancy_reflns_obs                 ? 
_refine.B_iso_min                                ? 
_refine.B_iso_max                                ? 
_refine.correlation_coeff_Fo_to_Fc               ? 
_refine.correlation_coeff_Fo_to_Fc_free          ? 
_refine.overall_SU_R_Cruickshank_DPI             ? 
_refine.overall_SU_R_free                        ? 
_refine.pdbx_refine_id                           'X-RAY DIFFRACTION' 
_refine.pdbx_diffrn_id                           1 
_refine.pdbx_TLS_residual_ADP_flag               ? 
_refine.pdbx_solvent_vdw_probe_radii             ? 
_refine.pdbx_solvent_ion_probe_radii             ? 
_refine.pdbx_solvent_shrinkage_radii             ? 
_refine.pdbx_overall_phase_error                 ? 
_refine.pdbx_overall_SU_R_free_Cruickshank_DPI   ? 
_refine.pdbx_overall_SU_R_Blow_DPI               ? 
_refine.pdbx_overall_SU_R_free_Blow_DPI          ? 
# 
_refine_analyze.entry_id                        1G6X 
_refine_analyze.Luzzati_coordinate_error_obs    ? 
_refine_analyze.Luzzati_sigma_a_obs             ? 
_refine_analyze.Luzzati_d_res_low_obs           ? 
_refine_analyze.Luzzati_coordinate_error_free   ? 
_refine_analyze.Luzzati_sigma_a_free            ? 
_refine_analyze.Luzzati_d_res_low_free          ? 
_refine_analyze.number_disordered_residues      12 
_refine_analyze.occupancy_sum_hydrogen          426.00 
_refine_analyze.occupancy_sum_non_hydrogen      603.00 
_refine_analyze.pdbx_Luzzati_d_res_high_obs     ? 
_refine_analyze.pdbx_refine_id                  'X-RAY DIFFRACTION' 
# 
_refine_hist.pdbx_refine_id                   'X-RAY DIFFRACTION' 
_refine_hist.cycle_id                         LAST 
_refine_hist.pdbx_number_atoms_protein        452 
_refine_hist.pdbx_number_atoms_nucleic_acid   0 
_refine_hist.pdbx_number_atoms_ligand         44 
_refine_hist.number_atoms_solvent             170 
_refine_hist.number_atoms_total               666 
_refine_hist.d_res_high                       0.86 
_refine_hist.d_res_low                        10.00 
# 
loop_
_refine_ls_restr.type 
_refine_ls_restr.dev_ideal 
_refine_ls_restr.dev_ideal_target 
_refine_ls_restr.weight 
_refine_ls_restr.number 
_refine_ls_restr.pdbx_refine_id 
_refine_ls_restr.pdbx_restraint_function 
s_bond_d               0.023 ? ? ? 'X-RAY DIFFRACTION' ? 
s_angle_d              0.043 ? ? ? 'X-RAY DIFFRACTION' ? 
s_similar_dist         ?     ? ? ? 'X-RAY DIFFRACTION' ? 
s_from_restr_planes    0.035 ? ? ? 'X-RAY DIFFRACTION' ? 
s_zero_chiral_vol      0.060 ? ? ? 'X-RAY DIFFRACTION' ? 
s_non_zero_chiral_vol  0.083 ? ? ? 'X-RAY DIFFRACTION' ? 
s_anti_bump_dis_restr  0.081 ? ? ? 'X-RAY DIFFRACTION' ? 
s_rigid_bond_adp_cmpnt 0.007 ? ? ? 'X-RAY DIFFRACTION' ? 
s_similar_adp_cmpnt    0.041 ? ? ? 'X-RAY DIFFRACTION' ? 
s_approx_iso_adps      0.094 ? ? ? 'X-RAY DIFFRACTION' ? 
# 
_pdbx_refine.entry_id                                    1G6X 
_pdbx_refine.R_factor_all_no_cutoff                      0.1072 
_pdbx_refine.R_factor_obs_no_cutoff                      0.1068 
_pdbx_refine.free_R_factor_no_cutoff                     0.14 
_pdbx_refine.free_R_val_test_set_size_perc_no_cutoff     4.0 
_pdbx_refine.free_R_val_test_set_ct_no_cutoff            1883 
_pdbx_refine.R_factor_all_4sig_cutoff                    0.1039 
_pdbx_refine.R_factor_obs_4sig_cutoff                    0.1035 
_pdbx_refine.free_R_factor_4sig_cutoff                   0.1365 
_pdbx_refine.free_R_val_test_set_size_perc_4sig_cutoff   4.0 
_pdbx_refine.free_R_val_test_set_ct_4sig_cutoff          1706 
_pdbx_refine.number_reflns_obs_4sig_cutoff               42585 
_pdbx_refine.number_reflns_obs_no_cutoff                 ? 
_pdbx_refine.pdbx_refine_id                              'X-RAY DIFFRACTION' 
_pdbx_refine.free_R_error_no_cutoff                      ? 
# 
_struct.entry_id                  1G6X 
_struct.title                     
'ULTRA HIGH RESOLUTION STRUCTURE OF BOVINE PANCREATIC TRYPSIN INHIBITOR (BPTI) MUTANT WITH ALTERED BINDING LOOP SEQUENCE' 
_struct.pdbx_model_details        ? 
_struct.pdbx_CASP_flag            ? 
_struct.pdbx_model_type_details   ? 
# 
_struct_keywords.entry_id        1G6X 
_struct_keywords.pdbx_keywords   'HYDROLASE INHIBITOR' 
_struct_keywords.text            'SERINE PROTEASE INHIBITOR, HYDROLASE INHIBITOR' 
# 
loop_
_struct_asym.id 
_struct_asym.pdbx_blank_PDB_chainid_flag 
_struct_asym.pdbx_modified 
_struct_asym.entity_id 
_struct_asym.details 
A N N 1 ? 
B N N 2 ? 
C N N 2 ? 
D N N 2 ? 
E N N 2 ? 
F N N 2 ? 
G N N 2 ? 
H N N 2 ? 
I N N 2 ? 
J N N 3 ? 
K N N 3 ? 
L N N 4 ? 
# 
_struct_ref.id                         1 
_struct_ref.db_name                    UNP 
_struct_ref.db_code                    BPT1_BOVIN 
_struct_ref.entity_id                  1 
_struct_ref.pdbx_seq_one_letter_code   ? 
_struct_ref.pdbx_align_begin           ? 
_struct_ref.pdbx_db_accession          P00974 
_struct_ref.pdbx_db_isoform            ? 
# 
_struct_ref_seq.align_id                      1 
_struct_ref_seq.ref_id                        1 
_struct_ref_seq.pdbx_PDB_id_code              1G6X 
_struct_ref_seq.pdbx_strand_id                A 
_struct_ref_seq.seq_align_beg                 1 
_struct_ref_seq.pdbx_seq_align_beg_ins_code   ? 
_struct_ref_seq.seq_align_end                 58 
_struct_ref_seq.pdbx_seq_align_end_ins_code   ? 
_struct_ref_seq.pdbx_db_accession             P00974 
_struct_ref_seq.db_align_beg                  36 
_struct_ref_seq.pdbx_db_align_beg_ins_code    ? 
_struct_ref_seq.db_align_end                  93 
_struct_ref_seq.pdbx_db_align_end_ins_code    ? 
_struct_ref_seq.pdbx_auth_seq_align_beg       1 
_struct_ref_seq.pdbx_auth_seq_align_end       58 
# 
loop_
_struct_ref_seq_dif.align_id 
_struct_ref_seq_dif.pdbx_pdb_id_code 
_struct_ref_seq_dif.mon_id 
_struct_ref_seq_dif.pdbx_pdb_strand_id 
_struct_ref_seq_dif.seq_num 
_struct_ref_seq_dif.pdbx_pdb_ins_code 
_struct_ref_seq_dif.pdbx_seq_db_name 
_struct_ref_seq_dif.pdbx_seq_db_accession_code 
_struct_ref_seq_dif.db_mon_id 
_struct_ref_seq_dif.pdbx_seq_db_seq_num 
_struct_ref_seq_dif.details 
_struct_ref_seq_dif.pdbx_auth_seq_num 
_struct_ref_seq_dif.pdbx_ordinal 
1 1G6X ALA A 11 ? UNP P00974 THR 46 'engineered mutation' 11 1 
1 1G6X ALA A 13 ? UNP P00974 PRO 48 'engineered mutation' 13 2 
1 1G6X ARG A 15 ? UNP P00974 LYS 50 'engineered mutation' 15 3 
1 1G6X LEU A 52 ? UNP P00974 MET 87 'engineered mutation' 52 4 
# 
loop_
_pdbx_struct_assembly.id 
_pdbx_struct_assembly.details 
_pdbx_struct_assembly.method_details 
_pdbx_struct_assembly.oligomeric_details 
_pdbx_struct_assembly.oligomeric_count 
1 author_and_software_defined_assembly PQS  monomeric 1 
2 software_defined_assembly            PISA dimeric   2 
# 
loop_
_pdbx_struct_assembly_prop.biol_id 
_pdbx_struct_assembly_prop.type 
_pdbx_struct_assembly_prop.value 
_pdbx_struct_assembly_prop.details 
2 'ABSA (A^2)' 4390 ? 
2 MORE         -182 ? 
2 'SSA (A^2)'  7410 ? 
# 
loop_
_pdbx_struct_assembly_gen.assembly_id 
_pdbx_struct_assembly_gen.oper_expression 
_pdbx_struct_assembly_gen.asym_id_list 
1 1   A,B,C,D,E,F,G,H,I,J,K,L 
2 1,2 A,B,C,D,E,F,G,H,I,J,K,L 
# 
loop_
_pdbx_struct_oper_list.id 
_pdbx_struct_oper_list.type 
_pdbx_struct_oper_list.name 
_pdbx_struct_oper_list.symmetry_operation 
_pdbx_struct_oper_list.matrix[1][1] 
_pdbx_struct_oper_list.matrix[1][2] 
_pdbx_struct_oper_list.matrix[1][3] 
_pdbx_struct_oper_list.vector[1] 
_pdbx_struct_oper_list.matrix[2][1] 
_pdbx_struct_oper_list.matrix[2][2] 
_pdbx_struct_oper_list.matrix[2][3] 
_pdbx_struct_oper_list.vector[2] 
_pdbx_struct_oper_list.matrix[3][1] 
_pdbx_struct_oper_list.matrix[3][2] 
_pdbx_struct_oper_list.matrix[3][3] 
_pdbx_struct_oper_list.vector[3] 
1 'identity operation'         1_555 x,y,z            1.0000000000  0.0000000000 0.0000000000  0.0000000000  0.0000000000 1.0000000000  0.0000000000  0.0000000000 0.0000000000  0.0000000000  1.0000000000 0.0000000000 
2 'crystal symmetry operation' 8_665 -y+1,-x+1,-z+1/2 -0.8324748807 0.1235850344 -0.5401039828 17.8347795937 0.1235850344 -0.9088300263 -0.3984403627 1.2127518670 -0.5401039828 -0.3984403627 0.7413049070 5.8093471989 
# 
_struct_biol.id                    1 
_struct_biol.pdbx_parent_biol_id   ? 
_struct_biol.details               ? 
# 
loop_
_struct_conf.conf_type_id 
_struct_conf.id 
_struct_conf.pdbx_PDB_helix_id 
_struct_conf.beg_label_comp_id 
_struct_conf.beg_label_asym_id 
_struct_conf.beg_label_seq_id 
_struct_conf.pdbx_beg_PDB_ins_code 
_struct_conf.end_label_comp_id 
_struct_conf.end_label_asym_id 
_struct_conf.end_label_seq_id 
_struct_conf.pdbx_end_PDB_ins_code 
_struct_conf.beg_auth_comp_id 
_struct_conf.beg_auth_asym_id 
_struct_conf.beg_auth_seq_id 
_struct_conf.end_auth_comp_id 
_struct_conf.end_auth_asym_id 
_struct_conf.end_auth_seq_id 
_struct_conf.pdbx_PDB_helix_class 
_struct_conf.details 
_struct_conf.pdbx_PDB_helix_length 
HELX_P HELX_P1 1 PRO A 2  ? GLU A 7  ? PRO A 2  GLU A 7  5 ? 6  
HELX_P HELX_P2 2 SER A 47 ? GLY A 56 ? SER A 47 GLY A 56 1 ? 10 
# 
_struct_conf_type.id          HELX_P 
_struct_conf_type.criteria    ? 
_struct_conf_type.reference   ? 
# 
loop_
_struct_conn.id 
_struct_conn.conn_type_id 
_struct_conn.pdbx_leaving_atom_flag 
_struct_conn.pdbx_PDB_id 
_struct_conn.ptnr1_label_asym_id 
_struct_conn.ptnr1_label_comp_id 
_struct_conn.ptnr1_label_seq_id 
_struct_conn.ptnr1_label_atom_id 
_struct_conn.pdbx_ptnr1_label_alt_id 
_struct_conn.pdbx_ptnr1_PDB_ins_code 
_struct_conn.pdbx_ptnr1_standard_comp_id 
_struct_conn.ptnr1_symmetry 
_struct_conn.ptnr2_label_asym_id 
_struct_conn.ptnr2_label_comp_id 
_struct_conn.ptnr2_label_seq_id 
_struct_conn.ptnr2_label_atom_id 
_struct_conn.pdbx_ptnr2_label_alt_id 
_struct_conn.pdbx_ptnr2_PDB_ins_code 
_struct_conn.ptnr1_auth_asym_id 
_struct_conn.ptnr1_auth_comp_id 
_struct_conn.ptnr1_auth_seq_id 
_struct_conn.ptnr2_auth_asym_id 
_struct_conn.ptnr2_auth_comp_id 
_struct_conn.ptnr2_auth_seq_id 
_struct_conn.ptnr2_symmetry 
_struct_conn.pdbx_ptnr3_label_atom_id 
_struct_conn.pdbx_ptnr3_label_seq_id 
_struct_conn.pdbx_ptnr3_label_comp_id 
_struct_conn.pdbx_ptnr3_label_asym_id 
_struct_conn.pdbx_ptnr3_label_alt_id 
_struct_conn.pdbx_ptnr3_PDB_ins_code 
_struct_conn.details 
_struct_conn.pdbx_dist_value 
_struct_conn.pdbx_value_order 
_struct_conn.pdbx_role 
disulf1 disulf ? ? A CYS 5  SG ? ? ? 1_555 A CYS 55 SG ? ? A CYS 5  A CYS 55 1_555 ? ? ? ? ? ? ? 2.044 ? ? 
disulf2 disulf ? ? A CYS 14 SG ? ? ? 1_555 A CYS 38 SG A ? A CYS 14 A CYS 38 1_555 ? ? ? ? ? ? ? 1.864 ? ? 
disulf3 disulf ? ? A CYS 14 SG ? ? ? 1_555 A CYS 38 SG B ? A CYS 14 A CYS 38 1_555 ? ? ? ? ? ? ? 2.205 ? ? 
disulf4 disulf ? ? A CYS 30 SG ? ? ? 1_555 A CYS 51 SG ? ? A CYS 30 A CYS 51 1_555 ? ? ? ? ? ? ? 2.059 ? ? 
# 
_struct_conn_type.id          disulf 
_struct_conn_type.criteria    ? 
_struct_conn_type.reference   ? 
# 
loop_
_pdbx_modification_feature.ordinal 
_pdbx_modification_feature.label_comp_id 
_pdbx_modification_feature.label_asym_id 
_pdbx_modification_feature.label_seq_id 
_pdbx_modification_feature.label_alt_id 
_pdbx_modification_feature.modified_residue_label_comp_id 
_pdbx_modification_feature.modified_residue_label_asym_id 
_pdbx_modification_feature.modified_residue_label_seq_id 
_pdbx_modification_feature.modified_residue_label_alt_id 
_pdbx_modification_feature.auth_comp_id 
_pdbx_modification_feature.auth_asym_id 
_pdbx_modification_feature.auth_seq_id 
_pdbx_modification_feature.PDB_ins_code 
_pdbx_modification_feature.symmetry 
_pdbx_modification_feature.modified_residue_auth_comp_id 
_pdbx_modification_feature.modified_residue_auth_asym_id 
_pdbx_modification_feature.modified_residue_auth_seq_id 
_pdbx_modification_feature.modified_residue_PDB_ins_code 
_pdbx_modification_feature.modified_residue_symmetry 
_pdbx_modification_feature.comp_id_linking_atom 
_pdbx_modification_feature.modified_residue_id_linking_atom 
_pdbx_modification_feature.modified_residue_id 
_pdbx_modification_feature.ref_pcm_id 
_pdbx_modification_feature.ref_comp_id 
_pdbx_modification_feature.type 
_pdbx_modification_feature.category 
1 CYS A 5  ? CYS A 55 ? CYS A 5  ? 1_555 CYS A 55 ? 1_555 SG SG . . . None 'Disulfide bridge' 
2 CYS A 14 ? CYS A 38 A CYS A 14 ? 1_555 CYS A 38 ? 1_555 SG SG . . . None 'Disulfide bridge' 
3 CYS A 14 ? CYS A 38 B CYS A 14 ? 1_555 CYS A 38 ? 1_555 SG SG . . . None 'Disulfide bridge' 
4 CYS A 30 ? CYS A 51 ? CYS A 30 ? 1_555 CYS A 51 ? 1_555 SG SG . . . None 'Disulfide bridge' 
# 
_struct_sheet.id               A 
_struct_sheet.type             ? 
_struct_sheet.number_strands   2 
_struct_sheet.details          ? 
# 
_struct_sheet_order.sheet_id     A 
_struct_sheet_order.range_id_1   1 
_struct_sheet_order.range_id_2   2 
_struct_sheet_order.offset       ? 
_struct_sheet_order.sense        anti-parallel 
# 
loop_
_struct_sheet_range.sheet_id 
_struct_sheet_range.id 
_struct_sheet_range.beg_label_comp_id 
_struct_sheet_range.beg_label_asym_id 
_struct_sheet_range.beg_label_seq_id 
_struct_sheet_range.pdbx_beg_PDB_ins_code 
_struct_sheet_range.end_label_comp_id 
_struct_sheet_range.end_label_asym_id 
_struct_sheet_range.end_label_seq_id 
_struct_sheet_range.pdbx_end_PDB_ins_code 
_struct_sheet_range.beg_auth_comp_id 
_struct_sheet_range.beg_auth_asym_id 
_struct_sheet_range.beg_auth_seq_id 
_struct_sheet_range.end_auth_comp_id 
_struct_sheet_range.end_auth_asym_id 
_struct_sheet_range.end_auth_seq_id 
A 1 ILE A 18 ? ASN A 24 ? ILE A 18 ASN A 24 
A 2 LEU A 29 ? TYR A 35 ? LEU A 29 TYR A 35 
# 
_pdbx_struct_sheet_hbond.sheet_id                A 
_pdbx_struct_sheet_hbond.range_id_1              1 
_pdbx_struct_sheet_hbond.range_id_2              2 
_pdbx_struct_sheet_hbond.range_1_label_atom_id   N 
_pdbx_struct_sheet_hbond.range_1_label_comp_id   ASN 
_pdbx_struct_sheet_hbond.range_1_label_asym_id   A 
_pdbx_struct_sheet_hbond.range_1_label_seq_id    24 
_pdbx_struct_sheet_hbond.range_1_PDB_ins_code    ? 
_pdbx_struct_sheet_hbond.range_1_auth_atom_id    N 
_pdbx_struct_sheet_hbond.range_1_auth_comp_id    ASN 
_pdbx_struct_sheet_hbond.range_1_auth_asym_id    A 
_pdbx_struct_sheet_hbond.range_1_auth_seq_id     24 
_pdbx_struct_sheet_hbond.range_2_label_atom_id   O 
_pdbx_struct_sheet_hbond.range_2_label_comp_id   LEU 
_pdbx_struct_sheet_hbond.range_2_label_asym_id   A 
_pdbx_struct_sheet_hbond.range_2_label_seq_id    29 
_pdbx_struct_sheet_hbond.range_2_PDB_ins_code    ? 
_pdbx_struct_sheet_hbond.range_2_auth_atom_id    O 
_pdbx_struct_sheet_hbond.range_2_auth_comp_id    LEU 
_pdbx_struct_sheet_hbond.range_2_auth_asym_id    A 
_pdbx_struct_sheet_hbond.range_2_auth_seq_id     29 
# 
loop_
_struct_site.id 
_struct_site.pdbx_evidence_code 
_struct_site.pdbx_auth_asym_id 
_struct_site.pdbx_auth_comp_id 
_struct_site.pdbx_auth_seq_id 
_struct_site.pdbx_auth_ins_code 
_struct_site.pdbx_num_residues 
_struct_site.details 
AC1 Software A SO4 61 ? 11 'BINDING SITE FOR RESIDUE SO4 A 61' 
AC2 Software A SO4 62 ? 12 'BINDING SITE FOR RESIDUE SO4 A 62' 
AC3 Software A SO4 63 ? 9  'BINDING SITE FOR RESIDUE SO4 A 63' 
AC4 Software A SO4 64 ? 7  'BINDING SITE FOR RESIDUE SO4 A 64' 
AC5 Software A SO4 65 ? 5  'BINDING SITE FOR RESIDUE SO4 A 65' 
AC6 Software A SO4 66 ? 7  'BINDING SITE FOR RESIDUE SO4 A 66' 
AC7 Software A SO4 68 ? 2  'BINDING SITE FOR RESIDUE SO4 A 68' 
AC8 Software A SO4 67 ? 7  'BINDING SITE FOR RESIDUE SO4 A 67' 
AC9 Software A EDO 81 ? 7  'BINDING SITE FOR RESIDUE EDO A 81' 
BC1 Software A EDO 82 ? 5  'BINDING SITE FOR RESIDUE EDO A 82' 
# 
loop_
_struct_site_gen.id 
_struct_site_gen.site_id 
_struct_site_gen.pdbx_num_res 
_struct_site_gen.label_comp_id 
_struct_site_gen.label_asym_id 
_struct_site_gen.label_seq_id 
_struct_site_gen.pdbx_auth_ins_code 
_struct_site_gen.auth_comp_id 
_struct_site_gen.auth_asym_id 
_struct_site_gen.auth_seq_id 
_struct_site_gen.label_atom_id 
_struct_site_gen.label_alt_id 
_struct_site_gen.symmetry 
_struct_site_gen.details 
1  AC1 11 GLU A 7  ? GLU A 7   . ? 1_555 ? 
2  AC1 11 LYS A 41 ? LYS A 41  . ? 1_555 ? 
3  AC1 11 ARG A 42 ? ARG A 42  . ? 1_555 ? 
4  AC1 11 HOH L .  ? HOH A 106 . ? 1_555 ? 
5  AC1 11 HOH L .  ? HOH A 123 . ? 1_555 ? 
6  AC1 11 HOH L .  ? HOH A 135 . ? 1_555 ? 
7  AC1 11 HOH L .  ? HOH A 138 . ? 1_555 ? 
8  AC1 11 HOH L .  ? HOH A 140 . ? 1_555 ? 
9  AC1 11 HOH L .  ? HOH A 160 . ? 1_555 ? 
10 AC1 11 HOH L .  ? HOH A 257 . ? 1_555 ? 
11 AC1 11 HOH L .  ? HOH A 258 . ? 1_555 ? 
12 AC2 12 ARG A 20 ? ARG A 20  . ? 1_555 ? 
13 AC2 12 TYR A 35 ? TYR A 35  . ? 1_555 ? 
14 AC2 12 GLY A 37 ? GLY A 37  . ? 1_555 ? 
15 AC2 12 ALA A 40 ? ALA A 40  . ? 1_555 ? 
16 AC2 12 ARG A 53 ? ARG A 53  . ? 8_665 ? 
17 AC2 12 HOH L .  ? HOH A 122 . ? 1_555 ? 
18 AC2 12 HOH L .  ? HOH A 175 . ? 1_555 ? 
19 AC2 12 HOH L .  ? HOH A 206 . ? 8_665 ? 
20 AC2 12 HOH L .  ? HOH A 218 . ? 1_555 ? 
21 AC2 12 HOH L .  ? HOH A 220 . ? 1_555 ? 
22 AC2 12 HOH L .  ? HOH A 221 . ? 1_555 ? 
23 AC2 12 HOH L .  ? HOH A 223 . ? 1_555 ? 
24 AC3 9  ARG A 1  ? ARG A 1   . ? 8_665 ? 
25 AC3 9  PRO A 2  ? PRO A 2   . ? 8_665 ? 
26 AC3 9  ARG A 42 ? ARG A 42  . ? 1_555 ? 
27 AC3 9  HOH L .  ? HOH A 115 . ? 1_555 ? 
28 AC3 9  HOH L .  ? HOH A 132 . ? 8_665 ? 
29 AC3 9  HOH L .  ? HOH A 167 . ? 1_555 ? 
30 AC3 9  HOH L .  ? HOH A 173 . ? 1_555 ? 
31 AC3 9  HOH L .  ? HOH A 194 . ? 8_665 ? 
32 AC3 9  HOH L .  ? HOH A 259 . ? 1_555 ? 
33 AC4 7  CYS A 14 ? CYS A 14  . ? 1_555 ? 
34 AC4 7  ARG A 15 ? ARG A 15  . ? 1_555 ? 
35 AC4 7  HOH L .  ? HOH A 163 . ? 1_555 ? 
36 AC4 7  HOH L .  ? HOH A 250 . ? 6_556 ? 
37 AC4 7  HOH L .  ? HOH A 252 . ? 1_555 ? 
38 AC4 7  HOH L .  ? HOH A 253 . ? 1_555 ? 
39 AC4 7  HOH L .  ? HOH A 254 . ? 1_555 ? 
40 AC5 5  PRO A 2  ? PRO A 2   . ? 1_555 ? 
41 AC5 5  ASP A 3  ? ASP A 3   . ? 1_555 ? 
42 AC5 5  HOH L .  ? HOH A 115 . ? 1_555 ? 
43 AC5 5  HOH L .  ? HOH A 194 . ? 1_555 ? 
44 AC5 5  HOH L .  ? HOH A 195 . ? 1_555 ? 
45 AC6 7  CYS A 38 ? CYS A 38  . ? 1_555 ? 
46 AC6 7  ARG A 39 ? ARG A 39  . ? 1_555 ? 
47 AC6 7  HOH L .  ? HOH A 122 . ? 1_555 ? 
48 AC6 7  HOH L .  ? HOH A 170 . ? 1_555 ? 
49 AC6 7  HOH L .  ? HOH A 215 . ? 8_666 ? 
50 AC6 7  HOH L .  ? HOH A 221 . ? 1_555 ? 
51 AC6 7  HOH L .  ? HOH A 251 . ? 8_666 ? 
52 AC7 2  ARG A 1  ? ARG A 1   . ? 1_555 ? 
53 AC7 2  LYS A 26 ? LYS A 26  . ? 3_644 ? 
54 AC8 7  PRO A 9  ? PRO A 9   . ? 1_555 ? 
55 AC8 7  TYR A 10 ? TYR A 10  . ? 1_555 ? 
56 AC8 7  ALA A 11 ? ALA A 11  . ? 1_555 ? 
57 AC8 7  GLY A 12 ? GLY A 12  . ? 1_555 ? 
58 AC8 7  HOH L .  ? HOH A 168 . ? 1_555 ? 
59 AC8 7  HOH L .  ? HOH A 169 . ? 1_555 ? 
60 AC8 7  HOH L .  ? HOH A 232 . ? 4_565 ? 
61 AC9 7  TYR A 10 ? TYR A 10  . ? 1_555 ? 
62 AC9 7  ARG A 39 ? ARG A 39  . ? 1_555 ? 
63 AC9 7  ALA A 40 ? ALA A 40  . ? 1_555 ? 
64 AC9 7  LYS A 41 ? LYS A 41  . ? 1_555 ? 
65 AC9 7  HOH L .  ? HOH A 123 . ? 1_555 ? 
66 AC9 7  HOH L .  ? HOH A 152 . ? 1_555 ? 
67 AC9 7  HOH L .  ? HOH A 172 . ? 1_555 ? 
68 BC1 5  ALA A 25 ? ALA A 25  . ? 1_555 ? 
69 BC1 5  LEU A 52 ? LEU A 52  . ? 4_565 ? 
70 BC1 5  GLY A 56 ? GLY A 56  . ? 4_565 ? 
71 BC1 5  HOH L .  ? HOH A 200 . ? 1_555 ? 
72 BC1 5  HOH L .  ? HOH A 201 . ? 1_555 ? 
# 
_pdbx_entry_details.entry_id                   1G6X 
_pdbx_entry_details.compound_details           ? 
_pdbx_entry_details.source_details             ? 
_pdbx_entry_details.nonpolymer_details         ? 
_pdbx_entry_details.sequence_details           ? 
_pdbx_entry_details.has_ligand_of_interest     ? 
_pdbx_entry_details.has_protein_modification   Y 
# 
loop_
_pdbx_validate_rmsd_angle.id 
_pdbx_validate_rmsd_angle.PDB_model_num 
_pdbx_validate_rmsd_angle.auth_atom_id_1 
_pdbx_validate_rmsd_angle.auth_asym_id_1 
_pdbx_validate_rmsd_angle.auth_comp_id_1 
_pdbx_validate_rmsd_angle.auth_seq_id_1 
_pdbx_validate_rmsd_angle.PDB_ins_code_1 
_pdbx_validate_rmsd_angle.label_alt_id_1 
_pdbx_validate_rmsd_angle.auth_atom_id_2 
_pdbx_validate_rmsd_angle.auth_asym_id_2 
_pdbx_validate_rmsd_angle.auth_comp_id_2 
_pdbx_validate_rmsd_angle.auth_seq_id_2 
_pdbx_validate_rmsd_angle.PDB_ins_code_2 
_pdbx_validate_rmsd_angle.label_alt_id_2 
_pdbx_validate_rmsd_angle.auth_atom_id_3 
_pdbx_validate_rmsd_angle.auth_asym_id_3 
_pdbx_validate_rmsd_angle.auth_comp_id_3 
_pdbx_validate_rmsd_angle.auth_seq_id_3 
_pdbx_validate_rmsd_angle.PDB_ins_code_3 
_pdbx_validate_rmsd_angle.label_alt_id_3 
_pdbx_validate_rmsd_angle.angle_value 
_pdbx_validate_rmsd_angle.angle_target_value 
_pdbx_validate_rmsd_angle.angle_deviation 
_pdbx_validate_rmsd_angle.angle_standard_deviation 
_pdbx_validate_rmsd_angle.linker_flag 
1  1 NE  A ARG 1  ? A CZ A ARG 1  ? A NH1 A ARG 1  ? A 125.72 120.30 5.42  0.50 N 
2  1 NE  A ARG 1  ? B CZ A ARG 1  ? B NH1 A ARG 1  ? B 128.24 120.30 7.94  0.50 N 
3  1 NE  A ARG 1  ? A CZ A ARG 1  ? A NH2 A ARG 1  ? A 111.33 120.30 -8.97 0.50 N 
4  1 NE  A ARG 1  ? B CZ A ARG 1  ? B NH2 A ARG 1  ? B 117.02 120.30 -3.28 0.50 N 
5  1 NH1 A ARG 15 ? A CZ A ARG 15 ? A NH2 A ARG 15 ? A 126.17 119.40 6.77  1.10 N 
6  1 NE  A ARG 15 ? B CZ A ARG 15 ? B NH1 A ARG 15 ? B 127.46 120.30 7.16  0.50 N 
7  1 NE  A ARG 15 ? A CZ A ARG 15 ? A NH2 A ARG 15 ? A 116.42 120.30 -3.88 0.50 N 
8  1 CD  A ARG 17 ? A NE A ARG 17 ? A CZ  A ARG 17 ? A 138.21 123.60 14.61 1.40 N 
9  1 NE  A ARG 17 ? A CZ A ARG 17 ? A NH1 A ARG 17 ? A 130.26 120.30 9.96  0.50 N 
10 1 NE  A ARG 17 ? B CZ A ARG 17 ? B NH1 A ARG 17 ? B 113.12 120.30 -7.18 0.50 N 
11 1 NE  A ARG 17 ? A CZ A ARG 17 ? A NH2 A ARG 17 ? A 116.44 120.30 -3.86 0.50 N 
12 1 NE  A ARG 17 ? B CZ A ARG 17 ? B NH2 A ARG 17 ? B 128.35 120.30 8.05  0.50 N 
13 1 CB  A CYS 38 ? B CA A CYS 38 ? ? C   A CYS 38 ? ? 118.98 111.50 7.48  1.20 N 
14 1 CD  A ARG 39 ? A NE A ARG 39 ? A CZ  A ARG 39 ? A 135.70 123.60 12.10 1.40 N 
15 1 CD  A ARG 39 ? B NE A ARG 39 ? B CZ  A ARG 39 ? B 145.56 123.60 21.96 1.40 N 
16 1 NE  A ARG 39 ? A CZ A ARG 39 ? A NH1 A ARG 39 ? A 127.45 120.30 7.15  0.50 N 
17 1 NE  A ARG 39 ? B CZ A ARG 39 ? B NH1 A ARG 39 ? B 123.98 120.30 3.68  0.50 N 
18 1 NE  A ARG 39 ? A CZ A ARG 39 ? A NH2 A ARG 39 ? A 117.18 120.30 -3.12 0.50 N 
19 1 NE  A ARG 53 ? A CZ A ARG 53 ? A NH2 A ARG 53 ? A 114.79 120.30 -5.51 0.50 N 
20 1 C   A GLY 57 ? B N  A ALA 58 ? ? CA  A ALA 58 ? ? 141.79 121.70 20.09 2.50 Y 
# 
_pdbx_validate_torsion.id              1 
_pdbx_validate_torsion.PDB_model_num   1 
_pdbx_validate_torsion.auth_comp_id    ASN 
_pdbx_validate_torsion.auth_asym_id    A 
_pdbx_validate_torsion.auth_seq_id     44 
_pdbx_validate_torsion.PDB_ins_code    ? 
_pdbx_validate_torsion.label_alt_id    ? 
_pdbx_validate_torsion.phi             -161.82 
_pdbx_validate_torsion.psi             106.37 
# 
_pdbx_validate_peptide_omega.id               1 
_pdbx_validate_peptide_omega.PDB_model_num    1 
_pdbx_validate_peptide_omega.auth_comp_id_1   GLY 
_pdbx_validate_peptide_omega.auth_asym_id_1   A 
_pdbx_validate_peptide_omega.auth_seq_id_1    57 
_pdbx_validate_peptide_omega.PDB_ins_code_1   ? 
_pdbx_validate_peptide_omega.label_alt_id_1   B 
_pdbx_validate_peptide_omega.auth_comp_id_2   ALA 
_pdbx_validate_peptide_omega.auth_asym_id_2   A 
_pdbx_validate_peptide_omega.auth_seq_id_2    58 
_pdbx_validate_peptide_omega.PDB_ins_code_2   ? 
_pdbx_validate_peptide_omega.label_alt_id_2   ? 
_pdbx_validate_peptide_omega.omega            145.63 
# 
loop_
_pdbx_struct_special_symmetry.id 
_pdbx_struct_special_symmetry.PDB_model_num 
_pdbx_struct_special_symmetry.auth_asym_id 
_pdbx_struct_special_symmetry.auth_comp_id 
_pdbx_struct_special_symmetry.auth_seq_id 
_pdbx_struct_special_symmetry.PDB_ins_code 
_pdbx_struct_special_symmetry.label_asym_id 
_pdbx_struct_special_symmetry.label_comp_id 
_pdbx_struct_special_symmetry.label_seq_id 
1 1 A SO4 64  ? E SO4 . 
2 1 A SO4 65  ? F SO4 . 
3 1 A HOH 121 ? L HOH . 
4 1 A HOH 133 ? L HOH . 
5 1 A HOH 164 ? L HOH . 
6 1 A HOH 203 ? L HOH . 
# 
loop_
_chem_comp_atom.comp_id 
_chem_comp_atom.atom_id 
_chem_comp_atom.type_symbol 
_chem_comp_atom.pdbx_aromatic_flag 
_chem_comp_atom.pdbx_stereo_config 
_chem_comp_atom.pdbx_ordinal 
ALA N    N N N 1   
ALA CA   C N S 2   
ALA C    C N N 3   
ALA O    O N N 4   
ALA CB   C N N 5   
ALA OXT  O N N 6   
ALA H    H N N 7   
ALA H2   H N N 8   
ALA HA   H N N 9   
ALA HB1  H N N 10  
ALA HB2  H N N 11  
ALA HB3  H N N 12  
ALA HXT  H N N 13  
ARG N    N N N 14  
ARG CA   C N S 15  
ARG C    C N N 16  
ARG O    O N N 17  
ARG CB   C N N 18  
ARG CG   C N N 19  
ARG CD   C N N 20  
ARG NE   N N N 21  
ARG CZ   C N N 22  
ARG NH1  N N N 23  
ARG NH2  N N N 24  
ARG OXT  O N N 25  
ARG H    H N N 26  
ARG H2   H N N 27  
ARG HA   H N N 28  
ARG HB2  H N N 29  
ARG HB3  H N N 30  
ARG HG2  H N N 31  
ARG HG3  H N N 32  
ARG HD2  H N N 33  
ARG HD3  H N N 34  
ARG HE   H N N 35  
ARG HH11 H N N 36  
ARG HH12 H N N 37  
ARG HH21 H N N 38  
ARG HH22 H N N 39  
ARG HXT  H N N 40  
ASN N    N N N 41  
ASN CA   C N S 42  
ASN C    C N N 43  
ASN O    O N N 44  
ASN CB   C N N 45  
ASN CG   C N N 46  
ASN OD1  O N N 47  
ASN ND2  N N N 48  
ASN OXT  O N N 49  
ASN H    H N N 50  
ASN H2   H N N 51  
ASN HA   H N N 52  
ASN HB2  H N N 53  
ASN HB3  H N N 54  
ASN HD21 H N N 55  
ASN HD22 H N N 56  
ASN HXT  H N N 57  
ASP N    N N N 58  
ASP CA   C N S 59  
ASP C    C N N 60  
ASP O    O N N 61  
ASP CB   C N N 62  
ASP CG   C N N 63  
ASP OD1  O N N 64  
ASP OD2  O N N 65  
ASP OXT  O N N 66  
ASP H    H N N 67  
ASP H2   H N N 68  
ASP HA   H N N 69  
ASP HB2  H N N 70  
ASP HB3  H N N 71  
ASP HD2  H N N 72  
ASP HXT  H N N 73  
CYS N    N N N 74  
CYS CA   C N R 75  
CYS C    C N N 76  
CYS O    O N N 77  
CYS CB   C N N 78  
CYS SG   S N N 79  
CYS OXT  O N N 80  
CYS H    H N N 81  
CYS H2   H N N 82  
CYS HA   H N N 83  
CYS HB2  H N N 84  
CYS HB3  H N N 85  
CYS HG   H N N 86  
CYS HXT  H N N 87  
EDO C1   C N N 88  
EDO O1   O N N 89  
EDO C2   C N N 90  
EDO O2   O N N 91  
EDO H11  H N N 92  
EDO H12  H N N 93  
EDO HO1  H N N 94  
EDO H21  H N N 95  
EDO H22  H N N 96  
EDO HO2  H N N 97  
GLN N    N N N 98  
GLN CA   C N S 99  
GLN C    C N N 100 
GLN O    O N N 101 
GLN CB   C N N 102 
GLN CG   C N N 103 
GLN CD   C N N 104 
GLN OE1  O N N 105 
GLN NE2  N N N 106 
GLN OXT  O N N 107 
GLN H    H N N 108 
GLN H2   H N N 109 
GLN HA   H N N 110 
GLN HB2  H N N 111 
GLN HB3  H N N 112 
GLN HG2  H N N 113 
GLN HG3  H N N 114 
GLN HE21 H N N 115 
GLN HE22 H N N 116 
GLN HXT  H N N 117 
GLU N    N N N 118 
GLU CA   C N S 119 
GLU C    C N N 120 
GLU O    O N N 121 
GLU CB   C N N 122 
GLU CG   C N N 123 
GLU CD   C N N 124 
GLU OE1  O N N 125 
GLU OE2  O N N 126 
GLU OXT  O N N 127 
GLU H    H N N 128 
GLU H2   H N N 129 
GLU HA   H N N 130 
GLU HB2  H N N 131 
GLU HB3  H N N 132 
GLU HG2  H N N 133 
GLU HG3  H N N 134 
GLU HE2  H N N 135 
GLU HXT  H N N 136 
GLY N    N N N 137 
GLY CA   C N N 138 
GLY C    C N N 139 
GLY O    O N N 140 
GLY OXT  O N N 141 
GLY H    H N N 142 
GLY H2   H N N 143 
GLY HA2  H N N 144 
GLY HA3  H N N 145 
GLY HXT  H N N 146 
HOH O    O N N 147 
HOH H1   H N N 148 
HOH H2   H N N 149 
ILE N    N N N 150 
ILE CA   C N S 151 
ILE C    C N N 152 
ILE O    O N N 153 
ILE CB   C N S 154 
ILE CG1  C N N 155 
ILE CG2  C N N 156 
ILE CD1  C N N 157 
ILE OXT  O N N 158 
ILE H    H N N 159 
ILE H2   H N N 160 
ILE HA   H N N 161 
ILE HB   H N N 162 
ILE HG12 H N N 163 
ILE HG13 H N N 164 
ILE HG21 H N N 165 
ILE HG22 H N N 166 
ILE HG23 H N N 167 
ILE HD11 H N N 168 
ILE HD12 H N N 169 
ILE HD13 H N N 170 
ILE HXT  H N N 171 
LEU N    N N N 172 
LEU CA   C N S 173 
LEU C    C N N 174 
LEU O    O N N 175 
LEU CB   C N N 176 
LEU CG   C N N 177 
LEU CD1  C N N 178 
LEU CD2  C N N 179 
LEU OXT  O N N 180 
LEU H    H N N 181 
LEU H2   H N N 182 
LEU HA   H N N 183 
LEU HB2  H N N 184 
LEU HB3  H N N 185 
LEU HG   H N N 186 
LEU HD11 H N N 187 
LEU HD12 H N N 188 
LEU HD13 H N N 189 
LEU HD21 H N N 190 
LEU HD22 H N N 191 
LEU HD23 H N N 192 
LEU HXT  H N N 193 
LYS N    N N N 194 
LYS CA   C N S 195 
LYS C    C N N 196 
LYS O    O N N 197 
LYS CB   C N N 198 
LYS CG   C N N 199 
LYS CD   C N N 200 
LYS CE   C N N 201 
LYS NZ   N N N 202 
LYS OXT  O N N 203 
LYS H    H N N 204 
LYS H2   H N N 205 
LYS HA   H N N 206 
LYS HB2  H N N 207 
LYS HB3  H N N 208 
LYS HG2  H N N 209 
LYS HG3  H N N 210 
LYS HD2  H N N 211 
LYS HD3  H N N 212 
LYS HE2  H N N 213 
LYS HE3  H N N 214 
LYS HZ1  H N N 215 
LYS HZ2  H N N 216 
LYS HZ3  H N N 217 
LYS HXT  H N N 218 
MET N    N N N 219 
MET CA   C N S 220 
MET C    C N N 221 
MET O    O N N 222 
MET CB   C N N 223 
MET CG   C N N 224 
MET SD   S N N 225 
MET CE   C N N 226 
MET OXT  O N N 227 
MET H    H N N 228 
MET H2   H N N 229 
MET HA   H N N 230 
MET HB2  H N N 231 
MET HB3  H N N 232 
MET HG2  H N N 233 
MET HG3  H N N 234 
MET HE1  H N N 235 
MET HE2  H N N 236 
MET HE3  H N N 237 
MET HXT  H N N 238 
PHE N    N N N 239 
PHE CA   C N S 240 
PHE C    C N N 241 
PHE O    O N N 242 
PHE CB   C N N 243 
PHE CG   C Y N 244 
PHE CD1  C Y N 245 
PHE CD2  C Y N 246 
PHE CE1  C Y N 247 
PHE CE2  C Y N 248 
PHE CZ   C Y N 249 
PHE OXT  O N N 250 
PHE H    H N N 251 
PHE H2   H N N 252 
PHE HA   H N N 253 
PHE HB2  H N N 254 
PHE HB3  H N N 255 
PHE HD1  H N N 256 
PHE HD2  H N N 257 
PHE HE1  H N N 258 
PHE HE2  H N N 259 
PHE HZ   H N N 260 
PHE HXT  H N N 261 
PRO N    N N N 262 
PRO CA   C N S 263 
PRO C    C N N 264 
PRO O    O N N 265 
PRO CB   C N N 266 
PRO CG   C N N 267 
PRO CD   C N N 268 
PRO OXT  O N N 269 
PRO H    H N N 270 
PRO HA   H N N 271 
PRO HB2  H N N 272 
PRO HB3  H N N 273 
PRO HG2  H N N 274 
PRO HG3  H N N 275 
PRO HD2  H N N 276 
PRO HD3  H N N 277 
PRO HXT  H N N 278 
SER N    N N N 279 
SER CA   C N S 280 
SER C    C N N 281 
SER O    O N N 282 
SER CB   C N N 283 
SER OG   O N N 284 
SER OXT  O N N 285 
SER H    H N N 286 
SER H2   H N N 287 
SER HA   H N N 288 
SER HB2  H N N 289 
SER HB3  H N N 290 
SER HG   H N N 291 
SER HXT  H N N 292 
SO4 S    S N N 293 
SO4 O1   O N N 294 
SO4 O2   O N N 295 
SO4 O3   O N N 296 
SO4 O4   O N N 297 
THR N    N N N 298 
THR CA   C N S 299 
THR C    C N N 300 
THR O    O N N 301 
THR CB   C N R 302 
THR OG1  O N N 303 
THR CG2  C N N 304 
THR OXT  O N N 305 
THR H    H N N 306 
THR H2   H N N 307 
THR HA   H N N 308 
THR HB   H N N 309 
THR HG1  H N N 310 
THR HG21 H N N 311 
THR HG22 H N N 312 
THR HG23 H N N 313 
THR HXT  H N N 314 
TYR N    N N N 315 
TYR CA   C N S 316 
TYR C    C N N 317 
TYR O    O N N 318 
TYR CB   C N N 319 
TYR CG   C Y N 320 
TYR CD1  C Y N 321 
TYR CD2  C Y N 322 
TYR CE1  C Y N 323 
TYR CE2  C Y N 324 
TYR CZ   C Y N 325 
TYR OH   O N N 326 
TYR OXT  O N N 327 
TYR H    H N N 328 
TYR H2   H N N 329 
TYR HA   H N N 330 
TYR HB2  H N N 331 
TYR HB3  H N N 332 
TYR HD1  H N N 333 
TYR HD2  H N N 334 
TYR HE1  H N N 335 
TYR HE2  H N N 336 
TYR HH   H N N 337 
TYR HXT  H N N 338 
VAL N    N N N 339 
VAL CA   C N S 340 
VAL C    C N N 341 
VAL O    O N N 342 
VAL CB   C N N 343 
VAL CG1  C N N 344 
VAL CG2  C N N 345 
VAL OXT  O N N 346 
VAL H    H N N 347 
VAL H2   H N N 348 
VAL HA   H N N 349 
VAL HB   H N N 350 
VAL HG11 H N N 351 
VAL HG12 H N N 352 
VAL HG13 H N N 353 
VAL HG21 H N N 354 
VAL HG22 H N N 355 
VAL HG23 H N N 356 
VAL HXT  H N N 357 
# 
loop_
_chem_comp_bond.comp_id 
_chem_comp_bond.atom_id_1 
_chem_comp_bond.atom_id_2 
_chem_comp_bond.value_order 
_chem_comp_bond.pdbx_aromatic_flag 
_chem_comp_bond.pdbx_stereo_config 
_chem_comp_bond.pdbx_ordinal 
ALA N   CA   sing N N 1   
ALA N   H    sing N N 2   
ALA N   H2   sing N N 3   
ALA CA  C    sing N N 4   
ALA CA  CB   sing N N 5   
ALA CA  HA   sing N N 6   
ALA C   O    doub N N 7   
ALA C   OXT  sing N N 8   
ALA CB  HB1  sing N N 9   
ALA CB  HB2  sing N N 10  
ALA CB  HB3  sing N N 11  
ALA OXT HXT  sing N N 12  
ARG N   CA   sing N N 13  
ARG N   H    sing N N 14  
ARG N   H2   sing N N 15  
ARG CA  C    sing N N 16  
ARG CA  CB   sing N N 17  
ARG CA  HA   sing N N 18  
ARG C   O    doub N N 19  
ARG C   OXT  sing N N 20  
ARG CB  CG   sing N N 21  
ARG CB  HB2  sing N N 22  
ARG CB  HB3  sing N N 23  
ARG CG  CD   sing N N 24  
ARG CG  HG2  sing N N 25  
ARG CG  HG3  sing N N 26  
ARG CD  NE   sing N N 27  
ARG CD  HD2  sing N N 28  
ARG CD  HD3  sing N N 29  
ARG NE  CZ   sing N N 30  
ARG NE  HE   sing N N 31  
ARG CZ  NH1  sing N N 32  
ARG CZ  NH2  doub N N 33  
ARG NH1 HH11 sing N N 34  
ARG NH1 HH12 sing N N 35  
ARG NH2 HH21 sing N N 36  
ARG NH2 HH22 sing N N 37  
ARG OXT HXT  sing N N 38  
ASN N   CA   sing N N 39  
ASN N   H    sing N N 40  
ASN N   H2   sing N N 41  
ASN CA  C    sing N N 42  
ASN CA  CB   sing N N 43  
ASN CA  HA   sing N N 44  
ASN C   O    doub N N 45  
ASN C   OXT  sing N N 46  
ASN CB  CG   sing N N 47  
ASN CB  HB2  sing N N 48  
ASN CB  HB3  sing N N 49  
ASN CG  OD1  doub N N 50  
ASN CG  ND2  sing N N 51  
ASN ND2 HD21 sing N N 52  
ASN ND2 HD22 sing N N 53  
ASN OXT HXT  sing N N 54  
ASP N   CA   sing N N 55  
ASP N   H    sing N N 56  
ASP N   H2   sing N N 57  
ASP CA  C    sing N N 58  
ASP CA  CB   sing N N 59  
ASP CA  HA   sing N N 60  
ASP C   O    doub N N 61  
ASP C   OXT  sing N N 62  
ASP CB  CG   sing N N 63  
ASP CB  HB2  sing N N 64  
ASP CB  HB3  sing N N 65  
ASP CG  OD1  doub N N 66  
ASP CG  OD2  sing N N 67  
ASP OD2 HD2  sing N N 68  
ASP OXT HXT  sing N N 69  
CYS N   CA   sing N N 70  
CYS N   H    sing N N 71  
CYS N   H2   sing N N 72  
CYS CA  C    sing N N 73  
CYS CA  CB   sing N N 74  
CYS CA  HA   sing N N 75  
CYS C   O    doub N N 76  
CYS C   OXT  sing N N 77  
CYS CB  SG   sing N N 78  
CYS CB  HB2  sing N N 79  
CYS CB  HB3  sing N N 80  
CYS SG  HG   sing N N 81  
CYS OXT HXT  sing N N 82  
EDO C1  O1   sing N N 83  
EDO C1  C2   sing N N 84  
EDO C1  H11  sing N N 85  
EDO C1  H12  sing N N 86  
EDO O1  HO1  sing N N 87  
EDO C2  O2   sing N N 88  
EDO C2  H21  sing N N 89  
EDO C2  H22  sing N N 90  
EDO O2  HO2  sing N N 91  
GLN N   CA   sing N N 92  
GLN N   H    sing N N 93  
GLN N   H2   sing N N 94  
GLN CA  C    sing N N 95  
GLN CA  CB   sing N N 96  
GLN CA  HA   sing N N 97  
GLN C   O    doub N N 98  
GLN C   OXT  sing N N 99  
GLN CB  CG   sing N N 100 
GLN CB  HB2  sing N N 101 
GLN CB  HB3  sing N N 102 
GLN CG  CD   sing N N 103 
GLN CG  HG2  sing N N 104 
GLN CG  HG3  sing N N 105 
GLN CD  OE1  doub N N 106 
GLN CD  NE2  sing N N 107 
GLN NE2 HE21 sing N N 108 
GLN NE2 HE22 sing N N 109 
GLN OXT HXT  sing N N 110 
GLU N   CA   sing N N 111 
GLU N   H    sing N N 112 
GLU N   H2   sing N N 113 
GLU CA  C    sing N N 114 
GLU CA  CB   sing N N 115 
GLU CA  HA   sing N N 116 
GLU C   O    doub N N 117 
GLU C   OXT  sing N N 118 
GLU CB  CG   sing N N 119 
GLU CB  HB2  sing N N 120 
GLU CB  HB3  sing N N 121 
GLU CG  CD   sing N N 122 
GLU CG  HG2  sing N N 123 
GLU CG  HG3  sing N N 124 
GLU CD  OE1  doub N N 125 
GLU CD  OE2  sing N N 126 
GLU OE2 HE2  sing N N 127 
GLU OXT HXT  sing N N 128 
GLY N   CA   sing N N 129 
GLY N   H    sing N N 130 
GLY N   H2   sing N N 131 
GLY CA  C    sing N N 132 
GLY CA  HA2  sing N N 133 
GLY CA  HA3  sing N N 134 
GLY C   O    doub N N 135 
GLY C   OXT  sing N N 136 
GLY OXT HXT  sing N N 137 
HOH O   H1   sing N N 138 
HOH O   H2   sing N N 139 
ILE N   CA   sing N N 140 
ILE N   H    sing N N 141 
ILE N   H2   sing N N 142 
ILE CA  C    sing N N 143 
ILE CA  CB   sing N N 144 
ILE CA  HA   sing N N 145 
ILE C   O    doub N N 146 
ILE C   OXT  sing N N 147 
ILE CB  CG1  sing N N 148 
ILE CB  CG2  sing N N 149 
ILE CB  HB   sing N N 150 
ILE CG1 CD1  sing N N 151 
ILE CG1 HG12 sing N N 152 
ILE CG1 HG13 sing N N 153 
ILE CG2 HG21 sing N N 154 
ILE CG2 HG22 sing N N 155 
ILE CG2 HG23 sing N N 156 
ILE CD1 HD11 sing N N 157 
ILE CD1 HD12 sing N N 158 
ILE CD1 HD13 sing N N 159 
ILE OXT HXT  sing N N 160 
LEU N   CA   sing N N 161 
LEU N   H    sing N N 162 
LEU N   H2   sing N N 163 
LEU CA  C    sing N N 164 
LEU CA  CB   sing N N 165 
LEU CA  HA   sing N N 166 
LEU C   O    doub N N 167 
LEU C   OXT  sing N N 168 
LEU CB  CG   sing N N 169 
LEU CB  HB2  sing N N 170 
LEU CB  HB3  sing N N 171 
LEU CG  CD1  sing N N 172 
LEU CG  CD2  sing N N 173 
LEU CG  HG   sing N N 174 
LEU CD1 HD11 sing N N 175 
LEU CD1 HD12 sing N N 176 
LEU CD1 HD13 sing N N 177 
LEU CD2 HD21 sing N N 178 
LEU CD2 HD22 sing N N 179 
LEU CD2 HD23 sing N N 180 
LEU OXT HXT  sing N N 181 
LYS N   CA   sing N N 182 
LYS N   H    sing N N 183 
LYS N   H2   sing N N 184 
LYS CA  C    sing N N 185 
LYS CA  CB   sing N N 186 
LYS CA  HA   sing N N 187 
LYS C   O    doub N N 188 
LYS C   OXT  sing N N 189 
LYS CB  CG   sing N N 190 
LYS CB  HB2  sing N N 191 
LYS CB  HB3  sing N N 192 
LYS CG  CD   sing N N 193 
LYS CG  HG2  sing N N 194 
LYS CG  HG3  sing N N 195 
LYS CD  CE   sing N N 196 
LYS CD  HD2  sing N N 197 
LYS CD  HD3  sing N N 198 
LYS CE  NZ   sing N N 199 
LYS CE  HE2  sing N N 200 
LYS CE  HE3  sing N N 201 
LYS NZ  HZ1  sing N N 202 
LYS NZ  HZ2  sing N N 203 
LYS NZ  HZ3  sing N N 204 
LYS OXT HXT  sing N N 205 
MET N   CA   sing N N 206 
MET N   H    sing N N 207 
MET N   H2   sing N N 208 
MET CA  C    sing N N 209 
MET CA  CB   sing N N 210 
MET CA  HA   sing N N 211 
MET C   O    doub N N 212 
MET C   OXT  sing N N 213 
MET CB  CG   sing N N 214 
MET CB  HB2  sing N N 215 
MET CB  HB3  sing N N 216 
MET CG  SD   sing N N 217 
MET CG  HG2  sing N N 218 
MET CG  HG3  sing N N 219 
MET SD  CE   sing N N 220 
MET CE  HE1  sing N N 221 
MET CE  HE2  sing N N 222 
MET CE  HE3  sing N N 223 
MET OXT HXT  sing N N 224 
PHE N   CA   sing N N 225 
PHE N   H    sing N N 226 
PHE N   H2   sing N N 227 
PHE CA  C    sing N N 228 
PHE CA  CB   sing N N 229 
PHE CA  HA   sing N N 230 
PHE C   O    doub N N 231 
PHE C   OXT  sing N N 232 
PHE CB  CG   sing N N 233 
PHE CB  HB2  sing N N 234 
PHE CB  HB3  sing N N 235 
PHE CG  CD1  doub Y N 236 
PHE CG  CD2  sing Y N 237 
PHE CD1 CE1  sing Y N 238 
PHE CD1 HD1  sing N N 239 
PHE CD2 CE2  doub Y N 240 
PHE CD2 HD2  sing N N 241 
PHE CE1 CZ   doub Y N 242 
PHE CE1 HE1  sing N N 243 
PHE CE2 CZ   sing Y N 244 
PHE CE2 HE2  sing N N 245 
PHE CZ  HZ   sing N N 246 
PHE OXT HXT  sing N N 247 
PRO N   CA   sing N N 248 
PRO N   CD   sing N N 249 
PRO N   H    sing N N 250 
PRO CA  C    sing N N 251 
PRO CA  CB   sing N N 252 
PRO CA  HA   sing N N 253 
PRO C   O    doub N N 254 
PRO C   OXT  sing N N 255 
PRO CB  CG   sing N N 256 
PRO CB  HB2  sing N N 257 
PRO CB  HB3  sing N N 258 
PRO CG  CD   sing N N 259 
PRO CG  HG2  sing N N 260 
PRO CG  HG3  sing N N 261 
PRO CD  HD2  sing N N 262 
PRO CD  HD3  sing N N 263 
PRO OXT HXT  sing N N 264 
SER N   CA   sing N N 265 
SER N   H    sing N N 266 
SER N   H2   sing N N 267 
SER CA  C    sing N N 268 
SER CA  CB   sing N N 269 
SER CA  HA   sing N N 270 
SER C   O    doub N N 271 
SER C   OXT  sing N N 272 
SER CB  OG   sing N N 273 
SER CB  HB2  sing N N 274 
SER CB  HB3  sing N N 275 
SER OG  HG   sing N N 276 
SER OXT HXT  sing N N 277 
SO4 S   O1   doub N N 278 
SO4 S   O2   doub N N 279 
SO4 S   O3   sing N N 280 
SO4 S   O4   sing N N 281 
THR N   CA   sing N N 282 
THR N   H    sing N N 283 
THR N   H2   sing N N 284 
THR CA  C    sing N N 285 
THR CA  CB   sing N N 286 
THR CA  HA   sing N N 287 
THR C   O    doub N N 288 
THR C   OXT  sing N N 289 
THR CB  OG1  sing N N 290 
THR CB  CG2  sing N N 291 
THR CB  HB   sing N N 292 
THR OG1 HG1  sing N N 293 
THR CG2 HG21 sing N N 294 
THR CG2 HG22 sing N N 295 
THR CG2 HG23 sing N N 296 
THR OXT HXT  sing N N 297 
TYR N   CA   sing N N 298 
TYR N   H    sing N N 299 
TYR N   H2   sing N N 300 
TYR CA  C    sing N N 301 
TYR CA  CB   sing N N 302 
TYR CA  HA   sing N N 303 
TYR C   O    doub N N 304 
TYR C   OXT  sing N N 305 
TYR CB  CG   sing N N 306 
TYR CB  HB2  sing N N 307 
TYR CB  HB3  sing N N 308 
TYR CG  CD1  doub Y N 309 
TYR CG  CD2  sing Y N 310 
TYR CD1 CE1  sing Y N 311 
TYR CD1 HD1  sing N N 312 
TYR CD2 CE2  doub Y N 313 
TYR CD2 HD2  sing N N 314 
TYR CE1 CZ   doub Y N 315 
TYR CE1 HE1  sing N N 316 
TYR CE2 CZ   sing Y N 317 
TYR CE2 HE2  sing N N 318 
TYR CZ  OH   sing N N 319 
TYR OH  HH   sing N N 320 
TYR OXT HXT  sing N N 321 
VAL N   CA   sing N N 322 
VAL N   H    sing N N 323 
VAL N   H2   sing N N 324 
VAL CA  C    sing N N 325 
VAL CA  CB   sing N N 326 
VAL CA  HA   sing N N 327 
VAL C   O    doub N N 328 
VAL C   OXT  sing N N 329 
VAL CB  CG1  sing N N 330 
VAL CB  CG2  sing N N 331 
VAL CB  HB   sing N N 332 
VAL CG1 HG11 sing N N 333 
VAL CG1 HG12 sing N N 334 
VAL CG1 HG13 sing N N 335 
VAL CG2 HG21 sing N N 336 
VAL CG2 HG22 sing N N 337 
VAL CG2 HG23 sing N N 338 
VAL OXT HXT  sing N N 339 
# 
_pdbx_initial_refinement_model.id               1 
_pdbx_initial_refinement_model.entity_id_list   ? 
_pdbx_initial_refinement_model.type             'experimental model' 
_pdbx_initial_refinement_model.source_name      PDB 
_pdbx_initial_refinement_model.accession_code   1QLQ 
_pdbx_initial_refinement_model.details          ? 
# 
_atom_sites.entry_id                    1G6X 
_atom_sites.fract_transf_matrix[1][1]   -0.00537238 
_atom_sites.fract_transf_matrix[1][2]   -0.00575935 
_atom_sites.fract_transf_matrix[1][3]   -0.01758803 
_atom_sites.fract_transf_matrix[2][1]   -0.01325997 
_atom_sites.fract_transf_matrix[2][2]   -0.01157810 
_atom_sites.fract_transf_matrix[2][3]   0.00784169 
_atom_sites.fract_transf_matrix[3][1]   -0.01556755 
_atom_sites.fract_transf_matrix[3][2]   0.01722857 
_atom_sites.fract_transf_matrix[3][3]   -0.00088643 
_atom_sites.fract_transf_vector[1]      0.924160 
_atom_sites.fract_transf_vector[2]      0.280807 
_atom_sites.fract_transf_vector[3]      0.380951 
# 
loop_
_atom_type.symbol 
C 
N 
O 
S 
# 
loop_
_atom_site.group_PDB 
_atom_site.id 
_atom_site.type_symbol 
_atom_site.label_atom_id 
_atom_site.label_alt_id 
_atom_site.label_comp_id 
_atom_site.label_asym_id 
_atom_site.label_entity_id 
_atom_site.label_seq_id 
_atom_site.pdbx_PDB_ins_code 
_atom_site.Cartn_x 
_atom_site.Cartn_y 
_atom_site.Cartn_z 
_atom_site.occupancy 
_atom_site.B_iso_or_equiv 
_atom_site.pdbx_formal_charge 
_atom_site.auth_seq_id 
_atom_site.auth_comp_id 
_atom_site.auth_asym_id 
_atom_site.auth_atom_id 
_atom_site.pdbx_PDB_model_num 
ATOM   1   N N   . ARG A 1 1  ? 3.455   -8.065  12.062  1.00 22.95 ? 1   ARG A N   1 
ATOM   2   C CA  . ARG A 1 1  ? 3.449   -7.259  10.886  1.00 15.12 ? 1   ARG A CA  1 
ATOM   3   C C   . ARG A 1 1  ? 3.431   -5.791  11.291  1.00 12.78 ? 1   ARG A C   1 
ATOM   4   O O   . ARG A 1 1  ? 2.839   -5.475  12.269  1.00 15.42 ? 1   ARG A O   1 
ATOM   5   C CB  . ARG A 1 1  ? 2.650   -7.707  9.658   1.00 22.37 ? 1   ARG A CB  1 
ATOM   6   C CG  . ARG A 1 1  ? 1.560   -6.923  9.263   1.00 17.26 ? 1   ARG A CG  1 
ATOM   7   C CD  A ARG A 1 1  ? 0.444   -7.336  8.384   0.52 15.00 ? 1   ARG A CD  1 
ATOM   8   C CD  B ARG A 1 1  ? 0.521   -7.380  8.248   0.48 14.63 ? 1   ARG A CD  1 
ATOM   9   N NE  A ARG A 1 1  ? 0.781   -8.655  7.882   0.52 14.27 ? 1   ARG A NE  1 
ATOM   10  N NE  B ARG A 1 1  ? 0.112   -8.752  8.543   0.48 16.95 ? 1   ARG A NE  1 
ATOM   11  C CZ  A ARG A 1 1  ? 0.378   -9.768  8.455   0.52 13.39 ? 1   ARG A CZ  1 
ATOM   12  C CZ  B ARG A 1 1  ? 0.680   -9.828  8.073   0.48 16.47 ? 1   ARG A CZ  1 
ATOM   13  N NH1 A ARG A 1 1  ? -0.353  -9.848  9.508   0.52 19.49 ? 1   ARG A NH1 1 
ATOM   14  N NH1 B ARG A 1 1  ? 1.672   -9.918  7.174   0.48 16.07 ? 1   ARG A NH1 1 
ATOM   15  N NH2 A ARG A 1 1  ? 0.833   -10.853 7.794   0.52 17.89 ? 1   ARG A NH2 1 
ATOM   16  N NH2 B ARG A 1 1  ? 0.197   -10.985 8.476   0.48 22.56 ? 1   ARG A NH2 1 
ATOM   17  N N   . PRO A 1 2  ? 4.036   -4.892  10.507  1.00 11.46 ? 2   PRO A N   1 
ATOM   18  C CA  . PRO A 1 2  ? 4.058   -3.467  10.913  1.00 10.77 ? 2   PRO A CA  1 
ATOM   19  C C   . PRO A 1 2  ? 2.664   -2.869  10.955  1.00 10.13 ? 2   PRO A C   1 
ATOM   20  O O   . PRO A 1 2  ? 1.862   -3.102  10.014  1.00 10.59 ? 2   PRO A O   1 
ATOM   21  C CB  . PRO A 1 2  ? 4.926   -2.794  9.873   1.00 11.14 ? 2   PRO A CB  1 
ATOM   22  C CG  . PRO A 1 2  ? 5.782   -3.920  9.331   1.00 11.70 ? 2   PRO A CG  1 
ATOM   23  C CD  . PRO A 1 2  ? 4.854   -5.109  9.311   1.00 11.80 ? 2   PRO A CD  1 
ATOM   24  N N   . ASP A 1 3  ? 2.371   -2.091  11.970  1.00 10.44 ? 3   ASP A N   1 
ATOM   25  C CA  . ASP A 1 3  ? 1.056   -1.513  12.098  1.00 10.87 ? 3   ASP A CA  1 
ATOM   26  C C   . ASP A 1 3  ? 0.653   -0.695  10.870  1.00 9.52  ? 3   ASP A C   1 
ATOM   27  O O   . ASP A 1 3  ? -0.534  -0.713  10.476  1.00 10.03 ? 3   ASP A O   1 
ATOM   28  C CB  . ASP A 1 3  ? 0.978   -0.609  13.335  1.00 14.21 ? 3   ASP A CB  1 
ATOM   29  C CG  . ASP A 1 3  ? 0.921   -1.406  14.645  1.00 19.04 ? 3   ASP A CG  1 
ATOM   30  O OD1 . ASP A 1 3  ? 0.704   -2.619  14.666  1.00 22.86 ? 3   ASP A OD1 1 
ATOM   31  O OD2 . ASP A 1 3  ? 1.140   -0.732  15.701  1.00 26.26 ? 3   ASP A OD2 1 
ATOM   32  N N   . PHE A 1 4  ? 1.581   0.013   10.240  1.00 9.31  ? 4   PHE A N   1 
ATOM   33  C CA  . PHE A 1 4  ? 1.138   0.884   9.129   1.00 8.92  ? 4   PHE A CA  1 
ATOM   34  C C   . PHE A 1 4  ? 0.608   0.054   7.942   1.00 8.59  ? 4   PHE A C   1 
ATOM   35  O O   . PHE A 1 4  ? -0.117  0.624   7.110   1.00 8.78  ? 4   PHE A O   1 
ATOM   36  C CB  . PHE A 1 4  ? 2.254   1.843   8.681   1.00 9.11  ? 4   PHE A CB  1 
ATOM   37  C CG  . PHE A 1 4  ? 3.428   1.218   7.999   1.00 8.65  ? 4   PHE A CG  1 
ATOM   38  C CD1 . PHE A 1 4  ? 3.357   0.821   6.658   1.00 8.80  ? 4   PHE A CD1 1 
ATOM   39  C CD2 . PHE A 1 4  ? 4.665   1.093   8.659   1.00 9.73  ? 4   PHE A CD2 1 
ATOM   40  C CE1 . PHE A 1 4  ? 4.485   0.328   6.018   1.00 9.77  ? 4   PHE A CE1 1 
ATOM   41  C CE2 . PHE A 1 4  ? 5.768   0.641   7.995   1.00 10.55 ? 4   PHE A CE2 1 
ATOM   42  C CZ  . PHE A 1 4  ? 5.687   0.237   6.687   1.00 10.37 ? 4   PHE A CZ  1 
ATOM   43  N N   . CYS A 1 5  ? 0.951   -1.214  7.859   1.00 8.57  ? 5   CYS A N   1 
ATOM   44  C CA  . CYS A 1 5  ? 0.476   -2.108  6.822   1.00 8.70  ? 5   CYS A CA  1 
ATOM   45  C C   . CYS A 1 5  ? -1.033  -2.399  6.931   1.00 8.66  ? 5   CYS A C   1 
ATOM   46  O O   . CYS A 1 5  ? -1.618  -2.931  5.995   1.00 9.78  ? 5   CYS A O   1 
ATOM   47  C CB  . CYS A 1 5  ? 1.179   -3.442  6.907   1.00 9.45  ? 5   CYS A CB  1 
ATOM   48  S SG  . CYS A 1 5  ? 2.975   -3.354  6.659   1.00 10.01 ? 5   CYS A SG  1 
ATOM   49  N N   . LEU A 1 6  ? -1.613  -2.114  8.107   1.00 8.92  ? 6   LEU A N   1 
ATOM   50  C CA  . LEU A 1 6  ? -3.008  -2.398  8.388   1.00 9.61  ? 6   LEU A CA  1 
ATOM   51  C C   . LEU A 1 6  ? -3.910  -1.222  8.028   1.00 10.09 ? 6   LEU A C   1 
ATOM   52  O O   . LEU A 1 6  ? -5.133  -1.294  8.132   1.00 11.60 ? 6   LEU A O   1 
ATOM   53  C CB  . LEU A 1 6  ? -3.177  -2.724  9.866   1.00 10.19 ? 6   LEU A CB  1 
ATOM   54  C CG  . LEU A 1 6  ? -2.262  -3.794  10.415  1.00 10.81 ? 6   LEU A CG  1 
ATOM   55  C CD1 . LEU A 1 6  ? -2.579  -4.024  11.898  1.00 13.26 ? 6   LEU A CD1 1 
ATOM   56  C CD2 . LEU A 1 6  ? -2.358  -5.087  9.657   1.00 13.13 ? 6   LEU A CD2 1 
ATOM   57  N N   . GLU A 1 7  ? -3.327  -0.068  7.699   1.00 9.60  ? 7   GLU A N   1 
ATOM   58  C CA  . GLU A 1 7  ? -4.085  1.089   7.377   1.00 9.66  ? 7   GLU A CA  1 
ATOM   59  C C   . GLU A 1 7  ? -4.708  0.998   5.981   1.00 9.54  ? 7   GLU A C   1 
ATOM   60  O O   . GLU A 1 7  ? -4.106  0.388   5.075   1.00 10.22 ? 7   GLU A O   1 
ATOM   61  C CB  . GLU A 1 7  ? -3.190  2.335   7.423   1.00 9.95  ? 7   GLU A CB  1 
ATOM   62  C CG  . GLU A 1 7  ? -2.571  2.600   8.787   1.00 10.22 ? 7   GLU A CG  1 
ATOM   63  C CD  . GLU A 1 7  ? -3.587  3.054   9.816   1.00 10.15 ? 7   GLU A CD  1 
ATOM   64  O OE1 . GLU A 1 7  ? -4.525  3.786   9.468   1.00 11.62 ? 7   GLU A OE1 1 
ATOM   65  O OE2 . GLU A 1 7  ? -3.425  2.692   10.983  1.00 16.15 ? 7   GLU A OE2 1 
ATOM   66  N N   . PRO A 1 8  ? -5.863  1.599   5.773   1.00 10.10 ? 8   PRO A N   1 
ATOM   67  C CA  . PRO A 1 8  ? -6.440  1.630   4.462   1.00 10.40 ? 8   PRO A CA  1 
ATOM   68  C C   . PRO A 1 8  ? -5.585  2.399   3.490   1.00 9.76  ? 8   PRO A C   1 
ATOM   69  O O   . PRO A 1 8  ? -4.854  3.327   3.889   1.00 10.52 ? 8   PRO A O   1 
ATOM   70  C CB  . PRO A 1 8  ? -7.806  2.325   4.679   1.00 12.31 ? 8   PRO A CB  1 
ATOM   71  C CG  . PRO A 1 8  ? -7.549  3.233   5.862   1.00 12.69 ? 8   PRO A CG  1 
ATOM   72  C CD  . PRO A 1 8  ? -6.661  2.394   6.732   1.00 11.04 ? 8   PRO A CD  1 
ATOM   73  N N   . PRO A 1 9  ? -5.661  2.096   2.200   1.00 10.07 ? 9   PRO A N   1 
ATOM   74  C CA  . PRO A 1 9  ? -4.893  2.880   1.205   1.00 10.31 ? 9   PRO A CA  1 
ATOM   75  C C   . PRO A 1 9  ? -5.383  4.308   1.169   1.00 10.24 ? 9   PRO A C   1 
ATOM   76  O O   . PRO A 1 9  ? -6.585  4.569   1.349   1.00 12.32 ? 9   PRO A O   1 
ATOM   77  C CB  . PRO A 1 9  ? -5.136  2.126   -0.089  1.00 12.50 ? 9   PRO A CB  1 
ATOM   78  C CG  . PRO A 1 9  ? -6.521  1.488   0.097   1.00 13.00 ? 9   PRO A CG  1 
ATOM   79  C CD  . PRO A 1 9  ? -6.531  1.104   1.574   1.00 11.20 ? 9   PRO A CD  1 
ATOM   80  N N   . TYR A 1 10 ? -4.473  5.211   0.877   1.00 10.04 ? 10  TYR A N   1 
ATOM   81  C CA  . TYR A 1 10 ? -4.720  6.654   0.948   1.00 10.20 ? 10  TYR A CA  1 
ATOM   82  C C   . TYR A 1 10 ? -4.340  7.300   -0.393  1.00 10.16 ? 10  TYR A C   1 
ATOM   83  O O   . TYR A 1 10 ? -3.159  7.508   -0.703  1.00 10.13 ? 10  TYR A O   1 
ATOM   84  C CB  . TYR A 1 10 ? -3.966  7.258   2.109   1.00 10.57 ? 10  TYR A CB  1 
ATOM   85  C CG  . TYR A 1 10 ? -4.179  8.738   2.269   1.00 10.87 ? 10  TYR A CG  1 
ATOM   86  C CD1 . TYR A 1 10 ? -5.361  9.228   2.798   1.00 13.21 ? 10  TYR A CD1 1 
ATOM   87  C CD2 . TYR A 1 10 ? -3.247  9.690   1.871   1.00 11.50 ? 10  TYR A CD2 1 
ATOM   88  C CE1 . TYR A 1 10 ? -5.583  10.571  2.976   1.00 14.73 ? 10  TYR A CE1 1 
ATOM   89  C CE2 . TYR A 1 10 ? -3.443  11.042  2.037   1.00 13.56 ? 10  TYR A CE2 1 
ATOM   90  C CZ  . TYR A 1 10 ? -4.645  11.473  2.591   1.00 15.46 ? 10  TYR A CZ  1 
ATOM   91  O OH  . TYR A 1 10 ? -4.799  12.852  2.696   1.00 19.87 ? 10  TYR A OH  1 
ATOM   92  N N   . ALA A 1 11 ? -5.360  7.639   -1.184  1.00 10.68 ? 11  ALA A N   1 
ATOM   93  C CA  . ALA A 1 11 ? -5.140  8.308   -2.466  1.00 11.17 ? 11  ALA A CA  1 
ATOM   94  C C   . ALA A 1 11 ? -4.656  9.752   -2.263  1.00 11.64 ? 11  ALA A C   1 
ATOM   95  O O   . ALA A 1 11 ? -3.936  10.262  -3.117  1.00 12.25 ? 11  ALA A O   1 
ATOM   96  C CB  . ALA A 1 11 ? -6.394  8.240   -3.304  1.00 13.00 ? 11  ALA A CB  1 
ATOM   97  N N   . GLY A 1 12 ? -5.202  10.381  -1.233  1.00 12.64 ? 12  GLY A N   1 
ATOM   98  C CA  . GLY A 1 12 ? -4.981  11.814  -1.032  1.00 13.38 ? 12  GLY A CA  1 
ATOM   99  C C   . GLY A 1 12 ? -5.697  12.696  -1.993  1.00 13.59 ? 12  GLY A C   1 
ATOM   100 O O   . GLY A 1 12 ? -6.499  12.222  -2.814  1.00 15.58 ? 12  GLY A O   1 
ATOM   101 N N   . ALA A 1 13 ? -5.451  13.998  -1.879  1.00 13.89 ? 13  ALA A N   1 
ATOM   102 C CA  . ALA A 1 13 ? -6.210  15.004  -2.540  1.00 15.30 ? 13  ALA A CA  1 
ATOM   103 C C   . ALA A 1 13 ? -5.745  15.402  -3.904  1.00 14.68 ? 13  ALA A C   1 
ATOM   104 O O   . ALA A 1 13 ? -6.502  16.060  -4.666  1.00 17.21 ? 13  ALA A O   1 
ATOM   105 C CB  . ALA A 1 13 ? -6.246  16.279  -1.643  1.00 17.79 ? 13  ALA A CB  1 
ATOM   106 N N   . CYS A 1 14 ? -4.502  15.097  -4.282  1.00 15.44 ? 14  CYS A N   1 
ATOM   107 C CA  . CYS A 1 14 ? -3.987  15.530  -5.543  1.00 15.65 ? 14  CYS A CA  1 
ATOM   108 C C   . CYS A 1 14 ? -4.527  14.740  -6.710  1.00 16.84 ? 14  CYS A C   1 
ATOM   109 O O   . CYS A 1 14 ? -5.145  13.718  -6.539  1.00 18.43 ? 14  CYS A O   1 
ATOM   110 C CB  . CYS A 1 14 ? -2.450  15.612  -5.476  1.00 16.03 ? 14  CYS A CB  1 
ATOM   111 S SG  . CYS A 1 14 ? -1.863  16.925  -4.344  1.00 17.22 ? 14  CYS A SG  1 
ATOM   112 N N   . ARG A 1 15 ? -4.279  15.256  -7.922  1.00 18.87 ? 15  ARG A N   1 
ATOM   113 C CA  . ARG A 1 15 ? -5.006  14.845  -9.068  1.00 22.91 ? 15  ARG A CA  1 
ATOM   114 C C   . ARG A 1 15 ? -4.205  14.044  -10.076 1.00 23.64 ? 15  ARG A C   1 
ATOM   115 O O   . ARG A 1 15 ? -4.750  13.702  -11.171 1.00 30.32 ? 15  ARG A O   1 
ATOM   116 C CB  . ARG A 1 15 ? -5.559  16.097  -9.797  1.00 26.40 ? 15  ARG A CB  1 
ATOM   117 C CG  A ARG A 1 15 ? -6.380  16.927  -8.772  0.46 27.95 ? 15  ARG A CG  1 
ATOM   118 C CG  B ARG A 1 15 ? -6.676  16.846  -9.093  0.54 28.52 ? 15  ARG A CG  1 
ATOM   119 C CD  A ARG A 1 15 ? -7.075  18.095  -9.437  0.46 29.65 ? 15  ARG A CD  1 
ATOM   120 C CD  B ARG A 1 15 ? -7.263  17.952  -9.985  0.54 29.32 ? 15  ARG A CD  1 
ATOM   121 N NE  A ARG A 1 15 ? -7.664  19.094  -8.542  0.46 31.85 ? 15  ARG A NE  1 
ATOM   122 N NE  B ARG A 1 15 ? -8.200  18.771  -9.171  0.54 30.30 ? 15  ARG A NE  1 
ATOM   123 C CZ  A ARG A 1 15 ? -8.241  20.207  -8.989  0.46 31.76 ? 15  ARG A CZ  1 
ATOM   124 C CZ  B ARG A 1 15 ? -7.825  19.860  -8.522  0.54 30.07 ? 15  ARG A CZ  1 
ATOM   125 N NH1 A ARG A 1 15 ? -8.279  20.390  -10.297 0.46 35.60 ? 15  ARG A NH1 1 
ATOM   126 N NH1 B ARG A 1 15 ? -6.628  20.411  -8.506  0.54 30.37 ? 15  ARG A NH1 1 
ATOM   127 N NH2 A ARG A 1 15 ? -8.728  21.021  -8.076  0.46 32.95 ? 15  ARG A NH2 1 
ATOM   128 N NH2 B ARG A 1 15 ? -8.723  20.496  -7.814  0.54 29.08 ? 15  ARG A NH2 1 
ATOM   129 N N   . ALA A 1 16 ? -3.115  13.487  -9.707  1.00 20.75 ? 16  ALA A N   1 
ATOM   130 C CA  . ALA A 1 16 ? -2.397  12.571  -10.534 1.00 19.63 ? 16  ALA A CA  1 
ATOM   131 C C   . ALA A 1 16 ? -3.071  11.156  -10.467 1.00 17.91 ? 16  ALA A C   1 
ATOM   132 O O   . ALA A 1 16 ? -3.941  10.898  -9.547  1.00 19.06 ? 16  ALA A O   1 
ATOM   133 C CB  . ALA A 1 16 ? -0.969  12.412  -10.132 1.00 19.75 ? 16  ALA A CB  1 
ATOM   134 N N   . ARG A 1 17 ? -2.761  10.303  -11.380 1.00 17.69 ? 17  ARG A N   1 
ATOM   135 C CA  . ARG A 1 17 ? -3.182  8.913   -11.388 1.00 15.75 ? 17  ARG A CA  1 
ATOM   136 C C   . ARG A 1 17 ? -1.911  8.040   -11.454 1.00 13.22 ? 17  ARG A C   1 
ATOM   137 O O   . ARG A 1 17 ? -1.385  7.781   -12.537 1.00 13.67 ? 17  ARG A O   1 
ATOM   138 C CB  . ARG A 1 17 ? -4.154  8.567   -12.481 1.00 18.17 ? 17  ARG A CB  1 
ATOM   139 C CG  A ARG A 1 17 ? -4.591  7.165   -12.756 0.41 19.14 ? 17  ARG A CG  1 
ATOM   140 C CG  B ARG A 1 17 ? -5.392  9.463   -12.293 0.58 24.08 ? 17  ARG A CG  1 
ATOM   141 C CD  A ARG A 1 17 ? -6.036  6.804   -12.945 0.41 24.93 ? 17  ARG A CD  1 
ATOM   142 C CD  B ARG A 1 17 ? -5.843  9.809   -13.721 0.58 25.86 ? 17  ARG A CD  1 
ATOM   143 N NE  A ARG A 1 17 ? -6.211  5.748   -13.895 0.41 25.96 ? 17  ARG A NE  1 
ATOM   144 N NE  B ARG A 1 17 ? -6.344  8.678   -14.461 0.58 22.91 ? 17  ARG A NE  1 
ATOM   145 C CZ  A ARG A 1 17 ? -6.644  4.518   -13.913 0.41 26.52 ? 17  ARG A CZ  1 
ATOM   146 C CZ  B ARG A 1 17 ? -6.785  8.582   -15.688 0.58 20.05 ? 17  ARG A CZ  1 
ATOM   147 N NH1 A ARG A 1 17 ? -7.095  3.763   -12.939 0.41 26.03 ? 17  ARG A NH1 1 
ATOM   148 N NH1 B ARG A 1 17 ? -6.679  9.723   -16.375 0.58 16.98 ? 17  ARG A NH1 1 
ATOM   149 N NH2 A ARG A 1 17 ? -6.637  3.904   -15.095 0.41 31.18 ? 17  ARG A NH2 1 
ATOM   150 N NH2 B ARG A 1 17 ? -7.258  7.488   -16.326 0.58 24.17 ? 17  ARG A NH2 1 
ATOM   151 N N   . ILE A 1 18 ? -1.429  7.648   -10.299 1.00 13.02 ? 18  ILE A N   1 
ATOM   152 C CA  . ILE A 1 18 ? -0.170  6.925   -10.152 1.00 12.38 ? 18  ILE A CA  1 
ATOM   153 C C   . ILE A 1 18 ? -0.493  5.574   -9.541  1.00 11.48 ? 18  ILE A C   1 
ATOM   154 O O   . ILE A 1 18 ? -1.087  5.500   -8.474  1.00 12.27 ? 18  ILE A O   1 
ATOM   155 C CB  . ILE A 1 18 ? 0.810   7.663   -9.250  1.00 12.71 ? 18  ILE A CB  1 
ATOM   156 C CG1 . ILE A 1 18 ? 1.109   9.092   -9.746  1.00 14.03 ? 18  ILE A CG1 1 
ATOM   157 C CG2 . ILE A 1 18 ? 2.118   6.886   -9.088  1.00 13.65 ? 18  ILE A CG2 1 
ATOM   158 C CD1 . ILE A 1 18 ? 1.693   9.996   -8.717  1.00 17.67 ? 18  ILE A CD1 1 
ATOM   159 N N   . ILE A 1 19 ? -0.154  4.492   -10.224 1.00 10.97 ? 19  ILE A N   1 
ATOM   160 C CA  . ILE A 1 19 ? -0.515  3.156   -9.709  1.00 10.53 ? 19  ILE A CA  1 
ATOM   161 C C   . ILE A 1 19 ? 0.525   2.776   -8.631  1.00 9.93  ? 19  ILE A C   1 
ATOM   162 O O   . ILE A 1 19 ? 1.727   2.782   -8.874  1.00 11.52 ? 19  ILE A O   1 
ATOM   163 C CB  . ILE A 1 19 ? -0.578  2.119   -10.826 1.00 12.71 ? 19  ILE A CB  1 
ATOM   164 C CG1 . ILE A 1 19 ? -1.506  2.586   -11.953 1.00 16.42 ? 19  ILE A CG1 1 
ATOM   165 C CG2 . ILE A 1 19 ? -1.020  0.790   -10.214 1.00 14.71 ? 19  ILE A CG2 1 
ATOM   166 C CD1 . ILE A 1 19 ? -2.857  3.027   -11.549 1.00 22.00 ? 19  ILE A CD1 1 
ATOM   167 N N   . ARG A 1 20 ? 0.030   2.463   -7.436  1.00 9.56  ? 20  ARG A N   1 
ATOM   168 C CA  . ARG A 1 20 ? 0.834   2.058   -6.314  1.00 9.09  ? 20  ARG A CA  1 
ATOM   169 C C   . ARG A 1 20 ? 0.231   0.769   -5.727  1.00 8.78  ? 20  ARG A C   1 
ATOM   170 O O   . ARG A 1 20 ? -0.859  0.336   -6.105  1.00 9.89  ? 20  ARG A O   1 
ATOM   171 C CB  . ARG A 1 20 ? 0.902   3.174   -5.258  1.00 9.22  ? 20  ARG A CB  1 
ATOM   172 C CG  . ARG A 1 20 ? 1.612   4.418   -5.752  1.00 9.56  ? 20  ARG A CG  1 
ATOM   173 C CD  . ARG A 1 20 ? 3.127   4.224   -5.857  1.00 10.23 ? 20  ARG A CD  1 
ATOM   174 N NE  . ARG A 1 20 ? 3.832   5.402   -6.277  1.00 11.48 ? 20  ARG A NE  1 
ATOM   175 C CZ  . ARG A 1 20 ? 4.155   6.438   -5.539  1.00 12.58 ? 20  ARG A CZ  1 
ATOM   176 N NH1 . ARG A 1 20 ? 3.844   6.480   -4.262  1.00 13.81 ? 20  ARG A NH1 1 
ATOM   177 N NH2 . ARG A 1 20 ? 4.770   7.458   -6.129  1.00 15.87 ? 20  ARG A NH2 1 
ATOM   178 N N   . TYR A 1 21 ? 0.973   0.177   -4.779  1.00 8.52  ? 21  TYR A N   1 
ATOM   179 C CA  . TYR A 1 21 ? 0.553   -1.024  -4.098  1.00 8.32  ? 21  TYR A CA  1 
ATOM   180 C C   . TYR A 1 21 ? 0.290   -0.734  -2.627  1.00 8.38  ? 21  TYR A C   1 
ATOM   181 O O   . TYR A 1 21 ? 1.007   0.068   -2.002  1.00 8.43  ? 21  TYR A O   1 
ATOM   182 C CB  . TYR A 1 21 ? 1.646   -2.129  -4.207  1.00 8.72  ? 21  TYR A CB  1 
ATOM   183 C CG  . TYR A 1 21 ? 1.752   -2.637  -5.631  1.00 8.86  ? 21  TYR A CG  1 
ATOM   184 C CD1 . TYR A 1 21 ? 2.393   -1.916  -6.600  1.00 9.33  ? 21  TYR A CD1 1 
ATOM   185 C CD2 . TYR A 1 21 ? 1.114   -3.829  -6.000  1.00 9.48  ? 21  TYR A CD2 1 
ATOM   186 C CE1 . TYR A 1 21 ? 2.474   -2.355  -7.923  1.00 9.84  ? 21  TYR A CE1 1 
ATOM   187 C CE2 . TYR A 1 21 ? 1.159   -4.272  -7.320  1.00 10.10 ? 21  TYR A CE2 1 
ATOM   188 C CZ  . TYR A 1 21 ? 1.822   -3.542  -8.264  1.00 9.92  ? 21  TYR A CZ  1 
ATOM   189 O OH  . TYR A 1 21 ? 1.878   -3.915  -9.583  1.00 11.54 ? 21  TYR A OH  1 
ATOM   190 N N   . PHE A 1 22 ? -0.681  -1.443  -2.063  1.00 8.83  ? 22  PHE A N   1 
ATOM   191 C CA  . PHE A 1 22 ? -0.920  -1.413  -0.631  1.00 8.60  ? 22  PHE A CA  1 
ATOM   192 C C   . PHE A 1 22 ? -1.157  -2.849  -0.156  1.00 8.42  ? 22  PHE A C   1 
ATOM   193 O O   . PHE A 1 22 ? -1.661  -3.689  -0.919  1.00 8.87  ? 22  PHE A O   1 
ATOM   194 C CB  . PHE A 1 22 ? -2.114  -0.525  -0.234  1.00 9.26  ? 22  PHE A CB  1 
ATOM   195 C CG  . PHE A 1 22 ? -3.478  -1.114  -0.529  1.00 9.31  ? 22  PHE A CG  1 
ATOM   196 C CD1 . PHE A 1 22 ? -3.992  -1.182  -1.818  1.00 10.11 ? 22  PHE A CD1 1 
ATOM   197 C CD2 . PHE A 1 22 ? -4.249  -1.638  0.502   1.00 10.24 ? 22  PHE A CD2 1 
ATOM   198 C CE1 . PHE A 1 22 ? -5.230  -1.738  -2.087  1.00 11.73 ? 22  PHE A CE1 1 
ATOM   199 C CE2 . PHE A 1 22 ? -5.487  -2.203  0.255   1.00 11.50 ? 22  PHE A CE2 1 
ATOM   200 C CZ  . PHE A 1 22 ? -5.992  -2.266  -1.044  1.00 12.28 ? 22  PHE A CZ  1 
ATOM   201 N N   . TYR A 1 23 ? -0.837  -3.096  1.112   1.00 8.51  ? 23  TYR A N   1 
ATOM   202 C CA  . TYR A 1 23 ? -1.157  -4.363  1.715   1.00 8.66  ? 23  TYR A CA  1 
ATOM   203 C C   . TYR A 1 23 ? -2.600  -4.361  2.192   1.00 8.75  ? 23  TYR A C   1 
ATOM   204 O O   . TYR A 1 23 ? -2.985  -3.494  2.995   1.00 9.58  ? 23  TYR A O   1 
ATOM   205 C CB  . TYR A 1 23 ? -0.199  -4.646  2.881   1.00 9.32  ? 23  TYR A CB  1 
ATOM   206 C CG  . TYR A 1 23 ? -0.446  -6.010  3.491   1.00 9.54  ? 23  TYR A CG  1 
ATOM   207 C CD1 . TYR A 1 23 ? -0.086  -7.168  2.808   1.00 10.00 ? 23  TYR A CD1 1 
ATOM   208 C CD2 . TYR A 1 23 ? -1.036  -6.143  4.738   1.00 10.46 ? 23  TYR A CD2 1 
ATOM   209 C CE1 . TYR A 1 23 ? -0.321  -8.414  3.352   1.00 11.53 ? 23  TYR A CE1 1 
ATOM   210 C CE2 . TYR A 1 23 ? -1.265  -7.408  5.272   1.00 12.25 ? 23  TYR A CE2 1 
ATOM   211 C CZ  . TYR A 1 23 ? -0.900  -8.541  4.584   1.00 11.83 ? 23  TYR A CZ  1 
ATOM   212 O OH  . TYR A 1 23 ? -1.151  -9.792  5.090   1.00 14.25 ? 23  TYR A OH  1 
ATOM   213 N N   . ASN A 1 24 ? -3.385  -5.300  1.694   1.00 9.19  ? 24  ASN A N   1 
ATOM   214 C CA  . ASN A 1 24 ? -4.780  -5.539  2.093   1.00 9.98  ? 24  ASN A CA  1 
ATOM   215 C C   . ASN A 1 24 ? -4.761  -6.609  3.137   1.00 10.36 ? 24  ASN A C   1 
ATOM   216 O O   . ASN A 1 24 ? -4.545  -7.788  2.819   1.00 10.29 ? 24  ASN A O   1 
ATOM   217 C CB  . ASN A 1 24 ? -5.604  -5.906  0.879   1.00 9.49  ? 24  ASN A CB  1 
ATOM   218 C CG  . ASN A 1 24 ? -7.046  -6.174  1.212   1.00 10.77 ? 24  ASN A CG  1 
ATOM   219 O OD1 . ASN A 1 24 ? -7.357  -6.610  2.363   1.00 12.05 ? 24  ASN A OD1 1 
ATOM   220 N ND2 . ASN A 1 24 ? -7.923  -5.972  0.273   1.00 12.25 ? 24  ASN A ND2 1 
ATOM   221 N N   . ALA A 1 25 ? -4.917  -6.234  4.425   1.00 12.77 ? 25  ALA A N   1 
ATOM   222 C CA  . ALA A 1 25 ? -4.693  -7.153  5.487   1.00 14.55 ? 25  ALA A CA  1 
ATOM   223 C C   . ALA A 1 25 ? -5.806  -8.172  5.637   1.00 14.88 ? 25  ALA A C   1 
ATOM   224 O O   . ALA A 1 25 ? -5.553  -9.284  6.072   1.00 18.31 ? 25  ALA A O   1 
ATOM   225 C CB  . ALA A 1 25 ? -4.487  -6.399  6.816   1.00 21.69 ? 25  ALA A CB  1 
ATOM   226 N N   . LYS A 1 26 ? -7.019  -7.860  5.215   1.00 14.80 ? 26  LYS A N   1 
ATOM   227 C CA  . LYS A 1 26 ? -8.115  -8.855  5.172   1.00 16.35 ? 26  LYS A CA  1 
ATOM   228 C C   . LYS A 1 26 ? -7.823  -9.895  4.161   1.00 15.08 ? 26  LYS A C   1 
ATOM   229 O O   . LYS A 1 26 ? -7.964  -11.129 4.399   1.00 18.12 ? 26  LYS A O   1 
ATOM   230 C CB  . LYS A 1 26 ? -9.401  -8.130  4.867   1.00 17.76 ? 26  LYS A CB  1 
ATOM   231 C CG  A LYS A 1 26 ? -10.551 -9.246  4.653   0.59 18.03 ? 26  LYS A CG  1 
ATOM   232 C CG  B LYS A 1 26 ? -10.664 -8.648  5.217   0.41 16.09 ? 26  LYS A CG  1 
ATOM   233 C CD  A LYS A 1 26 ? -11.925 -8.817  4.150   0.59 16.55 ? 26  LYS A CD  1 
ATOM   234 C CD  B LYS A 1 26 ? -10.980 -9.366  3.906   0.41 17.33 ? 26  LYS A CD  1 
ATOM   235 C CE  A LYS A 1 26 ? -13.007 -9.831  4.109   0.59 18.22 ? 26  LYS A CE  1 
ATOM   236 C CE  B LYS A 1 26 ? -12.219 -10.203 3.940   0.41 18.47 ? 26  LYS A CE  1 
ATOM   237 N NZ  A LYS A 1 26 ? -12.862 -10.823 3.016   0.59 22.26 ? 26  LYS A NZ  1 
ATOM   238 N NZ  B LYS A 1 26 ? -13.030 -10.283 2.696   0.41 22.08 ? 26  LYS A NZ  1 
ATOM   239 N N   . ALA A 1 27 ? -7.409  -9.485  2.939   1.00 13.58 ? 27  ALA A N   1 
ATOM   240 C CA  . ALA A 1 27 ? -7.099  -10.423 1.840   1.00 14.00 ? 27  ALA A CA  1 
ATOM   241 C C   . ALA A 1 27 ? -5.754  -11.139 2.050   1.00 12.29 ? 27  ALA A C   1 
ATOM   242 O O   . ALA A 1 27 ? -5.516  -12.248 1.531   1.00 14.29 ? 27  ALA A O   1 
ATOM   243 C CB  . ALA A 1 27 ? -7.118  -9.693  0.529   1.00 15.47 ? 27  ALA A CB  1 
ATOM   244 N N   . GLY A 1 28 ? -4.829  -10.541 2.786   1.00 11.33 ? 28  GLY A N   1 
ATOM   245 C CA  . GLY A 1 28 ? -3.475  -11.032 2.903   1.00 11.84 ? 28  GLY A CA  1 
ATOM   246 C C   . GLY A 1 28 ? -2.657  -10.923 1.632   1.00 11.39 ? 28  GLY A C   1 
ATOM   247 O O   . GLY A 1 28 ? -1.851  -11.813 1.403   1.00 14.51 ? 28  GLY A O   1 
ATOM   248 N N   A LEU A 1 29 ? -2.737  -9.819  0.943   0.49 11.14 ? 29  LEU A N   1 
ATOM   249 N N   B LEU A 1 29 ? -2.948  -9.959  0.770   0.51 11.60 ? 29  LEU A N   1 
ATOM   250 C CA  A LEU A 1 29 ? -1.752  -9.729  -0.150  0.49 11.21 ? 29  LEU A CA  1 
ATOM   251 C CA  B LEU A 1 29 ? -2.519  -9.661  -0.578  0.51 11.19 ? 29  LEU A CA  1 
ATOM   252 C C   A LEU A 1 29 ? -1.782  -8.265  -0.556  0.49 10.14 ? 29  LEU A C   1 
ATOM   253 C C   B LEU A 1 29 ? -2.052  -8.211  -0.697  0.51 9.42  ? 29  LEU A C   1 
ATOM   254 O O   A LEU A 1 29 ? -2.581  -7.458  -0.097  0.49 11.45 ? 29  LEU A O   1 
ATOM   255 O O   B LEU A 1 29 ? -2.713  -7.367  -0.149  0.51 9.97  ? 29  LEU A O   1 
ATOM   256 C CB  A LEU A 1 29 ? -2.001  -10.742 -1.261  0.49 14.64 ? 29  LEU A CB  1 
ATOM   257 C CB  B LEU A 1 29 ? -3.601  -9.907  -1.665  0.51 14.25 ? 29  LEU A CB  1 
ATOM   258 C CG  A LEU A 1 29 ? -3.364  -10.997 -1.744  0.49 15.55 ? 29  LEU A CG  1 
ATOM   259 C CG  B LEU A 1 29 ? -4.341  -11.263 -1.710  0.51 14.29 ? 29  LEU A CG  1 
ATOM   260 C CD1 A LEU A 1 29 ? -3.958  -9.726  -2.394  0.49 17.92 ? 29  LEU A CD1 1 
ATOM   261 C CD1 B LEU A 1 29 ? -5.515  -11.264 -2.623  0.51 16.47 ? 29  LEU A CD1 1 
ATOM   262 C CD2 A LEU A 1 29 ? -3.475  -12.108 -2.770  0.49 17.97 ? 29  LEU A CD2 1 
ATOM   263 C CD2 B LEU A 1 29 ? -3.336  -12.309 -2.143  0.51 16.86 ? 29  LEU A CD2 1 
ATOM   264 N N   . CYS A 1 30 ? -0.906  -7.939  -1.434  1.00 9.87  ? 30  CYS A N   1 
ATOM   265 C CA  . CYS A 1 30 ? -0.715  -6.595  -1.916  1.00 9.33  ? 30  CYS A CA  1 
ATOM   266 C C   . CYS A 1 30 ? -1.509  -6.383  -3.194  1.00 9.55  ? 30  CYS A C   1 
ATOM   267 O O   . CYS A 1 30 ? -1.445  -7.176  -4.134  1.00 11.71 ? 30  CYS A O   1 
ATOM   268 C CB  . CYS A 1 30 ? 0.773   -6.305  -2.153  1.00 11.70 ? 30  CYS A CB  1 
ATOM   269 S SG  . CYS A 1 30 ? 1.672   -6.175  -0.533  1.00 11.57 ? 30  CYS A SG  1 
ATOM   270 N N   . GLN A 1 31 ? -2.250  -5.298  -3.226  1.00 9.81  ? 31  GLN A N   1 
ATOM   271 C CA  . GLN A 1 31 ? -3.152  -4.928  -4.304  1.00 9.65  ? 31  GLN A CA  1 
ATOM   272 C C   . GLN A 1 31 ? -2.788  -3.559  -4.840  1.00 9.57  ? 31  GLN A C   1 
ATOM   273 O O   . GLN A 1 31 ? -2.134  -2.763  -4.165  1.00 10.93 ? 31  GLN A O   1 
ATOM   274 C CB  . GLN A 1 31 ? -4.598  -4.968  -3.848  1.00 10.25 ? 31  GLN A CB  1 
ATOM   275 C CG  . GLN A 1 31 ? -5.035  -6.366  -3.439  1.00 11.27 ? 31  GLN A CG  1 
ATOM   276 C CD  . GLN A 1 31 ? -6.436  -6.404  -2.852  1.00 12.17 ? 31  GLN A CD  1 
ATOM   277 O OE1 . GLN A 1 31 ? -6.922  -5.405  -2.346  1.00 12.90 ? 31  GLN A OE1 1 
ATOM   278 N NE2 . GLN A 1 31 ? -7.060  -7.528  -2.872  1.00 16.66 ? 31  GLN A NE2 1 
ATOM   279 N N   . THR A 1 32 ? -3.254  -3.231  -6.063  1.00 10.14 ? 32  THR A N   1 
ATOM   280 C CA  . THR A 1 32 ? -3.030  -1.925  -6.603  1.00 10.58 ? 32  THR A CA  1 
ATOM   281 C C   . THR A 1 32 ? -4.099  -0.934  -6.178  1.00 10.59 ? 32  THR A C   1 
ATOM   282 O O   . THR A 1 32 ? -5.253  -1.276  -5.882  1.00 11.54 ? 32  THR A O   1 
ATOM   283 C CB  . THR A 1 32 ? -2.957  -1.953  -8.161  1.00 11.98 ? 32  THR A CB  1 
ATOM   284 O OG1 . THR A 1 32 ? -4.197  -2.429  -8.654  1.00 14.40 ? 32  THR A OG1 1 
ATOM   285 C CG2 . THR A 1 32 ? -1.802  -2.829  -8.633  1.00 14.07 ? 32  THR A CG2 1 
ATOM   286 N N   . PHE A 1 33 ? -3.708  0.348   -6.181  1.00 10.72 ? 33  PHE A N   1 
ATOM   287 C CA  . PHE A 1 33 ? -4.637  1.437   -5.998  1.00 10.90 ? 33  PHE A CA  1 
ATOM   288 C C   . PHE A 1 33 ? -4.068  2.651   -6.735  1.00 11.06 ? 33  PHE A C   1 
ATOM   289 O O   . PHE A 1 33 ? -2.912  2.697   -7.099  1.00 11.52 ? 33  PHE A O   1 
ATOM   290 C CB  . PHE A 1 33 ? -4.908  1.768   -4.525  1.00 11.40 ? 33  PHE A CB  1 
ATOM   291 C CG  . PHE A 1 33 ? -3.830  2.536   -3.791  1.00 10.51 ? 33  PHE A CG  1 
ATOM   292 C CD1 . PHE A 1 33 ? -2.656  1.915   -3.416  1.00 10.10 ? 33  PHE A CD1 1 
ATOM   293 C CD2 . PHE A 1 33 ? -4.004  3.874   -3.460  1.00 11.32 ? 33  PHE A CD2 1 
ATOM   294 C CE1 . PHE A 1 33 ? -1.697  2.611   -2.704  1.00 10.34 ? 33  PHE A CE1 1 
ATOM   295 C CE2 . PHE A 1 33 ? -3.038  4.539   -2.742  1.00 11.46 ? 33  PHE A CE2 1 
ATOM   296 C CZ  . PHE A 1 33 ? -1.887  3.913   -2.340  1.00 10.58 ? 33  PHE A CZ  1 
ATOM   297 N N   . VAL A 1 34 ? -4.949  3.665   -6.942  1.00 11.70 ? 34  VAL A N   1 
ATOM   298 C CA  . VAL A 1 34 ? -4.577  4.895   -7.598  1.00 12.64 ? 34  VAL A CA  1 
ATOM   299 C C   . VAL A 1 34 ? -4.260  5.913   -6.544  1.00 11.99 ? 34  VAL A C   1 
ATOM   300 O O   . VAL A 1 34 ? -5.075  6.352   -5.763  1.00 14.05 ? 34  VAL A O   1 
ATOM   301 C CB  . VAL A 1 34 ? -5.638  5.366   -8.589  1.00 16.55 ? 34  VAL A CB  1 
ATOM   302 C CG1 . VAL A 1 34 ? -5.154  6.653   -9.269  1.00 20.20 ? 34  VAL A CG1 1 
ATOM   303 C CG2 . VAL A 1 34 ? -5.934  4.306   -9.602  1.00 17.87 ? 34  VAL A CG2 1 
ATOM   304 N N   . TYR A 1 35 ? -2.981  6.405   -6.578  1.00 11.84 ? 35  TYR A N   1 
ATOM   305 C CA  . TYR A 1 35 ? -2.461  7.438   -5.714  1.00 11.65 ? 35  TYR A CA  1 
ATOM   306 C C   . TYR A 1 35 ? -2.428  8.768   -6.454  1.00 12.07 ? 35  TYR A C   1 
ATOM   307 O O   . TYR A 1 35 ? -2.061  8.830   -7.608  1.00 13.31 ? 35  TYR A O   1 
ATOM   308 C CB  . TYR A 1 35 ? -1.070  7.014   -5.231  1.00 11.03 ? 35  TYR A CB  1 
ATOM   309 C CG  . TYR A 1 35 ? -0.282  8.054   -4.516  1.00 11.19 ? 35  TYR A CG  1 
ATOM   310 C CD1 . TYR A 1 35 ? -0.768  8.687   -3.359  1.00 10.69 ? 35  TYR A CD1 1 
ATOM   311 C CD2 . TYR A 1 35 ? 0.996   8.436   -4.953  1.00 11.79 ? 35  TYR A CD2 1 
ATOM   312 C CE1 . TYR A 1 35 ? -0.012  9.660   -2.719  1.00 11.37 ? 35  TYR A CE1 1 
ATOM   313 C CE2 . TYR A 1 35 ? 1.730   9.389   -4.324  1.00 12.96 ? 35  TYR A CE2 1 
ATOM   314 C CZ  . TYR A 1 35 ? 1.226   10.017  -3.193  1.00 12.11 ? 35  TYR A CZ  1 
ATOM   315 O OH  . TYR A 1 35 ? 1.947   10.994  -2.539  1.00 12.87 ? 35  TYR A OH  1 
ATOM   316 N N   . GLY A 1 36 ? -2.837  9.853   -5.742  1.00 12.47 ? 36  GLY A N   1 
ATOM   317 C CA  . GLY A 1 36 ? -2.955  11.129  -6.389  1.00 13.45 ? 36  GLY A CA  1 
ATOM   318 C C   . GLY A 1 36 ? -1.756  11.963  -6.461  1.00 13.66 ? 36  GLY A C   1 
ATOM   319 O O   . GLY A 1 36 ? -1.764  13.067  -7.075  1.00 15.55 ? 36  GLY A O   1 
ATOM   320 N N   . GLY A 1 37 ? -0.630  11.539  -5.855  1.00 13.71 ? 37  GLY A N   1 
ATOM   321 C CA  . GLY A 1 37 ? 0.629   12.202  -5.962  1.00 14.76 ? 37  GLY A CA  1 
ATOM   322 C C   . GLY A 1 37 ? 1.049   13.112  -4.872  1.00 14.37 ? 37  GLY A C   1 
ATOM   323 O O   . GLY A 1 37 ? 2.142   13.642  -4.962  1.00 17.22 ? 37  GLY A O   1 
ATOM   324 N N   . CYS A 1 38 ? 0.261   13.291  -3.839  1.00 14.06 ? 38  CYS A N   1 
ATOM   325 C CA  . CYS A 1 38 ? 0.688   14.049  -2.674  1.00 14.85 ? 38  CYS A CA  1 
ATOM   326 C C   . CYS A 1 38 ? 0.268   13.328  -1.397  1.00 13.20 ? 38  CYS A C   1 
ATOM   327 O O   . CYS A 1 38 ? -0.752  12.672  -1.329  1.00 12.98 ? 38  CYS A O   1 
ATOM   328 C CB  A CYS A 1 38 ? -0.109  15.390  -2.541  0.40 14.98 ? 38  CYS A CB  1 
ATOM   329 C CB  B CYS A 1 38 ? 0.520   15.524  -2.756  0.60 15.88 ? 38  CYS A CB  1 
ATOM   330 S SG  A CYS A 1 38 ? -0.082  16.503  -3.989  0.40 15.45 ? 38  CYS A SG  1 
ATOM   331 S SG  B CYS A 1 38 ? -1.245  15.815  -2.542  0.60 15.74 ? 38  CYS A SG  1 
ATOM   332 N N   . ARG A 1 39 ? 1.052   13.543  -0.346  1.00 12.86 ? 39  ARG A N   1 
ATOM   333 C CA  . ARG A 1 39 ? 0.695   13.197  0.999   1.00 13.45 ? 39  ARG A CA  1 
ATOM   334 C C   . ARG A 1 39 ? 0.608   11.671  1.226   1.00 11.44 ? 39  ARG A C   1 
ATOM   335 O O   . ARG A 1 39 ? -0.157  11.193  2.055   1.00 12.01 ? 39  ARG A O   1 
ATOM   336 C CB  . ARG A 1 39 ? -0.584  13.916  1.505   1.00 16.24 ? 39  ARG A CB  1 
ATOM   337 C CG  A ARG A 1 39 ? -0.123  15.376  1.774   0.31 18.78 ? 39  ARG A CG  1 
ATOM   338 C CG  B ARG A 1 39 ? -0.657  15.413  1.377   0.69 18.39 ? 39  ARG A CG  1 
ATOM   339 C CD  A ARG A 1 39 ? -1.275  16.181  2.309   0.31 19.54 ? 39  ARG A CD  1 
ATOM   340 C CD  B ARG A 1 39 ? -0.076  16.057  2.603   0.69 21.77 ? 39  ARG A CD  1 
ATOM   341 N NE  A ARG A 1 39 ? -0.958  17.575  2.522   0.31 23.35 ? 39  ARG A NE  1 
ATOM   342 N NE  B ARG A 1 39 ? -0.217  17.490  2.593   0.69 23.35 ? 39  ARG A NE  1 
ATOM   343 C CZ  A ARG A 1 39 ? -0.017  18.394  2.121   0.31 24.42 ? 39  ARG A CZ  1 
ATOM   344 C CZ  B ARG A 1 39 ? -0.996  18.522  2.925   0.69 26.28 ? 39  ARG A CZ  1 
ATOM   345 N NH1 A ARG A 1 39 ? 1.007   18.118  1.332   0.31 26.09 ? 39  ARG A NH1 1 
ATOM   346 N NH1 B ARG A 1 39 ? -2.184  18.399  3.531   0.69 30.27 ? 39  ARG A NH1 1 
ATOM   347 N NH2 A ARG A 1 39 ? -0.086  19.654  2.548   0.31 23.70 ? 39  ARG A NH2 1 
ATOM   348 N NH2 B ARG A 1 39 ? -0.647  19.782  2.673   0.69 28.72 ? 39  ARG A NH2 1 
ATOM   349 N N   . ALA A 1 40 ? 1.439   10.921  0.524   1.00 11.40 ? 40  ALA A N   1 
ATOM   350 C CA  . ALA A 1 40 ? 1.476   9.483   0.695   1.00 10.56 ? 40  ALA A CA  1 
ATOM   351 C C   . ALA A 1 40 ? 1.615   9.102   2.165   1.00 10.17 ? 40  ALA A C   1 
ATOM   352 O O   . ALA A 1 40 ? 2.450   9.645   2.876   1.00 11.32 ? 40  ALA A O   1 
ATOM   353 C CB  . ALA A 1 40 ? 2.674   8.897   -0.062  1.00 11.86 ? 40  ALA A CB  1 
ATOM   354 N N   . LYS A 1 41 ? 0.879   8.055   2.526   1.00 9.31  ? 41  LYS A N   1 
ATOM   355 C CA  . LYS A 1 41 ? 1.066   7.368   3.766   1.00 9.18  ? 41  LYS A CA  1 
ATOM   356 C C   . LYS A 1 41 ? 1.973   6.162   3.532   1.00 8.65  ? 41  LYS A C   1 
ATOM   357 O O   . LYS A 1 41 ? 2.458   5.942   2.431   1.00 9.59  ? 41  LYS A O   1 
ATOM   358 C CB  . LYS A 1 41 ? -0.257  7.018   4.422   1.00 9.93  ? 41  LYS A CB  1 
ATOM   359 C CG  . LYS A 1 41 ? -1.037  8.307   4.745   1.00 11.23 ? 41  LYS A CG  1 
ATOM   360 C CD  . LYS A 1 41 ? -2.314  8.036   5.499   1.00 12.27 ? 41  LYS A CD  1 
ATOM   361 C CE  . LYS A 1 41 ? -3.139  9.264   5.728   1.00 15.10 ? 41  LYS A CE  1 
ATOM   362 N NZ  . LYS A 1 41 ? -2.503  10.358  6.497   1.00 16.93 ? 41  LYS A NZ  1 
ATOM   363 N N   . ARG A 1 42 ? 2.263   5.389   4.595   1.00 8.32  ? 42  ARG A N   1 
ATOM   364 C CA  . ARG A 1 42 ? 3.321   4.386   4.481   1.00 8.49  ? 42  ARG A CA  1 
ATOM   365 C C   . ARG A 1 42 ? 2.868   3.110   3.754   1.00 8.37  ? 42  ARG A C   1 
ATOM   366 O O   . ARG A 1 42 ? 3.712   2.436   3.163   1.00 9.25  ? 42  ARG A O   1 
ATOM   367 C CB  . ARG A 1 42 ? 3.902   4.054   5.837   1.00 8.66  ? 42  ARG A CB  1 
ATOM   368 C CG  . ARG A 1 42 ? 4.698   5.234   6.397   1.00 9.18  ? 42  ARG A CG  1 
ATOM   369 C CD  . ARG A 1 42 ? 5.187   4.982   7.818   1.00 9.53  ? 42  ARG A CD  1 
ATOM   370 N NE  . ARG A 1 42 ? 4.056   4.984   8.726   1.00 9.49  ? 42  ARG A NE  1 
ATOM   371 C CZ  . ARG A 1 42 ? 4.208   4.749   10.021  1.00 10.03 ? 42  ARG A CZ  1 
ATOM   372 N NH1 . ARG A 1 42 ? 5.405   4.479   10.541  1.00 11.55 ? 42  ARG A NH1 1 
ATOM   373 N NH2 . ARG A 1 42 ? 3.160   4.773   10.817  1.00 11.24 ? 42  ARG A NH2 1 
ATOM   374 N N   . ASN A 1 43 ? 1.569   2.787   3.793   1.00 8.22  ? 43  ASN A N   1 
ATOM   375 C CA  . ASN A 1 43 ? 1.063   1.586   3.092   1.00 8.14  ? 43  ASN A CA  1 
ATOM   376 C C   . ASN A 1 43 ? 0.805   1.965   1.617   1.00 8.12  ? 43  ASN A C   1 
ATOM   377 O O   . ASN A 1 43 ? -0.319  2.037   1.133   1.00 8.65  ? 43  ASN A O   1 
ATOM   378 C CB  . ASN A 1 43 ? -0.188  1.073   3.763   1.00 8.36  ? 43  ASN A CB  1 
ATOM   379 C CG  . ASN A 1 43 ? -0.573  -0.308  3.293   1.00 8.27  ? 43  ASN A CG  1 
ATOM   380 O OD1 . ASN A 1 43 ? 0.213   -0.983  2.611   1.00 8.66  ? 43  ASN A OD1 1 
ATOM   381 N ND2 . ASN A 1 43 ? -1.774  -0.756  3.667   1.00 9.01  ? 43  ASN A ND2 1 
ATOM   382 N N   . ASN A 1 44 ? 1.941   2.234   0.939   1.00 8.50  ? 44  ASN A N   1 
ATOM   383 C CA  . ASN A 1 44 ? 1.926   2.798   -0.406  1.00 8.53  ? 44  ASN A CA  1 
ATOM   384 C C   . ASN A 1 44 ? 3.326   2.510   -0.960  1.00 8.36  ? 44  ASN A C   1 
ATOM   385 O O   . ASN A 1 44 ? 4.315   3.086   -0.467  1.00 9.41  ? 44  ASN A O   1 
ATOM   386 C CB  . ASN A 1 44 ? 1.642   4.306   -0.331  1.00 9.10  ? 44  ASN A CB  1 
ATOM   387 C CG  . ASN A 1 44 ? 1.780   5.013   -1.671  1.00 9.34  ? 44  ASN A CG  1 
ATOM   388 O OD1 . ASN A 1 44 ? 2.522   4.583   -2.548  1.00 10.98 ? 44  ASN A OD1 1 
ATOM   389 N ND2 . ASN A 1 44 ? 1.107   6.148   -1.766  1.00 9.98  ? 44  ASN A ND2 1 
ATOM   390 N N   . PHE A 1 45 ? 3.398   1.556   -1.869  1.00 8.10  ? 45  PHE A N   1 
ATOM   391 C CA  . PHE A 1 45 ? 4.659   1.024   -2.363  1.00 8.35  ? 45  PHE A CA  1 
ATOM   392 C C   . PHE A 1 45 ? 4.709   1.130   -3.866  1.00 8.19  ? 45  PHE A C   1 
ATOM   393 O O   . PHE A 1 45 ? 3.689   1.087   -4.576  1.00 8.86  ? 45  PHE A O   1 
ATOM   394 C CB  . PHE A 1 45 ? 4.796   -0.461  -1.967  1.00 8.51  ? 45  PHE A CB  1 
ATOM   395 C CG  . PHE A 1 45 ? 4.774   -0.688  -0.481  1.00 8.37  ? 45  PHE A CG  1 
ATOM   396 C CD1 . PHE A 1 45 ? 5.963   -0.671  0.229   1.00 9.02  ? 45  PHE A CD1 1 
ATOM   397 C CD2 . PHE A 1 45 ? 3.581   -0.912  0.186   1.00 8.68  ? 45  PHE A CD2 1 
ATOM   398 C CE1 . PHE A 1 45 ? 5.956   -0.900  1.622   1.00 9.66  ? 45  PHE A CE1 1 
ATOM   399 C CE2 . PHE A 1 45 ? 3.575   -1.146  1.559   1.00 9.21  ? 45  PHE A CE2 1 
ATOM   400 C CZ  . PHE A 1 45 ? 4.758   -1.123  2.263   1.00 9.80  ? 45  PHE A CZ  1 
ATOM   401 N N   . LYS A 1 46 ? 5.935   1.208   -4.403  1.00 8.81  ? 46  LYS A N   1 
ATOM   402 C CA  . LYS A 1 46 ? 6.142   1.316   -5.842  1.00 9.52  ? 46  LYS A CA  1 
ATOM   403 C C   . LYS A 1 46 ? 6.091   -0.032  -6.546  1.00 9.77  ? 46  LYS A C   1 
ATOM   404 O O   . LYS A 1 46 ? 6.010   -0.056  -7.782  1.00 12.36 ? 46  LYS A O   1 
ATOM   405 C CB  . LYS A 1 46 ? 7.428   2.047   -6.140  1.00 12.96 ? 46  LYS A CB  1 
ATOM   406 C CG  . LYS A 1 46 ? 7.197   3.602   -5.719  1.00 16.78 ? 46  LYS A CG  1 
ATOM   407 C CD  A LYS A 1 46 ? 8.468   4.334   -5.202  0.39 17.37 ? 46  LYS A CD  1 
ATOM   408 C CD  B LYS A 1 46 ? 8.354   4.441   -6.090  0.61 14.58 ? 46  LYS A CD  1 
ATOM   409 C CE  A LYS A 1 46 ? 8.314   5.682   -4.473  0.39 17.26 ? 46  LYS A CE  1 
ATOM   410 C CE  B LYS A 1 46 ? 7.996   5.878   -5.674  0.61 17.99 ? 46  LYS A CE  1 
ATOM   411 N NZ  A LYS A 1 46 ? 9.650   6.401   -4.261  0.39 23.44 ? 46  LYS A NZ  1 
ATOM   412 N NZ  B LYS A 1 46 ? 9.162   6.774   -5.832  0.61 23.48 ? 46  LYS A NZ  1 
ATOM   413 N N   . SER A 1 47 ? 6.131   -1.135  -5.799  1.00 9.25  ? 47  SER A N   1 
ATOM   414 C CA  . SER A 1 47 ? 6.119   -2.463  -6.402  1.00 9.77  ? 47  SER A CA  1 
ATOM   415 C C   . SER A 1 47 ? 5.448   -3.424  -5.456  1.00 9.21  ? 47  SER A C   1 
ATOM   416 O O   . SER A 1 47 ? 5.436   -3.252  -4.220  1.00 9.13  ? 47  SER A O   1 
ATOM   417 C CB  . SER A 1 47 ? 7.514   -2.959  -6.712  1.00 10.94 ? 47  SER A CB  1 
ATOM   418 O OG  . SER A 1 47 ? 8.233   -3.167  -5.523  1.00 11.21 ? 47  SER A OG  1 
ATOM   419 N N   . ALA A 1 48 ? 4.955   -4.520  -6.029  1.00 9.47  ? 48  ALA A N   1 
ATOM   420 C CA  . ALA A 1 48 ? 4.443   -5.619  -5.228  1.00 9.26  ? 48  ALA A CA  1 
ATOM   421 C C   . ALA A 1 48 ? 5.529   -6.197  -4.346  1.00 8.93  ? 48  ALA A C   1 
ATOM   422 O O   . ALA A 1 48 ? 5.262   -6.568  -3.195  1.00 9.37  ? 48  ALA A O   1 
ATOM   423 C CB  . ALA A 1 48 ? 3.827   -6.688  -6.143  1.00 10.26 ? 48  ALA A CB  1 
ATOM   424 N N   . GLU A 1 49 ? 6.750   -6.338  -4.863  1.00 9.37  ? 49  GLU A N   1 
ATOM   425 C CA  . GLU A 1 49 ? 7.826   -6.911  -4.089  1.00 10.08 ? 49  GLU A CA  1 
ATOM   426 C C   . GLU A 1 49 ? 8.084   -6.117  -2.836  1.00 9.29  ? 49  GLU A C   1 
ATOM   427 O O   . GLU A 1 49 ? 8.264   -6.678  -1.753  1.00 10.12 ? 49  GLU A O   1 
ATOM   428 C CB  . GLU A 1 49 ? 9.101   -6.993  -4.934  1.00 12.49 ? 49  GLU A CB  1 
ATOM   429 C CG  . GLU A 1 49 ? 10.238  -7.671  -4.162  1.00 17.49 ? 49  GLU A CG  1 
ATOM   430 C CD  . GLU A 1 49 ? 11.483  -7.911  -5.015  1.00 26.89 ? 49  GLU A CD  1 
ATOM   431 O OE1 . GLU A 1 49 ? 11.724  -7.141  -5.956  1.00 30.67 ? 49  GLU A OE1 1 
ATOM   432 O OE2 . GLU A 1 49 ? 12.179  -8.866  -4.734  1.00 38.56 ? 49  GLU A OE2 1 
ATOM   433 N N   . ASP A 1 50 ? 8.159   -4.780  -2.954  1.00 9.25  ? 50  ASP A N   1 
ATOM   434 C CA  . ASP A 1 50 ? 8.468   -3.967  -1.786  1.00 9.36  ? 50  ASP A CA  1 
ATOM   435 C C   . ASP A 1 50 ? 7.313   -4.080  -0.754  1.00 8.87  ? 50  ASP A C   1 
ATOM   436 O O   . ASP A 1 50 ? 7.550   -4.159  0.444   1.00 9.56  ? 50  ASP A O   1 
ATOM   437 C CB  . ASP A 1 50 ? 8.689   -2.530  -2.169  1.00 10.89 ? 50  ASP A CB  1 
ATOM   438 C CG  A ASP A 1 50 ? 9.921   -2.120  -2.821  0.50 13.59 ? 50  ASP A CG  1 
ATOM   439 C CG  B ASP A 1 50 ? 9.505   -1.807  -1.101  0.50 10.67 ? 50  ASP A CG  1 
ATOM   440 O OD1 A ASP A 1 50 ? 10.804  -2.997  -2.832  0.50 15.82 ? 50  ASP A OD1 1 
ATOM   441 O OD1 B ASP A 1 50 ? 10.472  -2.371  -0.588  0.50 14.65 ? 50  ASP A OD1 1 
ATOM   442 O OD2 A ASP A 1 50 ? 10.034  -0.963  -3.266  0.50 16.53 ? 50  ASP A OD2 1 
ATOM   443 O OD2 B ASP A 1 50 ? 9.192   -0.623  -0.920  0.50 12.12 ? 50  ASP A OD2 1 
ATOM   444 N N   . CYS A 1 51 ? 6.082   -4.059  -1.259  1.00 8.58  ? 51  CYS A N   1 
ATOM   445 C CA  . CYS A 1 51 ? 4.930   -4.201  -0.384  1.00 8.38  ? 51  CYS A CA  1 
ATOM   446 C C   . CYS A 1 51 ? 4.971   -5.508  0.372   1.00 8.51  ? 51  CYS A C   1 
ATOM   447 O O   . CYS A 1 51 ? 4.752   -5.551  1.596   1.00 9.17  ? 51  CYS A O   1 
ATOM   448 C CB  . CYS A 1 51 ? 3.678   -4.057  -1.252  1.00 8.87  ? 51  CYS A CB  1 
ATOM   449 S SG  . CYS A 1 51 ? 2.121   -4.173  -0.364  1.00 10.14 ? 51  CYS A SG  1 
ATOM   450 N N   . LEU A 1 52 ? 5.222   -6.610  -0.331  1.00 8.53  ? 52  LEU A N   1 
ATOM   451 C CA  . LEU A 1 52 ? 5.194   -7.925  0.298   1.00 9.16  ? 52  LEU A CA  1 
ATOM   452 C C   . LEU A 1 52 ? 6.377   -8.080  1.257   1.00 9.14  ? 52  LEU A C   1 
ATOM   453 O O   . LEU A 1 52 ? 6.229   -8.689  2.334   1.00 9.97  ? 52  LEU A O   1 
ATOM   454 C CB  . LEU A 1 52 ? 5.205   -9.011  -0.753  1.00 10.38 ? 52  LEU A CB  1 
ATOM   455 C CG  . LEU A 1 52 ? 3.846   -9.144  -1.466  1.00 11.55 ? 52  LEU A CG  1 
ATOM   456 C CD1 . LEU A 1 52 ? 4.097   -9.891  -2.787  1.00 15.06 ? 52  LEU A CD1 1 
ATOM   457 C CD2 . LEU A 1 52 ? 2.787   -9.798  -0.634  1.00 14.04 ? 52  LEU A CD2 1 
ATOM   458 N N   . ARG A 1 53 ? 7.572   -7.607  0.875   1.00 9.38  ? 53  ARG A N   1 
ATOM   459 C CA  . ARG A 1 53 ? 8.725   -7.693  1.774   1.00 10.53 ? 53  ARG A CA  1 
ATOM   460 C C   . ARG A 1 53 ? 8.444   -6.985  3.096   1.00 9.81  ? 53  ARG A C   1 
ATOM   461 O O   . ARG A 1 53 ? 8.847   -7.441  4.162   1.00 10.85 ? 53  ARG A O   1 
ATOM   462 C CB  . ARG A 1 53 ? 9.988   -7.092  1.120   1.00 12.71 ? 53  ARG A CB  1 
ATOM   463 C CG  A ARG A 1 53 ? 11.237  -7.109  1.926   0.57 16.08 ? 53  ARG A CG  1 
ATOM   464 C CG  B ARG A 1 53 ? 11.248  -7.372  1.882   0.43 17.35 ? 53  ARG A CG  1 
ATOM   465 C CD  A ARG A 1 53 ? 12.427  -6.447  1.271   0.57 18.81 ? 53  ARG A CD  1 
ATOM   466 C CD  B ARG A 1 53 ? 12.469  -6.617  1.412   0.43 19.57 ? 53  ARG A CD  1 
ATOM   467 N NE  A ARG A 1 53 ? 12.733  -7.013  -0.062  0.57 20.38 ? 53  ARG A NE  1 
ATOM   468 N NE  B ARG A 1 53 ? 12.698  -6.673  -0.050  0.43 22.28 ? 53  ARG A NE  1 
ATOM   469 C CZ  A ARG A 1 53 ? 13.444  -6.435  -1.023  0.57 21.62 ? 53  ARG A CZ  1 
ATOM   470 C CZ  B ARG A 1 53 ? 12.370  -5.698  -0.907  0.43 22.91 ? 53  ARG A CZ  1 
ATOM   471 N NH1 A ARG A 1 53 ? 14.025  -5.226  -0.883  0.57 22.88 ? 53  ARG A NH1 1 
ATOM   472 N NH1 B ARG A 1 53 ? 11.792  -4.563  -0.474  0.43 24.75 ? 53  ARG A NH1 1 
ATOM   473 N NH2 A ARG A 1 53 ? 13.556  -7.159  -2.158  0.57 21.50 ? 53  ARG A NH2 1 
ATOM   474 N NH2 B ARG A 1 53 ? 12.613  -5.858  -2.206  0.43 25.66 ? 53  ARG A NH2 1 
ATOM   475 N N   . THR A 1 54 ? 7.779   -5.825  3.011   1.00 9.52  ? 54  THR A N   1 
ATOM   476 C CA  . THR A 1 54 ? 7.543   -5.035  4.187   1.00 9.33  ? 54  THR A CA  1 
ATOM   477 C C   . THR A 1 54 ? 6.405   -5.569  5.056   1.00 9.43  ? 54  THR A C   1 
ATOM   478 O O   . THR A 1 54 ? 6.487   -5.627  6.256   1.00 10.43 ? 54  THR A O   1 
ATOM   479 C CB  . THR A 1 54 ? 7.305   -3.574  3.771   1.00 10.70 ? 54  THR A CB  1 
ATOM   480 O OG1 . THR A 1 54 ? 8.417   -3.085  3.056   1.00 14.18 ? 54  THR A OG1 1 
ATOM   481 C CG2 . THR A 1 54 ? 7.065   -2.689  4.981   1.00 12.88 ? 54  THR A CG2 1 
ATOM   482 N N   . CYS A 1 55 ? 5.304   -5.926  4.369   1.00 9.42  ? 55  CYS A N   1 
ATOM   483 C CA  . CYS A 1 55 ? 4.011   -6.153  5.004   1.00 9.91  ? 55  CYS A CA  1 
ATOM   484 C C   . CYS A 1 55 ? 3.505   -7.571  5.003   1.00 11.03 ? 55  CYS A C   1 
ATOM   485 O O   . CYS A 1 55 ? 2.525   -7.855  5.691   1.00 13.07 ? 55  CYS A O   1 
ATOM   486 C CB  . CYS A 1 55 ? 2.933   -5.287  4.348   1.00 10.52 ? 55  CYS A CB  1 
ATOM   487 S SG  . CYS A 1 55 ? 3.145   -3.492  4.626   1.00 10.74 ? 55  CYS A SG  1 
ATOM   488 N N   A GLY A 1 56 ? 4.136   -8.518  4.283   0.46 11.52 ? 56  GLY A N   1 
ATOM   489 N N   B GLY A 1 56 ? 4.056   -8.420  4.095   0.54 11.19 ? 56  GLY A N   1 
ATOM   490 C CA  A GLY A 1 56 ? 3.494   -9.829  4.240   0.46 12.07 ? 56  GLY A CA  1 
ATOM   491 C CA  B GLY A 1 56 ? 3.566   -9.739  3.757   0.54 11.68 ? 56  GLY A CA  1 
ATOM   492 C C   A GLY A 1 56 ? 3.753   -10.733 5.432   0.46 13.47 ? 56  GLY A C   1 
ATOM   493 C C   B GLY A 1 56 ? 4.146   -10.925 4.501   0.54 12.83 ? 56  GLY A C   1 
ATOM   494 O O   A GLY A 1 56 ? 2.892   -11.594 5.672   0.46 19.07 ? 56  GLY A O   1 
ATOM   495 O O   B GLY A 1 56 ? 4.020   -12.063 4.075   0.54 16.39 ? 56  GLY A O   1 
ATOM   496 N N   A GLY A 1 57 ? 4.862   -10.560 6.154   0.53 16.66 ? 57  GLY A N   1 
ATOM   497 N N   B GLY A 1 57 ? 4.764   -10.690 5.677   0.47 15.03 ? 57  GLY A N   1 
ATOM   498 C CA  A GLY A 1 57 ? 5.186   -11.556 7.245   0.53 20.16 ? 57  GLY A CA  1 
ATOM   499 C CA  B GLY A 1 57 ? 4.994   -11.681 6.756   0.47 20.25 ? 57  GLY A CA  1 
ATOM   500 C C   A GLY A 1 57 ? 4.225   -11.293 8.378   0.53 21.82 ? 57  GLY A C   1 
ATOM   501 C C   B GLY A 1 57 ? 3.880   -12.214 7.619   0.47 23.89 ? 57  GLY A C   1 
ATOM   502 O O   A GLY A 1 57 ? 3.826   -10.170 8.669   0.53 18.16 ? 57  GLY A O   1 
ATOM   503 O O   B GLY A 1 57 ? 2.827   -12.454 7.071   0.47 26.06 ? 57  GLY A O   1 
ATOM   504 N N   . ALA A 1 58 ? 3.895   -12.453 8.957   1.00 29.58 ? 58  ALA A N   1 
ATOM   505 C CA  . ALA A 1 58 ? 3.047   -12.412 10.128  1.00 34.03 ? 58  ALA A CA  1 
ATOM   506 C C   . ALA A 1 58 ? 3.524   -11.341 11.137  1.00 35.01 ? 58  ALA A C   1 
ATOM   507 O O   . ALA A 1 58 ? 4.742   -11.075 11.086  1.00 43.62 ? 58  ALA A O   1 
ATOM   508 C CB  . ALA A 1 58 ? 2.906   -13.747 10.866  1.00 34.67 ? 58  ALA A CB  1 
ATOM   509 O OXT . ALA A 1 58 ? 2.795   -10.762 11.987  1.00 35.59 ? 58  ALA A OXT 1 
HETATM 510 S S   . SO4 B 2 .  ? 0.439   5.985   8.344   1.00 10.58 ? 61  SO4 A S   1 
HETATM 511 O O1  . SO4 B 2 .  ? 0.229   7.366   8.649   1.00 21.88 ? 61  SO4 A O1  1 
HETATM 512 O O2  . SO4 B 2 .  ? -0.752  5.476   7.715   1.00 10.33 ? 61  SO4 A O2  1 
HETATM 513 O O3  . SO4 B 2 .  ? 0.685   5.257   9.563   1.00 19.79 ? 61  SO4 A O3  1 
HETATM 514 O O4  . SO4 B 2 .  ? 1.593   5.842   7.476   1.00 11.26 ? 61  SO4 A O4  1 
HETATM 515 S S   . SO4 C 2 .  ? 5.260   10.174  -3.612  1.00 18.72 ? 62  SO4 A S   1 
HETATM 516 O O1  . SO4 C 2 .  ? 4.382   11.293  -3.265  1.00 18.59 ? 62  SO4 A O1  1 
HETATM 517 O O2  . SO4 C 2 .  ? 4.831   8.897   -3.014  1.00 18.39 ? 62  SO4 A O2  1 
HETATM 518 O O3  . SO4 C 2 .  ? 6.658   10.426  -3.201  1.00 25.23 ? 62  SO4 A O3  1 
HETATM 519 O O4  . SO4 C 2 .  ? 5.369   10.011  -5.051  1.00 23.60 ? 62  SO4 A O4  1 
HETATM 520 S S   . SO4 D 2 .  ? 4.299   3.821   14.116  1.00 19.60 ? 63  SO4 A S   1 
HETATM 521 O O1  . SO4 D 2 .  ? 3.445   4.996   14.186  1.00 34.23 ? 63  SO4 A O1  1 
HETATM 522 O O2  . SO4 D 2 .  ? 3.420   2.746   13.578  1.00 30.53 ? 63  SO4 A O2  1 
HETATM 523 O O3  . SO4 D 2 .  ? 4.740   3.408   15.396  1.00 27.10 ? 63  SO4 A O3  1 
HETATM 524 O O4  . SO4 D 2 .  ? 5.349   4.079   13.288  1.00 26.36 ? 63  SO4 A O4  1 
HETATM 525 S S   . SO4 E 2 .  ? -2.154  19.027  -8.697  0.50 58.04 ? 64  SO4 A S   1 
HETATM 526 O O1  . SO4 E 2 .  ? -2.898  19.795  -9.760  0.50 66.76 ? 64  SO4 A O1  1 
HETATM 527 O O3  . SO4 E 2 .  ? -2.877  17.783  -8.305  0.50 47.83 ? 64  SO4 A O3  1 
HETATM 528 S S   . SO4 F 2 .  ? 5.351   -2.024  14.403  0.50 18.70 ? 65  SO4 A S   1 
HETATM 529 O O1  . SO4 F 2 .  ? 4.591   -1.123  13.620  0.50 27.69 ? 65  SO4 A O1  1 
HETATM 530 O O3  . SO4 F 2 .  ? 4.502   -3.187  14.762  0.50 33.18 ? 65  SO4 A O3  1 
HETATM 531 S S   . SO4 G 2 .  ? 3.689   16.120  -0.150  0.50 44.05 ? 66  SO4 A S   1 
HETATM 532 O O1  . SO4 G 2 .  ? 2.940   15.839  1.120   1.00 50.46 ? 66  SO4 A O1  1 
HETATM 533 O O2  . SO4 G 2 .  ? 3.529   14.899  -0.990  1.00 41.94 ? 66  SO4 A O2  1 
HETATM 534 O O3  . SO4 G 2 .  ? 5.133   16.243  0.218   1.00 52.07 ? 66  SO4 A O3  1 
HETATM 535 O O4  . SO4 G 2 .  ? 3.314   17.379  -0.907  1.00 46.86 ? 66  SO4 A O4  1 
HETATM 536 S S   . SO4 H 2 .  ? -1.972  -13.291 9.250   0.50 62.80 ? 68  SO4 A S   1 
HETATM 537 O O1  . SO4 H 2 .  ? -2.005  -13.017 7.772   0.50 59.76 ? 68  SO4 A O1  1 
HETATM 538 O O2  . SO4 H 2 .  ? -1.921  -12.031 10.041  0.50 63.03 ? 68  SO4 A O2  1 
HETATM 539 O O3  . SO4 H 2 .  ? -0.751  -14.123 9.545   0.50 58.52 ? 68  SO4 A O3  1 
HETATM 540 O O4  . SO4 H 2 .  ? -3.210  -14.055 9.646   0.50 62.25 ? 68  SO4 A O4  1 
HETATM 541 S S   A SO4 I 2 .  ? -8.707  8.617   0.197   0.35 20.04 ? 67  SO4 A S   1 
HETATM 542 O O1  A SO4 I 2 .  ? -9.233  8.393   1.584   0.35 26.63 ? 67  SO4 A O1  1 
HETATM 543 O O2  A SO4 I 2 .  ? -7.964  7.389   -0.194  0.35 17.59 ? 67  SO4 A O2  1 
HETATM 544 O O3  A SO4 I 2 .  ? -7.975  9.902   0.003   0.35 20.76 ? 67  SO4 A O3  1 
HETATM 545 O O4  A SO4 I 2 .  ? -9.882  8.655   -0.777  0.35 29.67 ? 67  SO4 A O4  1 
HETATM 546 C C1  . EDO J 3 .  ? 1.350   11.440  5.546   1.00 29.07 ? 81  EDO A C1  1 
HETATM 547 O O1  . EDO J 3 .  ? 0.929   10.988  6.847   1.00 34.33 ? 81  EDO A O1  1 
HETATM 548 C C2  . EDO J 3 .  ? 0.363   12.429  5.015   1.00 28.51 ? 81  EDO A C2  1 
HETATM 549 O O2  . EDO J 3 .  ? -0.925  11.876  4.598   1.00 16.91 ? 81  EDO A O2  1 
HETATM 550 C C1  . EDO K 3 .  ? -6.208  -8.451  10.713  1.00 49.68 ? 82  EDO A C1  1 
HETATM 551 O O1  . EDO K 3 .  ? -5.004  -7.620  10.648  1.00 53.99 ? 82  EDO A O1  1 
HETATM 552 C C2  . EDO K 3 .  ? -6.256  -9.147  9.370   1.00 51.15 ? 82  EDO A C2  1 
HETATM 553 O O2  . EDO K 3 .  ? -7.361  -10.120 9.411   1.00 59.73 ? 82  EDO A O2  1 
HETATM 554 O O   . HOH L 4 .  ? -1.674  4.407   1.449   1.00 9.97  ? 101 HOH A O   1 
HETATM 555 O O   . HOH L 4 .  ? -2.191  4.072   4.071   1.00 10.22 ? 102 HOH A O   1 
HETATM 556 O O   . HOH L 4 .  ? -2.416  0.468   12.043  1.00 15.13 ? 103 HOH A O   1 
HETATM 557 O O   . HOH L 4 .  ? -0.768  6.767   0.395   1.00 9.79  ? 104 HOH A O   1 
HETATM 558 O O   . HOH L 4 .  ? -2.698  12.775  -3.353  1.00 13.43 ? 105 HOH A O   1 
HETATM 559 O O   . HOH L 4 .  ? -0.251  3.407   6.012   1.00 9.13  ? 106 HOH A O   1 
HETATM 560 O O   . HOH L 4 .  ? 7.416   -6.240  -7.700  1.00 11.99 ? 107 HOH A O   1 
HETATM 561 O O   . HOH L 4 .  ? -4.605  2.555   13.539  1.00 11.62 ? 108 HOH A O   1 
HETATM 562 O O   . HOH L 4 .  ? 3.998   3.707   -10.083 1.00 17.05 ? 109 HOH A O   1 
HETATM 563 O O   . HOH L 4 .  ? 8.151   1.115   -2.616  1.00 16.08 ? 110 HOH A O   1 
HETATM 564 O O   . HOH L 4 .  ? -7.814  -1.515  7.019   0.70 17.01 ? 111 HOH A O   1 
HETATM 565 O O   . HOH L 4 .  ? -2.988  -9.894  7.010   1.00 21.48 ? 112 HOH A O   1 
HETATM 566 O O   . HOH L 4 .  ? -5.101  5.768   5.246   1.00 13.64 ? 113 HOH A O   1 
HETATM 567 O O   . HOH L 4 .  ? 4.726   5.605   0.754   1.00 18.72 ? 114 HOH A O   1 
HETATM 568 O O   . HOH L 4 .  ? 3.900   0.795   11.866  1.00 14.18 ? 115 HOH A O   1 
HETATM 569 O O   . HOH L 4 .  ? 5.277   5.635   -8.731  1.00 21.96 ? 116 HOH A O   1 
HETATM 570 O O   . HOH L 4 .  ? -5.130  -5.352  -7.189  1.00 14.19 ? 117 HOH A O   1 
HETATM 571 O O   . HOH L 4 .  ? -10.721 -6.448  0.964   1.00 19.11 ? 118 HOH A O   1 
HETATM 572 O O   . HOH L 4 .  ? -9.216  3.690   1.566   1.00 29.66 ? 119 HOH A O   1 
HETATM 573 O O   . HOH L 4 .  ? -2.741  13.506  -13.892 1.00 25.50 ? 120 HOH A O   1 
HETATM 574 O O   . HOH L 4 .  ? -5.466  16.583  1.982   0.50 27.20 ? 121 HOH A O   1 
HETATM 575 O O   . HOH L 4 .  ? 4.112   12.340  -0.491  1.00 22.66 ? 122 HOH A O   1 
HETATM 576 O O   . HOH L 4 .  ? 2.396   8.648   6.805   1.00 25.05 ? 123 HOH A O   1 
HETATM 577 O O   . HOH L 4 .  ? -4.194  10.785  -15.571 1.00 22.77 ? 124 HOH A O   1 
HETATM 578 O O   . HOH L 4 .  ? -6.911  -3.374  -6.632  1.00 18.36 ? 125 HOH A O   1 
HETATM 579 O O   . HOH L 4 .  ? 4.240   11.737  2.489   1.00 31.45 ? 126 HOH A O   1 
HETATM 580 O O   . HOH L 4 .  ? -8.442  -5.374  4.672   1.00 23.69 ? 127 HOH A O   1 
HETATM 581 O O   . HOH L 4 .  ? 10.885  -3.614  1.644   1.00 28.62 ? 128 HOH A O   1 
HETATM 582 O O   . HOH L 4 .  ? 10.807  -3.718  -6.538  1.00 29.54 ? 129 HOH A O   1 
HETATM 583 O O   . HOH L 4 .  ? 5.465   -1.891  -10.042 1.00 32.48 ? 130 HOH A O   1 
HETATM 584 O O   . HOH L 4 .  ? 7.251   -8.923  6.098   0.50 20.47 ? 131 HOH A O   1 
HETATM 585 O O   . HOH L 4 .  ? 6.239   -9.562  9.355   1.00 40.86 ? 132 HOH A O   1 
HETATM 586 O O   . HOH L 4 .  ? 9.508   1.042   1.000   0.50 31.44 ? 133 HOH A O   1 
HETATM 587 O O   . HOH L 4 .  ? -9.961  -7.875  -2.424  1.00 34.03 ? 134 HOH A O   1 
HETATM 588 O O   . HOH L 4 .  ? -3.630  5.811   7.759   1.00 13.24 ? 135 HOH A O   1 
HETATM 589 O O   . HOH L 4 .  ? -7.750  3.097   -6.387  1.00 21.41 ? 136 HOH A O   1 
HETATM 590 O O   . HOH L 4 .  ? 6.176   2.702   1.894   1.00 18.43 ? 137 HOH A O   1 
HETATM 591 O O   . HOH L 4 .  ? -0.299  3.147   11.185  1.00 21.59 ? 138 HOH A O   1 
HETATM 592 O O   . HOH L 4 .  ? -2.726  2.148   15.532  0.50 16.21 ? 139 HOH A O   1 
HETATM 593 O O   . HOH L 4 .  ? -1.544  9.264   8.876   1.00 25.09 ? 140 HOH A O   1 
HETATM 594 O O   . HOH L 4 .  ? 5.791   4.527   -2.653  1.00 24.06 ? 141 HOH A O   1 
HETATM 595 O O   . HOH L 4 .  ? -6.972  11.855  -5.519  1.00 36.88 ? 142 HOH A O   1 
HETATM 596 O O   . HOH L 4 .  ? 7.322   3.310   -0.753  0.50 18.77 ? 143 HOH A O   1 
HETATM 597 O O   . HOH L 4 .  ? -7.814  4.024   -2.343  1.00 35.73 ? 144 HOH A O   1 
HETATM 598 O O   . HOH L 4 .  ? 10.237  -6.370  -8.118  0.50 22.89 ? 145 HOH A O   1 
HETATM 599 O O   . HOH L 4 .  ? -8.146  -3.611  -4.029  1.00 26.81 ? 146 HOH A O   1 
HETATM 600 O O   . HOH L 4 .  ? -5.820  -0.042  -9.104  1.00 31.84 ? 147 HOH A O   1 
HETATM 601 O O   . HOH L 4 .  ? -4.316  -3.696  -11.003 1.00 29.48 ? 148 HOH A O   1 
HETATM 602 O O   . HOH L 4 .  ? 4.286   -14.547 4.724   1.00 35.89 ? 149 HOH A O   1 
HETATM 603 O O   . HOH L 4 .  ? 8.154   1.360   3.621   0.50 24.52 ? 150 HOH A O   1 
HETATM 604 O O   . HOH L 4 .  ? -4.505  8.069   8.928   0.50 26.30 ? 151 HOH A O   1 
HETATM 605 O O   . HOH L 4 .  ? -2.875  14.003  4.651   1.00 30.28 ? 152 HOH A O   1 
HETATM 606 O O   . HOH L 4 .  ? -6.930  -13.569 -0.551  1.00 35.39 ? 153 HOH A O   1 
HETATM 607 O O   . HOH L 4 .  ? 5.491   8.187   -9.051  1.00 32.06 ? 154 HOH A O   1 
HETATM 608 O O   . HOH L 4 .  ? 5.505   -8.220  7.451   1.00 23.78 ? 155 HOH A O   1 
HETATM 609 O O   . HOH L 4 .  ? 11.199  -9.006  4.455   0.50 19.92 ? 156 HOH A O   1 
HETATM 610 O O   . HOH L 4 .  ? -10.655 5.056   2.750   0.60 30.58 ? 157 HOH A O   1 
HETATM 611 O O   . HOH L 4 .  ? 11.906  -10.711 2.255   1.00 36.53 ? 158 HOH A O   1 
HETATM 612 O O   . HOH L 4 .  ? -5.003  22.585  -7.755  0.50 21.40 ? 159 HOH A O   1 
HETATM 613 O O   . HOH L 4 .  ? 1.837   8.159   11.050  1.00 32.61 ? 160 HOH A O   1 
HETATM 614 O O   . HOH L 4 .  ? -0.610  -7.229  13.191  1.00 35.95 ? 161 HOH A O   1 
HETATM 615 O O   . HOH L 4 .  ? -1.628  -8.455  11.094  0.50 31.04 ? 162 HOH A O   1 
HETATM 616 O O   . HOH L 4 .  ? -0.731  16.487  -9.994  0.50 25.23 ? 163 HOH A O   1 
HETATM 617 O O   . HOH L 4 .  ? -4.839  1.758   -15.123 0.50 29.47 ? 164 HOH A O   1 
HETATM 618 O O   . HOH L 4 .  ? -5.927  24.141  -9.569  0.50 25.46 ? 165 HOH A O   1 
HETATM 619 O O   . HOH L 4 .  ? 0.503   -4.998  13.029  0.50 24.22 ? 166 HOH A O   1 
HETATM 620 O O   . HOH L 4 .  ? 0.736   3.511   13.471  1.00 35.44 ? 167 HOH A O   1 
HETATM 621 O O   . HOH L 4 .  ? -8.324  12.294  1.109   1.00 53.60 ? 168 HOH A O   1 
HETATM 622 O O   . HOH L 4 .  ? -9.073  11.121  -2.176  1.00 38.45 ? 169 HOH A O   1 
HETATM 623 O O   . HOH L 4 .  ? 3.800   14.448  3.438   1.00 50.02 ? 170 HOH A O   1 
HETATM 624 O O   . HOH L 4 .  ? -4.068  14.712  0.560   1.00 19.50 ? 171 HOH A O   1 
HETATM 625 O O   . HOH L 4 .  ? 2.391   11.883  8.938   0.50 42.98 ? 172 HOH A O   1 
HETATM 626 O O   . HOH L 4 .  ? 1.343   2.079   15.471  0.50 29.70 ? 173 HOH A O   1 
HETATM 627 O O   . HOH L 4 .  ? -2.947  2.814   18.162  0.50 29.58 ? 174 HOH A O   1 
HETATM 628 O O   . HOH L 4 .  ? 3.935   11.726  -6.554  0.70 35.03 ? 175 HOH A O   1 
HETATM 629 O O   . HOH L 4 .  ? -6.622  10.495  -9.060  1.00 40.72 ? 176 HOH A O   1 
HETATM 630 O O   . HOH L 4 .  ? -8.092  9.953   -5.904  0.50 41.97 ? 177 HOH A O   1 
HETATM 631 O O   . HOH L 4 .  ? -7.523  5.257   -5.000  0.50 17.70 ? 178 HOH A O   1 
HETATM 632 O O   . HOH L 4 .  ? -9.318  7.441   -5.046  0.50 38.31 ? 179 HOH A O   1 
HETATM 633 O O   . HOH L 4 .  ? 3.594   13.713  -7.433  0.50 35.07 ? 180 HOH A O   1 
HETATM 634 O O   . HOH L 4 .  ? -8.324  0.117   -3.563  0.50 29.95 ? 181 HOH A O   1 
HETATM 635 O O   . HOH L 4 .  ? -4.972  -0.174  -11.267 0.50 39.15 ? 182 HOH A O   1 
HETATM 636 O O   . HOH L 4 .  ? -9.230  6.673   -8.550  0.50 26.63 ? 183 HOH A O   1 
HETATM 637 O O   . HOH L 4 .  ? -7.685  -0.760  -4.731  0.50 25.75 ? 184 HOH A O   1 
HETATM 638 O O   . HOH L 4 .  ? -5.468  -3.282  4.461   0.50 12.66 ? 185 HOH A O   1 
HETATM 639 O O   . HOH L 4 .  ? -11.397 -8.971  0.277   0.50 33.25 ? 186 HOH A O   1 
HETATM 640 O O   . HOH L 4 .  ? -10.286 -12.513 2.205   0.50 36.05 ? 187 HOH A O   1 
HETATM 641 O O   . HOH L 4 .  ? -10.122 1.612   1.480   0.50 28.80 ? 188 HOH A O   1 
HETATM 642 O O   . HOH L 4 .  ? -7.555  6.863   4.848   1.00 18.59 ? 189 HOH A O   1 
HETATM 643 O O   . HOH L 4 .  ? -7.263  13.466  4.569   0.50 35.42 ? 190 HOH A O   1 
HETATM 644 O O   . HOH L 4 .  ? -5.098  -12.520 5.739   0.50 28.95 ? 191 HOH A O   1 
HETATM 645 O O   . HOH L 4 .  ? -2.246  6.040   11.952  0.50 28.53 ? 192 HOH A O   1 
HETATM 646 O O   . HOH L 4 .  ? 0.524   15.000  -11.782 0.50 28.36 ? 193 HOH A O   1 
HETATM 647 O O   . HOH L 4 .  ? 5.580   -5.243  15.091  0.50 31.36 ? 194 HOH A O   1 
HETATM 648 O O   . HOH L 4 .  ? 2.619   -4.858  15.041  0.50 30.30 ? 195 HOH A O   1 
HETATM 649 O O   . HOH L 4 .  ? 1.480   -8.297  13.763  0.50 32.01 ? 196 HOH A O   1 
HETATM 650 O O   . HOH L 4 .  ? 3.194   -6.608  17.923  0.40 28.91 ? 197 HOH A O   1 
HETATM 651 O O   . HOH L 4 .  ? 4.376   -7.291  17.459  0.40 27.06 ? 198 HOH A O   1 
HETATM 652 O O   . HOH L 4 .  ? 3.349   -8.485  16.097  0.40 32.92 ? 199 HOH A O   1 
HETATM 653 O O   . HOH L 4 .  ? -4.759  -7.457  12.884  0.50 39.54 ? 200 HOH A O   1 
HETATM 654 O O   . HOH L 4 .  ? -8.908  -11.095 11.526  0.50 32.04 ? 201 HOH A O   1 
HETATM 655 O O   . HOH L 4 .  ? 14.081  -3.185  -1.574  0.50 27.75 ? 202 HOH A O   1 
HETATM 656 O O   . HOH L 4 .  ? 4.733   10.666  -10.116 0.50 35.60 ? 203 HOH A O   1 
HETATM 657 O O   . HOH L 4 .  ? -1.085  15.026  -12.279 0.50 23.44 ? 204 HOH A O   1 
HETATM 658 O O   . HOH L 4 .  ? -8.064  -2.747  5.797   0.40 11.51 ? 205 HOH A O   1 
HETATM 659 O O   . HOH L 4 .  ? 14.857  -3.952  -1.056  0.50 18.73 ? 206 HOH A O   1 
HETATM 660 O O   . HOH L 4 .  ? 13.338  -9.331  -2.291  0.50 31.69 ? 207 HOH A O   1 
HETATM 661 O O   . HOH L 4 .  ? -7.096  -1.838  5.657   0.40 16.03 ? 208 HOH A O   1 
HETATM 662 O O   . HOH L 4 .  ? 4.716   8.155   10.773  1.00 40.69 ? 209 HOH A O   1 
HETATM 663 O O   . HOH L 4 .  ? 10.288  -9.289  5.602   0.50 22.14 ? 210 HOH A O   1 
HETATM 664 O O   . HOH L 4 .  ? -4.686  12.008  7.044   1.00 36.36 ? 211 HOH A O   1 
HETATM 665 O O   . HOH L 4 .  ? -5.516  -1.862  3.965   0.50 18.05 ? 212 HOH A O   1 
HETATM 666 O O   . HOH L 4 .  ? -4.501  -3.780  5.498   0.50 15.40 ? 213 HOH A O   1 
HETATM 667 O O   . HOH L 4 .  ? -5.404  12.244  -13.555 0.50 18.64 ? 214 HOH A O   1 
HETATM 668 O O   . HOH L 4 .  ? -9.030  16.676  -5.438  0.50 25.26 ? 215 HOH A O   1 
HETATM 669 O O   . HOH L 4 .  ? 6.818   1.975   3.664   0.50 23.41 ? 216 HOH A O   1 
HETATM 670 O O   . HOH L 4 .  ? 11.197  9.565   -8.106  0.50 35.24 ? 217 HOH A O   1 
HETATM 671 O O   . HOH L 4 .  ? 7.669   9.207   -6.778  0.40 32.33 ? 218 HOH A O   1 
HETATM 672 O O   . HOH L 4 .  ? 8.404   15.826  -4.301  0.50 32.06 ? 219 HOH A O   1 
HETATM 673 O O   . HOH L 4 .  ? 4.076   10.631  -7.427  0.40 35.68 ? 220 HOH A O   1 
HETATM 674 O O   . HOH L 4 .  ? 5.260   13.977  -3.051  0.50 32.49 ? 221 HOH A O   1 
HETATM 675 O O   . HOH L 4 .  ? -5.615  -2.360  5.451   0.50 17.35 ? 222 HOH A O   1 
HETATM 676 O O   . HOH L 4 .  ? 8.869   9.149   -4.085  0.40 33.24 ? 223 HOH A O   1 
HETATM 677 O O   . HOH L 4 .  ? -6.859  8.801   -6.919  0.50 32.93 ? 224 HOH A O   1 
HETATM 678 O O   . HOH L 4 .  ? -8.997  13.774  -6.660  0.50 39.81 ? 225 HOH A O   1 
HETATM 679 O O   . HOH L 4 .  ? -10.091 17.297  -11.798 0.40 31.55 ? 226 HOH A O   1 
HETATM 680 O O   . HOH L 4 .  ? 8.417   -13.306 7.374   0.50 45.21 ? 227 HOH A O   1 
HETATM 681 O O   . HOH L 4 .  ? 8.083   -15.734 12.427  0.50 35.32 ? 228 HOH A O   1 
HETATM 682 O O   . HOH L 4 .  ? 6.873   -16.941 11.833  0.50 42.62 ? 229 HOH A O   1 
HETATM 683 O O   . HOH L 4 .  ? 13.045  -7.168  3.133   0.50 22.92 ? 230 HOH A O   1 
HETATM 684 O O   . HOH L 4 .  ? -4.657  -7.353  13.881  0.50 40.83 ? 231 HOH A O   1 
HETATM 685 O O   . HOH L 4 .  ? -7.614  -4.126  -10.670 0.50 34.26 ? 232 HOH A O   1 
HETATM 686 O O   . HOH L 4 .  ? -8.746  0.299   -5.357  0.50 30.66 ? 233 HOH A O   1 
HETATM 687 O O   . HOH L 4 .  ? -5.229  -9.213  13.614  0.40 31.08 ? 234 HOH A O   1 
HETATM 688 O O   . HOH L 4 .  ? 6.965   2.041   18.202  0.50 40.25 ? 235 HOH A O   1 
HETATM 689 O O   . HOH L 4 .  ? 1.349   -1.557  18.196  0.50 34.13 ? 236 HOH A O   1 
HETATM 690 O O   . HOH L 4 .  ? -7.529  13.584  2.716   0.50 36.21 ? 237 HOH A O   1 
HETATM 691 O O   . HOH L 4 .  ? -3.442  -3.435  -13.474 0.50 42.05 ? 238 HOH A O   1 
HETATM 692 O O   . HOH L 4 .  ? -6.213  0.223   -11.378 0.50 38.98 ? 239 HOH A O   1 
HETATM 693 O O   . HOH L 4 .  ? -1.883  10.177  10.971  0.50 47.83 ? 240 HOH A O   1 
HETATM 694 O O   . HOH L 4 .  ? -7.658  0.815   -8.033  0.50 38.50 ? 241 HOH A O   1 
HETATM 695 O O   . HOH L 4 .  ? -9.710  3.720   -8.417  0.50 38.66 ? 242 HOH A O   1 
HETATM 696 O O   . HOH L 4 .  ? -10.054 2.694   -9.223  0.50 38.21 ? 243 HOH A O   1 
HETATM 697 O O   . HOH L 4 .  ? -7.713  7.089   -6.190  0.50 35.02 ? 244 HOH A O   1 
HETATM 698 O O   . HOH L 4 .  ? -5.611  23.912  -10.738 0.50 27.66 ? 245 HOH A O   1 
HETATM 699 O O   . HOH L 4 .  ? -6.516  11.497  8.241   0.50 39.50 ? 246 HOH A O   1 
HETATM 700 O O   . HOH L 4 .  ? -4.551  14.900  6.555   0.50 46.04 ? 247 HOH A O   1 
HETATM 701 O O   . HOH L 4 .  ? 1.351   10.748  10.982  0.50 45.71 ? 248 HOH A O   1 
HETATM 702 O O   . HOH L 4 .  ? 8.299   7.195   -0.814  0.40 26.92 ? 249 HOH A O   1 
HETATM 703 O O   . HOH L 4 .  ? -4.970  3.091   22.122  0.50 54.90 ? 250 HOH A O   1 
HETATM 704 O O   . HOH L 4 .  ? -9.052  16.863  -4.285  0.50 24.75 ? 251 HOH A O   1 
HETATM 705 O O   . HOH L 4 .  ? -1.747  22.601  -9.987  0.40 27.60 ? 252 HOH A O   1 
HETATM 706 O O   . HOH L 4 .  ? -4.616  21.328  -8.409  0.50 27.59 ? 253 HOH A O   1 
HETATM 707 O O   . HOH L 4 .  ? -4.223  21.668  -11.182 0.50 42.07 ? 254 HOH A O   1 
HETATM 708 O O   . HOH L 4 .  ? -10.530 14.083  -5.578  0.50 43.68 ? 255 HOH A O   1 
HETATM 709 O O   . HOH L 4 .  ? -5.308  -14.074 5.224   0.50 31.93 ? 256 HOH A O   1 
HETATM 710 O O   . HOH L 4 .  ? -2.686  7.333   8.958   0.40 29.60 ? 257 HOH A O   1 
HETATM 711 O O   . HOH L 4 .  ? -0.937  5.120   11.779  0.50 27.75 ? 258 HOH A O   1 
HETATM 712 O O   . HOH L 4 .  ? 1.276   6.216   14.394  0.50 37.79 ? 259 HOH A O   1 
HETATM 713 O O   . HOH L 4 .  ? -2.094  13.239  8.250   0.50 36.93 ? 260 HOH A O   1 
HETATM 714 O O   . HOH L 4 .  ? -5.047  3.143   -15.116 0.50 28.65 ? 261 HOH A O   1 
HETATM 715 O O   . HOH L 4 .  ? -1.758  1.147   -15.286 0.50 38.18 ? 262 HOH A O   1 
HETATM 716 O O   . HOH L 4 .  ? -0.186  -10.910 12.364  1.00 59.71 ? 263 HOH A O   1 
HETATM 717 O O   . HOH L 4 .  ? -11.300 -5.976  -1.413  0.40 27.04 ? 264 HOH A O   1 
HETATM 718 O O   . HOH L 4 .  ? -7.921  5.588   -12.488 0.40 26.45 ? 265 HOH A O   1 
HETATM 719 O O   . HOH L 4 .  ? 7.763   -11.011 10.244  0.50 40.74 ? 266 HOH A O   1 
HETATM 720 O O   . HOH L 4 .  ? -5.010  3.426   19.162  0.50 45.76 ? 267 HOH A O   1 
HETATM 721 O O   B HOH L 4 .  ? -7.940  6.460   -0.651  0.65 17.59 ? 300 HOH A O   1 
HETATM 722 O O   B HOH L 4 .  ? -7.556  9.638   0.323   0.65 17.23 ? 301 HOH A O   1 
HETATM 723 O O   B HOH L 4 .  ? -8.327  7.419   2.344   0.65 33.04 ? 303 HOH A O   1 
# 
loop_
_atom_site_anisotrop.id 
_atom_site_anisotrop.type_symbol 
_atom_site_anisotrop.pdbx_label_atom_id 
_atom_site_anisotrop.pdbx_label_alt_id 
_atom_site_anisotrop.pdbx_label_comp_id 
_atom_site_anisotrop.pdbx_label_asym_id 
_atom_site_anisotrop.pdbx_label_seq_id 
_atom_site_anisotrop.pdbx_PDB_ins_code 
_atom_site_anisotrop.U[1][1] 
_atom_site_anisotrop.U[2][2] 
_atom_site_anisotrop.U[3][3] 
_atom_site_anisotrop.U[1][2] 
_atom_site_anisotrop.U[1][3] 
_atom_site_anisotrop.U[2][3] 
_atom_site_anisotrop.pdbx_auth_seq_id 
_atom_site_anisotrop.pdbx_auth_comp_id 
_atom_site_anisotrop.pdbx_auth_asym_id 
_atom_site_anisotrop.pdbx_auth_atom_id 
1   N N   . ARG A 1  ? 0.3508 0.2002 0.3211 -0.0001 -0.0001 0.1138  1   ARG A N   
2   C CA  . ARG A 1  ? 0.1790 0.1678 0.2276 -0.0209 -0.0288 0.0374  1   ARG A CA  
3   C C   . ARG A 1  ? 0.1462 0.1621 0.1773 -0.0028 -0.0155 0.0479  1   ARG A C   
4   O O   . ARG A 1  ? 0.2093 0.1980 0.1785 -0.0218 0.0120  0.0441  1   ARG A O   
5   C CB  . ARG A 1  ? 0.2745 0.1979 0.3776 0.0048  -0.1352 -0.0138 1   ARG A CB  
6   C CG  . ARG A 1  ? 0.2478 0.2248 0.1830 0.0115  -0.0543 0.0235  1   ARG A CG  
7   C CD  A ARG A 1  ? 0.2093 0.2112 0.1493 -0.0002 -0.0113 0.0161  1   ARG A CD  
8   C CD  B ARG A 1  ? 0.1404 0.2440 0.1715 0.0193  0.0262  -0.0272 1   ARG A CD  
9   N NE  A ARG A 1  ? 0.1856 0.1937 0.1630 -0.0269 -0.0084 0.0394  1   ARG A NE  
10  N NE  B ARG A 1  ? 0.1896 0.2875 0.1668 -0.0297 -0.0022 0.0124  1   ARG A NE  
11  C CZ  A ARG A 1  ? 0.1692 0.1952 0.1445 -0.0480 0.0062  0.0217  1   ARG A CZ  
12  C CZ  B ARG A 1  ? 0.2543 0.2191 0.1527 -0.0509 -0.0109 0.0347  1   ARG A CZ  
13  N NH1 A ARG A 1  ? 0.2711 0.2952 0.1744 -0.0525 0.0507  0.0316  1   ARG A NH1 
14  N NH1 B ARG A 1  ? 0.2217 0.1996 0.1894 -0.0566 -0.0079 -0.0234 1   ARG A NH1 
15  N NH2 A ARG A 1  ? 0.2809 0.1994 0.1995 0.0110  0.0251  0.0416  1   ARG A NH2 
16  N NH2 B ARG A 1  ? 0.2991 0.2792 0.2790 -0.1121 0.0044  0.0550  1   ARG A NH2 
17  N N   . PRO A 2  ? 0.1354 0.1542 0.1460 0.0151  -0.0012 0.0109  2   PRO A N   
18  C CA  . PRO A 2  ? 0.1310 0.1521 0.1260 0.0067  -0.0034 0.0114  2   PRO A CA  
19  C C   . PRO A 2  ? 0.1211 0.1483 0.1154 -0.0004 0.0051  0.0128  2   PRO A C   
20  O O   . PRO A 2  ? 0.1295 0.1463 0.1267 0.0017  -0.0034 0.0064  2   PRO A O   
21  C CB  . PRO A 2  ? 0.1190 0.1735 0.1306 -0.0012 0.0071  -0.0001 2   PRO A CB  
22  C CG  . PRO A 2  ? 0.1291 0.1782 0.1372 0.0036  0.0013  -0.0009 2   PRO A CG  
23  C CD  . PRO A 2  ? 0.1340 0.1598 0.1545 0.0100  -0.0042 -0.0023 2   PRO A CD  
24  N N   . ASP A 3  ? 0.1139 0.1699 0.1129 -0.0008 0.0070  0.0119  3   ASP A N   
25  C CA  . ASP A 3  ? 0.1188 0.1833 0.1110 0.0015  0.0124  0.0058  3   ASP A CA  
26  C C   . ASP A 3  ? 0.1103 0.1454 0.1058 0.0065  0.0154  -0.0054 3   ASP A C   
27  O O   . ASP A 3  ? 0.1060 0.1580 0.1172 0.0034  0.0172  -0.0073 3   ASP A O   
28  C CB  . ASP A 3  ? 0.1429 0.2858 0.1113 0.0273  0.0198  -0.0243 3   ASP A CB  
29  C CG  . ASP A 3  ? 0.1844 0.4256 0.1134 0.0716  0.0352  0.0032  3   ASP A CG  
30  O OD1 . ASP A 3  ? 0.2352 0.4517 0.1818 0.0226  0.0509  0.1159  3   ASP A OD1 
31  O OD2 . ASP A 3  ? 0.3017 0.5856 0.1106 0.1340  0.0110  -0.0350 3   ASP A OD2 
32  N N   . PHE A 4  ? 0.1048 0.1408 0.1081 0.0014  0.0149  -0.0126 4   PHE A N   
33  C CA  . PHE A 4  ? 0.1102 0.1264 0.1021 0.0050  0.0112  -0.0120 4   PHE A CA  
34  C C   . PHE A 4  ? 0.0974 0.1201 0.1091 0.0034  0.0113  -0.0095 4   PHE A C   
35  O O   . PHE A 4  ? 0.1019 0.1198 0.1120 0.0110  0.0082  -0.0046 4   PHE A O   
36  C CB  . PHE A 4  ? 0.1160 0.1117 0.1186 0.0008  0.0099  -0.0158 4   PHE A CB  
37  C CG  . PHE A 4  ? 0.1078 0.1039 0.1168 0.0036  0.0092  -0.0029 4   PHE A CG  
38  C CD1 . PHE A 4  ? 0.1150 0.1060 0.1135 -0.0016 0.0049  -0.0084 4   PHE A CD1 
39  C CD2 . PHE A 4  ? 0.1125 0.1344 0.1229 -0.0005 0.0037  -0.0020 4   PHE A CD2 
40  C CE1 . PHE A 4  ? 0.1371 0.1082 0.1260 -0.0100 0.0274  -0.0108 4   PHE A CE1 
41  C CE2 . PHE A 4  ? 0.1062 0.1500 0.1443 0.0045  0.0130  -0.0012 4   PHE A CE2 
42  C CZ  . PHE A 4  ? 0.1117 0.1252 0.1572 0.0059  0.0264  -0.0118 4   PHE A CZ  
43  N N   . CYS A 5  ? 0.0994 0.1200 0.1061 0.0082  0.0086  -0.0040 5   CYS A N   
44  C CA  . CYS A 5  ? 0.1081 0.1166 0.1059 0.0008  0.0114  -0.0060 5   CYS A CA  
45  C C   . CYS A 5  ? 0.1068 0.1053 0.1171 0.0062  0.0074  -0.0059 5   CYS A C   
46  O O   . CYS A 5  ? 0.1113 0.1340 0.1265 -0.0029 0.0053  -0.0138 5   CYS A O   
47  C CB  . CYS A 5  ? 0.1185 0.1198 0.1208 0.0067  0.0097  -0.0070 5   CYS A CB  
48  S SG  . CYS A 5  ? 0.1109 0.1318 0.1377 0.0188  0.0019  -0.0098 5   CYS A SG  
49  N N   . LEU A 6  ? 0.1017 0.1233 0.1138 -0.0007 0.0132  -0.0035 6   LEU A N   
50  C CA  . LEU A 6  ? 0.1047 0.1283 0.1323 -0.0042 0.0144  0.0032  6   LEU A CA  
51  C C   . LEU A 6  ? 0.1058 0.1364 0.1411 -0.0104 0.0165  0.0139  6   LEU A C   
52  O O   . LEU A 6  ? 0.1045 0.1636 0.1727 -0.0047 0.0106  0.0324  6   LEU A O   
53  C CB  . LEU A 6  ? 0.1085 0.1396 0.1393 0.0068  0.0205  0.0118  6   LEU A CB  
54  C CG  . LEU A 6  ? 0.1226 0.1442 0.1439 0.0095  0.0232  0.0154  6   LEU A CG  
55  C CD1 . LEU A 6  ? 0.1675 0.1840 0.1523 0.0304  0.0306  0.0380  6   LEU A CD1 
56  C CD2 . LEU A 6  ? 0.1957 0.1323 0.1710 0.0095  0.0381  0.0190  6   LEU A CD2 
57  N N   . GLU A 7  ? 0.1066 0.1297 0.1283 0.0007  0.0194  0.0132  7   GLU A N   
58  C CA  . GLU A 7  ? 0.1018 0.1311 0.1341 0.0027  0.0282  0.0092  7   GLU A CA  
59  C C   . GLU A 7  ? 0.1002 0.1324 0.1298 0.0099  0.0211  0.0161  7   GLU A C   
60  O O   . GLU A 7  ? 0.1117 0.1463 0.1305 0.0102  0.0216  0.0106  7   GLU A O   
61  C CB  . GLU A 7  ? 0.1139 0.1286 0.1353 0.0000  0.0319  0.0059  7   GLU A CB  
62  C CG  . GLU A 7  ? 0.1170 0.1285 0.1426 0.0036  0.0318  0.0008  7   GLU A CG  
63  C CD  . GLU A 7  ? 0.1157 0.1279 0.1420 0.0069  0.0343  0.0050  7   GLU A CD  
64  O OE1 . GLU A 7  ? 0.1306 0.1581 0.1529 0.0228  0.0404  0.0204  7   GLU A OE1 
65  O OE2 . GLU A 7  ? 0.2204 0.2557 0.1374 0.1079  0.0293  -0.0115 7   GLU A OE2 
66  N N   . PRO A 8  ? 0.1042 0.1345 0.1448 0.0078  0.0242  0.0170  8   PRO A N   
67  C CA  . PRO A 8  ? 0.1033 0.1369 0.1548 0.0075  0.0083  0.0318  8   PRO A CA  
68  C C   . PRO A 8  ? 0.1056 0.1236 0.1416 0.0127  0.0164  0.0189  8   PRO A C   
69  O O   . PRO A 8  ? 0.1198 0.1344 0.1455 -0.0012 0.0291  0.0144  8   PRO A O   
70  C CB  . PRO A 8  ? 0.1026 0.1752 0.1898 0.0147  0.0261  0.0643  8   PRO A CB  
71  C CG  . PRO A 8  ? 0.1155 0.1443 0.2223 0.0227  0.0525  0.0384  8   PRO A CG  
72  C CD  . PRO A 8  ? 0.1132 0.1282 0.1782 0.0107  0.0389  0.0139  8   PRO A CD  
73  N N   . PRO A 9  ? 0.1202 0.1137 0.1488 0.0061  0.0152  0.0176  9   PRO A N   
74  C CA  . PRO A 9  ? 0.1246 0.1222 0.1449 0.0188  0.0233  0.0220  9   PRO A CA  
75  C C   . PRO A 9  ? 0.1280 0.1237 0.1373 0.0222  0.0226  0.0126  9   PRO A C   
76  O O   . PRO A 9  ? 0.1254 0.1302 0.2123 0.0248  0.0243  0.0293  9   PRO A O   
77  C CB  . PRO A 9  ? 0.1979 0.1236 0.1534 0.0219  0.0370  0.0091  9   PRO A CB  
78  C CG  . PRO A 9  ? 0.1985 0.1354 0.1600 0.0087  -0.0127 0.0038  9   PRO A CG  
79  C CD  . PRO A 9  ? 0.1330 0.1272 0.1651 0.0083  0.0014  0.0085  9   PRO A CD  
80  N N   . TYR A 10 ? 0.1360 0.1104 0.1352 0.0226  0.0334  0.0177  10  TYR A N   
81  C CA  . TYR A 10 ? 0.1395 0.1139 0.1342 0.0285  0.0361  0.0153  10  TYR A CA  
82  C C   . TYR A 10 ? 0.1430 0.1117 0.1312 0.0334  0.0287  0.0133  10  TYR A C   
83  O O   . TYR A 10 ? 0.1375 0.1147 0.1326 0.0302  0.0302  0.0191  10  TYR A O   
84  C CB  . TYR A 10 ? 0.1447 0.1200 0.1368 0.0323  0.0329  0.0171  10  TYR A CB  
85  C CG  . TYR A 10 ? 0.1570 0.1239 0.1321 0.0283  0.0237  0.0087  10  TYR A CG  
86  C CD1 . TYR A 10 ? 0.1617 0.1447 0.1956 0.0369  0.0419  -0.0116 10  TYR A CD1 
87  C CD2 . TYR A 10 ? 0.1650 0.1246 0.1473 0.0223  0.0170  0.0213  10  TYR A CD2 
88  C CE1 . TYR A 10 ? 0.1894 0.1571 0.2133 0.0490  0.0183  -0.0255 10  TYR A CE1 
89  C CE2 . TYR A 10 ? 0.2019 0.1265 0.1866 0.0129  -0.0046 0.0146  10  TYR A CE2 
90  C CZ  . TYR A 10 ? 0.2320 0.1230 0.2324 0.0444  -0.0013 -0.0227 10  TYR A CZ  
91  O OH  . TYR A 10 ? 0.3253 0.1154 0.3142 0.0565  -0.0294 -0.0161 10  TYR A OH  
92  N N   . ALA A 11 ? 0.1423 0.1292 0.1341 0.0349  0.0226  0.0137  11  ALA A N   
93  C CA  . ALA A 11 ? 0.1661 0.1285 0.1299 0.0405  0.0266  0.0080  11  ALA A CA  
94  C C   . ALA A 11 ? 0.1907 0.1266 0.1250 0.0401  0.0347  0.0166  11  ALA A C   
95  O O   . ALA A 11 ? 0.2021 0.1294 0.1338 0.0309  0.0368  0.0137  11  ALA A O   
96  C CB  . ALA A 11 ? 0.1802 0.1617 0.1519 0.0440  0.0052  0.0160  11  ALA A CB  
97  N N   . GLY A 12 ? 0.2204 0.1215 0.1387 0.0462  0.0449  0.0108  12  GLY A N   
98  C CA  . GLY A 12 ? 0.2375 0.1234 0.1476 0.0520  0.0390  0.0126  12  GLY A CA  
99  C C   . GLY A 12 ? 0.2332 0.1312 0.1519 0.0645  0.0375  0.0103  12  GLY A C   
100 O O   . GLY A 12 ? 0.2619 0.1442 0.1858 0.0572  0.0030  0.0110  12  GLY A O   
101 N N   . ALA A 13 ? 0.2240 0.1264 0.1773 0.0655  0.0411  0.0122  13  ALA A N   
102 C CA  . ALA A 13 ? 0.2565 0.1306 0.1945 0.0725  0.0478  0.0177  13  ALA A CA  
103 C C   . ALA A 13 ? 0.2598 0.1227 0.1754 0.0663  0.0250  0.0072  13  ALA A C   
104 O O   . ALA A 13 ? 0.2978 0.1537 0.2023 0.0971  0.0216  0.0083  13  ALA A O   
105 C CB  . ALA A 13 ? 0.3432 0.1406 0.1923 0.0951  0.0825  0.0171  13  ALA A CB  
106 N N   . CYS A 14 ? 0.2845 0.1390 0.1632 0.0752  0.0478  0.0207  14  CYS A N   
107 C CA  . CYS A 14 ? 0.2977 0.1309 0.1659 0.0912  0.0430  0.0139  14  CYS A CA  
108 C C   . CYS A 14 ? 0.3206 0.1499 0.1695 0.0999  0.0235  0.0064  14  CYS A C   
109 O O   . CYS A 14 ? 0.3301 0.1569 0.2132 0.0796  0.0132  -0.0131 14  CYS A O   
110 C CB  . CYS A 14 ? 0.2987 0.1350 0.1754 0.0766  0.0617  0.0139  14  CYS A CB  
111 S SG  . CYS A 14 ? 0.3336 0.1251 0.1956 0.0463  0.0721  0.0134  14  CYS A SG  
112 N N   . ARG A 15 ? 0.3824 0.1668 0.1675 0.1279  0.0282  0.0112  15  ARG A N   
113 C CA  . ARG A 15 ? 0.4537 0.2322 0.1845 0.1800  -0.0192 0.0021  15  ARG A CA  
114 C C   . ARG A 15 ? 0.5168 0.2238 0.1575 0.1992  -0.0234 -0.0011 15  ARG A C   
115 O O   . ARG A 15 ? 0.6479 0.3160 0.1882 0.2685  -0.0955 -0.0374 15  ARG A O   
116 C CB  . ARG A 15 ? 0.4991 0.2478 0.2564 0.2092  -0.0591 0.0029  15  ARG A CB  
117 C CG  A ARG A 15 ? 0.4182 0.3209 0.3228 0.2296  -0.0881 -0.0436 15  ARG A CG  
118 C CG  B ARG A 15 ? 0.4653 0.2802 0.3380 0.2095  -0.0988 -0.0829 15  ARG A CG  
119 C CD  A ARG A 15 ? 0.4455 0.3168 0.3643 0.2298  -0.1281 -0.0524 15  ARG A CD  
120 C CD  B ARG A 15 ? 0.4638 0.3059 0.3446 0.2258  -0.1181 -0.0864 15  ARG A CD  
121 N NE  A ARG A 15 ? 0.4990 0.3087 0.4025 0.2190  -0.1176 -0.0760 15  ARG A NE  
122 N NE  B ARG A 15 ? 0.4921 0.2893 0.3700 0.2158  -0.1097 -0.1080 15  ARG A NE  
123 C CZ  A ARG A 15 ? 0.5158 0.2969 0.3938 0.2149  -0.1135 -0.0722 15  ARG A CZ  
124 C CZ  B ARG A 15 ? 0.5284 0.2187 0.3954 0.2234  -0.1348 -0.0594 15  ARG A CZ  
125 N NH1 A ARG A 15 ? 0.5453 0.4102 0.3971 0.2409  -0.0835 -0.0322 15  ARG A NH1 
126 N NH1 B ARG A 15 ? 0.5728 0.3270 0.2542 0.1514  -0.0776 -0.0984 15  ARG A NH1 
127 N NH2 A ARG A 15 ? 0.6015 0.2344 0.4159 0.1699  -0.1119 -0.0859 15  ARG A NH2 
128 N NH2 B ARG A 15 ? 0.5432 0.2006 0.3611 0.1794  -0.1096 -0.0616 15  ARG A NH2 
129 N N   . ALA A 16 ? 0.4534 0.2017 0.1336 0.1513  0.0333  0.0158  16  ALA A N   
130 C CA  . ALA A 16 ? 0.4292 0.1875 0.1290 0.1238  0.0500  0.0246  16  ALA A CA  
131 C C   . ALA A 16 ? 0.3528 0.1959 0.1320 0.1227  0.0543  0.0369  16  ALA A C   
132 O O   . ALA A 16 ? 0.3626 0.2317 0.1297 0.1373  0.0586  0.0342  16  ALA A O   
133 C CB  . ALA A 16 ? 0.3892 0.2154 0.1459 0.0783  0.0811  0.0161  16  ALA A CB  
134 N N   . ARG A 17 ? 0.3585 0.1805 0.1332 0.1154  0.0686  0.0399  17  ARG A N   
135 C CA  . ARG A 17 ? 0.2767 0.1980 0.1237 0.0996  0.0438  0.0447  17  ARG A CA  
136 C C   . ARG A 17 ? 0.2209 0.1615 0.1200 0.0540  0.0434  0.0260  17  ARG A C   
137 O O   . ARG A 17 ? 0.2255 0.1757 0.1183 0.0554  0.0370  0.0219  17  ARG A O   
138 C CB  . ARG A 17 ? 0.2712 0.2616 0.1576 0.1425  0.0173  0.0279  17  ARG A CB  
139 C CG  A ARG A 17 ? 0.2805 0.2741 0.1727 0.1190  -0.0261 0.0341  17  ARG A CG  
140 C CG  B ARG A 17 ? 0.3309 0.3726 0.2115 0.2224  0.0083  0.0385  17  ARG A CG  
141 C CD  A ARG A 17 ? 0.3024 0.3453 0.2993 0.1073  -0.0961 0.0230  17  ARG A CD  
142 C CD  B ARG A 17 ? 0.3017 0.4419 0.2388 0.1827  -0.0351 0.0643  17  ARG A CD  
143 N NE  A ARG A 17 ? 0.2946 0.3659 0.3259 0.0924  -0.0606 -0.0051 17  ARG A NE  
144 N NE  B ARG A 17 ? 0.2922 0.3916 0.1868 0.1573  0.0373  0.1095  17  ARG A NE  
145 C CZ  A ARG A 17 ? 0.4142 0.3296 0.2635 0.1173  -0.0443 0.0217  17  ARG A CZ  
146 C CZ  B ARG A 17 ? 0.1731 0.3546 0.2340 0.0693  0.0042  0.1296  17  ARG A CZ  
147 N NH1 A ARG A 17 ? 0.4307 0.3500 0.2084 0.1254  -0.0342 -0.0019 17  ARG A NH1 
148 N NH1 B ARG A 17 ? 0.1373 0.3585 0.1494 -0.0257 -0.0283 0.1146  17  ARG A NH1 
149 N NH2 A ARG A 17 ? 0.6409 0.2988 0.2451 0.0957  0.0502  0.0377  17  ARG A NH2 
150 N NH2 B ARG A 17 ? 0.1813 0.3640 0.3731 -0.0421 -0.0483 0.1819  17  ARG A NH2 
151 N N   . ILE A 18 ? 0.2204 0.1607 0.1137 0.0648  0.0452  0.0330  18  ILE A N   
152 C CA  . ILE A 18 ? 0.2111 0.1415 0.1177 0.0403  0.0457  0.0248  18  ILE A CA  
153 C C   . ILE A 18 ? 0.1801 0.1456 0.1105 0.0488  0.0265  0.0260  18  ILE A C   
154 O O   . ILE A 18 ? 0.2040 0.1439 0.1183 0.0458  0.0434  0.0278  18  ILE A O   
155 C CB  . ILE A 18 ? 0.2160 0.1398 0.1272 0.0294  0.0460  0.0224  18  ILE A CB  
156 C CG1 . ILE A 18 ? 0.2422 0.1364 0.1543 0.0322  0.0717  0.0191  18  ILE A CG1 
157 C CG2 . ILE A 18 ? 0.2182 0.1529 0.1477 0.0231  0.0440  0.0381  18  ILE A CG2 
158 C CD1 . ILE A 18 ? 0.3551 0.1387 0.1777 -0.0090 0.0744  0.0050  18  ILE A CD1 
159 N N   . ILE A 19 ? 0.1690 0.1391 0.1087 0.0321  0.0229  0.0207  19  ILE A N   
160 C CA  . ILE A 19 ? 0.1576 0.1375 0.1049 0.0258  0.0163  0.0105  19  ILE A CA  
161 C C   . ILE A 19 ? 0.1411 0.1256 0.1104 0.0254  0.0182  0.0131  19  ILE A C   
162 O O   . ILE A 19 ? 0.1403 0.1683 0.1293 0.0257  0.0290  0.0323  19  ILE A O   
163 C CB  . ILE A 19 ? 0.1980 0.1656 0.1194 0.0023  0.0120  -0.0054 19  ILE A CB  
164 C CG1 . ILE A 19 ? 0.2836 0.2081 0.1323 -0.0157 -0.0475 0.0020  19  ILE A CG1 
165 C CG2 . ILE A 19 ? 0.2609 0.1569 0.1410 -0.0086 0.0053  -0.0096 19  ILE A CG2 
166 C CD1 . ILE A 19 ? 0.2558 0.3660 0.2140 0.0128  -0.0847 0.0010  19  ILE A CD1 
167 N N   . ARG A 20 ? 0.1258 0.1288 0.1086 0.0209  0.0142  0.0163  20  ARG A N   
168 C CA  . ARG A 20 ? 0.1156 0.1171 0.1128 0.0138  0.0116  0.0066  20  ARG A CA  
169 C C   . ARG A 20 ? 0.1129 0.1137 0.1072 0.0131  0.0089  0.0034  20  ARG A C   
170 O O   . ARG A 20 ? 0.1060 0.1387 0.1313 0.0074  -0.0066 0.0170  20  ARG A O   
171 C CB  . ARG A 20 ? 0.1212 0.1151 0.1140 0.0172  0.0143  0.0036  20  ARG A CB  
172 C CG  . ARG A 20 ? 0.1330 0.1077 0.1224 0.0181  0.0196  0.0081  20  ARG A CG  
173 C CD  . ARG A 20 ? 0.1376 0.1158 0.1355 0.0106  0.0257  0.0004  20  ARG A CD  
174 N NE  . ARG A 20 ? 0.1637 0.1340 0.1384 -0.0066 0.0343  0.0064  20  ARG A NE  
175 C CZ  . ARG A 20 ? 0.1577 0.1380 0.1825 -0.0108 0.0501  -0.0133 20  ARG A CZ  
176 N NH1 . ARG A 20 ? 0.1864 0.1746 0.1636 -0.0231 0.0447  -0.0283 20  ARG A NH1 
177 N NH2 . ARG A 20 ? 0.2251 0.1667 0.2111 -0.0395 0.0742  -0.0107 20  ARG A NH2 
178 N N   . TYR A 21 ? 0.1093 0.1055 0.1089 0.0035  0.0033  0.0011  21  TYR A N   
179 C CA  . TYR A 21 ? 0.1091 0.1029 0.1041 0.0016  0.0004  -0.0005 21  TYR A CA  
180 C C   . TYR A 21 ? 0.1008 0.1067 0.1108 0.0073  0.0039  -0.0024 21  TYR A C   
181 O O   . TYR A 21 ? 0.1056 0.1048 0.1098 0.0020  0.0059  -0.0067 21  TYR A O   
182 C CB  . TYR A 21 ? 0.1191 0.1032 0.1090 0.0060  -0.0014 -0.0036 21  TYR A CB  
183 C CG  . TYR A 21 ? 0.1233 0.0985 0.1149 0.0012  0.0007  -0.0073 21  TYR A CG  
184 C CD1 . TYR A 21 ? 0.1402 0.0965 0.1177 0.0058  0.0049  -0.0123 21  TYR A CD1 
185 C CD2 . TYR A 21 ? 0.1399 0.0984 0.1218 -0.0025 -0.0074 -0.0074 21  TYR A CD2 
186 C CE1 . TYR A 21 ? 0.1638 0.0984 0.1119 0.0072  0.0071  -0.0077 21  TYR A CE1 
187 C CE2 . TYR A 21 ? 0.1636 0.0988 0.1215 0.0015  -0.0106 -0.0119 21  TYR A CE2 
188 C CZ  . TYR A 21 ? 0.1662 0.0971 0.1137 0.0206  -0.0066 -0.0091 21  TYR A CZ  
189 O OH  . TYR A 21 ? 0.2141 0.1091 0.1152 0.0159  -0.0074 -0.0185 21  TYR A OH  
190 N N   . PHE A 22 ? 0.1104 0.1168 0.1085 -0.0053 0.0037  -0.0009 22  PHE A N   
191 C CA  . PHE A 22 ? 0.1117 0.1108 0.1042 -0.0020 0.0000  -0.0027 22  PHE A CA  
192 C C   . PHE A 22 ? 0.1047 0.1058 0.1092 0.0013  0.0079  -0.0086 22  PHE A C   
193 O O   . PHE A 22 ? 0.1173 0.1105 0.1093 -0.0058 -0.0034 -0.0078 22  PHE A O   
194 C CB  . PHE A 22 ? 0.1231 0.1050 0.1237 0.0025  0.0062  -0.0005 22  PHE A CB  
195 C CG  . PHE A 22 ? 0.1119 0.1068 0.1351 0.0056  0.0101  -0.0020 22  PHE A CG  
196 C CD1 . PHE A 22 ? 0.1156 0.1263 0.1422 0.0102  0.0050  -0.0003 22  PHE A CD1 
197 C CD2 . PHE A 22 ? 0.1219 0.1138 0.1531 0.0114  0.0168  0.0103  22  PHE A CD2 
198 C CE1 . PHE A 22 ? 0.1318 0.1317 0.1822 0.0041  -0.0152 -0.0070 22  PHE A CE1 
199 C CE2 . PHE A 22 ? 0.1167 0.1276 0.1926 0.0044  0.0233  0.0121  22  PHE A CE2 
200 C CZ  . PHE A 22 ? 0.1123 0.1407 0.2137 -0.0001 0.0069  -0.0002 22  PHE A CZ  
201 N N   . TYR A 23 ? 0.1139 0.1008 0.1086 -0.0021 0.0037  -0.0079 23  TYR A N   
202 C CA  . TYR A 23 ? 0.1194 0.1021 0.1074 0.0006  0.0002  -0.0070 23  TYR A CA  
203 C C   . TYR A 23 ? 0.1234 0.1049 0.1043 -0.0013 0.0073  -0.0003 23  TYR A C   
204 O O   . TYR A 23 ? 0.1428 0.1074 0.1138 -0.0033 0.0169  -0.0126 23  TYR A O   
205 C CB  . TYR A 23 ? 0.1263 0.1137 0.1141 -0.0057 -0.0083 -0.0048 23  TYR A CB  
206 C CG  . TYR A 23 ? 0.1358 0.1134 0.1132 -0.0017 -0.0152 -0.0036 23  TYR A CG  
207 C CD1 . TYR A 23 ? 0.1428 0.1139 0.1232 -0.0026 -0.0140 0.0033  23  TYR A CD1 
208 C CD2 . TYR A 23 ? 0.1500 0.1360 0.1115 -0.0080 -0.0109 0.0019  23  TYR A CD2 
209 C CE1 . TYR A 23 ? 0.1805 0.1125 0.1451 -0.0046 -0.0279 0.0062  23  TYR A CE1 
210 C CE2 . TYR A 23 ? 0.1832 0.1557 0.1265 -0.0164 -0.0212 0.0199  23  TYR A CE2 
211 C CZ  . TYR A 23 ? 0.1832 0.1261 0.1403 -0.0152 -0.0260 0.0289  23  TYR A CZ  
212 O OH  . TYR A 23 ? 0.2281 0.1389 0.1743 -0.0191 -0.0357 0.0477  23  TYR A OH  
213 N N   . ASN A 24 ? 0.1140 0.1161 0.1190 -0.0013 0.0127  -0.0171 24  ASN A N   
214 C CA  . ASN A 24 ? 0.1214 0.1194 0.1386 0.0001  0.0260  -0.0161 24  ASN A CA  
215 C C   . ASN A 24 ? 0.1351 0.1355 0.1233 -0.0025 0.0275  -0.0157 24  ASN A C   
216 O O   . ASN A 24 ? 0.1381 0.1328 0.1201 0.0014  0.0214  -0.0043 24  ASN A O   
217 C CB  . ASN A 24 ? 0.1108 0.1162 0.1337 0.0025  0.0178  -0.0012 24  ASN A CB  
218 C CG  . ASN A 24 ? 0.1177 0.1391 0.1525 0.0054  0.0302  -0.0027 24  ASN A CG  
219 O OD1 . ASN A 24 ? 0.1251 0.1622 0.1703 -0.0044 0.0322  0.0030  24  ASN A OD1 
220 N ND2 . ASN A 24 ? 0.1076 0.1928 0.1652 -0.0006 0.0128  -0.0092 24  ASN A ND2 
221 N N   . ALA A 25 ? 0.1949 0.1625 0.1277 0.0073  0.0420  -0.0204 25  ALA A N   
222 C CA  . ALA A 25 ? 0.2225 0.2215 0.1090 0.0093  0.0324  -0.0099 25  ALA A CA  
223 C C   . ALA A 25 ? 0.2127 0.2058 0.1467 0.0287  0.0591  0.0340  25  ALA A C   
224 O O   . ALA A 25 ? 0.1802 0.2659 0.2494 0.0236  0.0477  0.1046  25  ALA A O   
225 C CB  . ALA A 25 ? 0.3951 0.3060 0.1230 0.0063  0.0254  -0.0454 25  ALA A CB  
226 N N   . LYS A 26 ? 0.1956 0.1886 0.1783 0.0340  0.0613  0.0103  26  LYS A N   
227 C CA  . LYS A 26 ? 0.1903 0.2112 0.2197 0.0300  0.0810  0.0466  26  LYS A CA  
228 C C   . LYS A 26 ? 0.1578 0.1837 0.2313 -0.0123 0.0511  0.0451  26  LYS A C   
229 O O   . LYS A 26 ? 0.1988 0.1866 0.3029 -0.0113 0.0672  0.0693  26  LYS A O   
230 C CB  . LYS A 26 ? 0.1651 0.2687 0.2410 0.0220  0.0696  0.0412  26  LYS A CB  
231 C CG  A LYS A 26 ? 0.1713 0.2615 0.2523 0.0166  0.1107  0.0212  26  LYS A CG  
232 C CG  B LYS A 26 ? 0.1860 0.1935 0.2320 0.0072  0.0924  -0.0659 26  LYS A CG  
233 C CD  A LYS A 26 ? 0.1937 0.1722 0.2629 -0.0129 0.0514  -0.0706 26  LYS A CD  
234 C CD  B LYS A 26 ? 0.2617 0.1445 0.2524 -0.0140 0.0975  -0.0610 26  LYS A CD  
235 C CE  A LYS A 26 ? 0.2223 0.1851 0.2850 -0.0310 0.0663  -0.0810 26  LYS A CE  
236 C CE  B LYS A 26 ? 0.2291 0.2223 0.2504 -0.0208 0.0740  -0.0663 26  LYS A CE  
237 N NZ  A LYS A 26 ? 0.3671 0.1665 0.3120 -0.0449 0.0347  -0.0848 26  LYS A NZ  
238 N NZ  B LYS A 26 ? 0.3164 0.2279 0.2948 -0.0264 0.0151  -0.0353 26  LYS A NZ  
239 N N   . ALA A 27 ? 0.1525 0.1533 0.2102 -0.0099 0.0282  0.0189  27  ALA A N   
240 C CA  . ALA A 27 ? 0.1461 0.1690 0.2171 -0.0363 0.0068  0.0003  27  ALA A CA  
241 C C   . ALA A 27 ? 0.1786 0.1278 0.1606 -0.0237 0.0209  -0.0007 27  ALA A C   
242 O O   . ALA A 27 ? 0.2086 0.1340 0.2006 -0.0225 0.0030  -0.0118 27  ALA A O   
243 C CB  . ALA A 27 ? 0.2181 0.1674 0.2023 -0.0033 -0.0363 -0.0207 27  ALA A CB  
244 N N   . GLY A 28 ? 0.1572 0.1302 0.1429 -0.0078 0.0267  0.0033  28  GLY A N   
245 C CA  . GLY A 28 ? 0.1840 0.1392 0.1267 0.0131  0.0114  -0.0019 28  GLY A CA  
246 C C   . GLY A 28 ? 0.1557 0.1308 0.1460 0.0061  0.0184  -0.0248 28  GLY A C   
247 O O   . GLY A 28 ? 0.2011 0.1562 0.1940 0.0252  0.0340  -0.0240 28  GLY A O   
248 N N   A LEU A 29 ? 0.1674 0.1152 0.1406 -0.0204 0.0326  -0.0318 29  LEU A N   
249 N N   B LEU A 29 ? 0.1763 0.1240 0.1405 -0.0203 0.0347  -0.0117 29  LEU A N   
250 C CA  A LEU A 29 ? 0.1556 0.1275 0.1431 -0.0359 0.0255  -0.0354 29  LEU A CA  
251 C CA  B LEU A 29 ? 0.1759 0.1100 0.1391 -0.0183 0.0421  -0.0259 29  LEU A CA  
252 C C   A LEU A 29 ? 0.1245 0.1379 0.1229 -0.0233 0.0182  -0.0268 29  LEU A C   
253 C C   B LEU A 29 ? 0.1311 0.1056 0.1212 -0.0036 0.0119  -0.0119 29  LEU A C   
254 O O   A LEU A 29 ? 0.1397 0.1357 0.1598 -0.0247 0.0451  -0.0482 29  LEU A O   
255 O O   B LEU A 29 ? 0.1267 0.1200 0.1321 0.0030  0.0246  -0.0265 29  LEU A O   
256 C CB  A LEU A 29 ? 0.2357 0.1643 0.1560 -0.0614 0.0471  -0.0596 29  LEU A CB  
257 C CB  B LEU A 29 ? 0.2518 0.1649 0.1246 -0.0809 0.0322  -0.0430 29  LEU A CB  
258 C CG  A LEU A 29 ? 0.2562 0.1970 0.1377 -0.0802 0.0179  -0.0442 29  LEU A CG  
259 C CG  B LEU A 29 ? 0.2151 0.1622 0.1658 -0.0564 0.0075  -0.0081 29  LEU A CG  
260 C CD1 A LEU A 29 ? 0.2450 0.1807 0.2554 -0.0601 0.0112  -0.0492 29  LEU A CD1 
261 C CD1 B LEU A 29 ? 0.2325 0.2332 0.1600 -0.0983 -0.0042 -0.0162 29  LEU A CD1 
262 C CD2 A LEU A 29 ? 0.3590 0.1528 0.1709 -0.0890 -0.0241 -0.0314 29  LEU A CD2 
263 C CD2 B LEU A 29 ? 0.2777 0.1613 0.2017 -0.0420 0.0459  -0.0214 29  LEU A CD2 
264 N N   . CYS A 30 ? 0.1210 0.1245 0.1295 0.0094  0.0210  -0.0075 30  CYS A N   
265 C CA  . CYS A 30 ? 0.1119 0.1248 0.1176 -0.0056 0.0010  -0.0087 30  CYS A CA  
266 C C   . CYS A 30 ? 0.1160 0.1274 0.1196 -0.0003 -0.0026 -0.0227 30  CYS A C   
267 O O   . CYS A 30 ? 0.1527 0.1597 0.1324 0.0214  -0.0225 -0.0421 30  CYS A O   
268 C CB  . CYS A 30 ? 0.1182 0.2008 0.1254 -0.0284 0.0034  0.0072  30  CYS A CB  
269 S SG  . CYS A 30 ? 0.1290 0.1829 0.1278 -0.0269 -0.0045 0.0041  30  CYS A SG  
270 N N   . GLN A 31 ? 0.1202 0.1346 0.1181 0.0039  -0.0063 -0.0257 31  GLN A N   
271 C CA  . GLN A 31 ? 0.1132 0.1372 0.1162 0.0026  -0.0050 -0.0149 31  GLN A CA  
272 C C   . GLN A 31 ? 0.1082 0.1414 0.1140 -0.0021 0.0011  -0.0166 31  GLN A C   
273 O O   . GLN A 31 ? 0.1405 0.1595 0.1152 -0.0349 -0.0021 -0.0021 31  GLN A O   
274 C CB  . GLN A 31 ? 0.1157 0.1343 0.1396 -0.0076 -0.0017 -0.0103 31  GLN A CB  
275 C CG  . GLN A 31 ? 0.1326 0.1357 0.1599 -0.0054 0.0046  -0.0025 31  GLN A CG  
276 C CD  . GLN A 31 ? 0.1312 0.1538 0.1777 -0.0196 0.0038  0.0053  31  GLN A CD  
277 O OE1 . GLN A 31 ? 0.1277 0.1812 0.1812 -0.0064 0.0206  0.0057  31  GLN A OE1 
278 N NE2 . GLN A 31 ? 0.1806 0.1648 0.2878 -0.0361 0.0407  -0.0026 31  GLN A NE2 
279 N N   . THR A 32 ? 0.1166 0.1521 0.1165 -0.0004 -0.0067 -0.0113 32  THR A N   
280 C CA  . THR A 32 ? 0.1149 0.1614 0.1257 0.0058  -0.0003 -0.0023 32  THR A CA  
281 C C   . THR A 32 ? 0.1186 0.1572 0.1265 0.0054  -0.0059 0.0026  32  THR A C   
282 O O   . THR A 32 ? 0.1116 0.1757 0.1511 0.0092  0.0022  -0.0050 32  THR A O   
283 C CB  . THR A 32 ? 0.1496 0.1794 0.1261 0.0094  0.0133  0.0042  32  THR A CB  
284 O OG1 . THR A 32 ? 0.1762 0.2461 0.1249 0.0151  -0.0216 -0.0094 32  THR A OG1 
285 C CG2 . THR A 32 ? 0.1860 0.2018 0.1467 0.0440  0.0252  0.0073  32  THR A CG2 
286 N N   . PHE A 33 ? 0.1147 0.1627 0.1300 0.0157  -0.0053 0.0012  33  PHE A N   
287 C CA  . PHE A 33 ? 0.1139 0.1632 0.1369 0.0183  -0.0040 0.0016  33  PHE A CA  
288 C C   . PHE A 33 ? 0.1264 0.1690 0.1247 0.0385  0.0000  0.0037  33  PHE A C   
289 O O   . PHE A 33 ? 0.1266 0.1622 0.1487 0.0260  0.0097  0.0233  33  PHE A O   
290 C CB  . PHE A 33 ? 0.1215 0.1771 0.1345 0.0188  0.0078  0.0113  33  PHE A CB  
291 C CG  . PHE A 33 ? 0.1287 0.1513 0.1191 0.0208  0.0154  0.0093  33  PHE A CG  
292 C CD1 . PHE A 33 ? 0.1228 0.1354 0.1257 0.0083  0.0066  0.0092  33  PHE A CD1 
293 C CD2 . PHE A 33 ? 0.1435 0.1605 0.1263 0.0364  0.0124  0.0103  33  PHE A CD2 
294 C CE1 . PHE A 33 ? 0.1327 0.1375 0.1226 0.0122  0.0072  0.0100  33  PHE A CE1 
295 C CE2 . PHE A 33 ? 0.1671 0.1377 0.1307 0.0275  0.0248  0.0021  33  PHE A CE2 
296 C CZ  . PHE A 33 ? 0.1461 0.1361 0.1198 0.0101  0.0194  0.0067  33  PHE A CZ  
297 N N   . VAL A 34 ? 0.1385 0.1714 0.1348 0.0444  0.0055  0.0097  34  VAL A N   
298 C CA  . VAL A 34 ? 0.1764 0.1653 0.1387 0.0533  0.0023  0.0190  34  VAL A CA  
299 C C   . VAL A 34 ? 0.1637 0.1578 0.1339 0.0601  0.0151  0.0193  34  VAL A C   
300 O O   . VAL A 34 ? 0.1615 0.2010 0.1715 0.0571  0.0248  -0.0099 34  VAL A O   
301 C CB  . VAL A 34 ? 0.2232 0.2428 0.1627 0.0560  -0.0274 0.0427  34  VAL A CB  
302 C CG1 . VAL A 34 ? 0.3462 0.2261 0.1953 0.0764  -0.0448 0.0651  34  VAL A CG1 
303 C CG2 . VAL A 34 ? 0.2407 0.2693 0.1692 0.0472  -0.0454 0.0244  34  VAL A CG2 
304 N N   . TYR A 35 ? 0.1849 0.1451 0.1198 0.0529  0.0336  0.0167  35  TYR A N   
305 C CA  . TYR A 35 ? 0.1880 0.1374 0.1173 0.0508  0.0364  0.0237  35  TYR A CA  
306 C C   . TYR A 35 ? 0.1996 0.1369 0.1220 0.0669  0.0277  0.0207  35  TYR A C   
307 O O   . TYR A 35 ? 0.2290 0.1477 0.1289 0.0715  0.0478  0.0278  35  TYR A O   
308 C CB  . TYR A 35 ? 0.1754 0.1194 0.1242 0.0422  0.0364  0.0159  35  TYR A CB  
309 C CG  . TYR A 35 ? 0.1832 0.1210 0.1211 0.0425  0.0339  0.0220  35  TYR A CG  
310 C CD1 . TYR A 35 ? 0.1668 0.1178 0.1214 0.0367  0.0322  0.0184  35  TYR A CD1 
311 C CD2 . TYR A 35 ? 0.1844 0.1244 0.1391 0.0371  0.0511  0.0211  35  TYR A CD2 
312 C CE1 . TYR A 35 ? 0.1856 0.1201 0.1264 0.0321  0.0383  0.0185  35  TYR A CE1 
313 C CE2 . TYR A 35 ? 0.2113 0.1236 0.1574 0.0137  0.0637  0.0189  35  TYR A CE2 
314 C CZ  . TYR A 35 ? 0.1895 0.1146 0.1561 0.0241  0.0451  0.0170  35  TYR A CZ  
315 O OH  . TYR A 35 ? 0.1951 0.1326 0.1614 0.0127  0.0426  0.0151  35  TYR A OH  
316 N N   . GLY A 36 ? 0.2166 0.1361 0.1211 0.0600  0.0338  0.0279  36  GLY A N   
317 C CA  . GLY A 36 ? 0.2464 0.1383 0.1265 0.0668  0.0412  0.0269  36  GLY A CA  
318 C C   . GLY A 36 ? 0.2627 0.1285 0.1279 0.0643  0.0587  0.0262  36  GLY A C   
319 O O   . GLY A 36 ? 0.3137 0.1364 0.1409 0.0760  0.0720  0.0369  36  GLY A O   
320 N N   . GLY A 37 ? 0.2435 0.1304 0.1471 0.0480  0.0602  0.0340  37  GLY A N   
321 C CA  . GLY A 37 ? 0.2623 0.1385 0.1601 0.0396  0.0790  0.0271  37  GLY A CA  
322 C C   . GLY A 37 ? 0.2456 0.1252 0.1751 0.0324  0.0685  0.0316  37  GLY A C   
323 O O   . GLY A 37 ? 0.2703 0.1772 0.2070 0.0083  0.0900  0.0145  37  GLY A O   
324 N N   . CYS A 38 ? 0.2684 0.1172 0.1485 0.0286  0.0625  0.0281  38  CYS A N   
325 C CA  . CYS A 38 ? 0.2805 0.1170 0.1669 0.0139  0.0478  0.0257  38  CYS A CA  
326 C C   . CYS A 38 ? 0.2389 0.1093 0.1533 0.0253  0.0510  0.0148  38  CYS A C   
327 O O   . CYS A 38 ? 0.2059 0.1289 0.1585 0.0294  0.0310  0.0263  38  CYS A O   
328 C CB  A CYS A 38 ? 0.3085 0.1007 0.1599 -0.0012 0.0661  0.0214  38  CYS A CB  
329 C CB  B CYS A 38 ? 0.2944 0.1176 0.1916 0.0129  0.0790  0.0263  38  CYS A CB  
330 S SG  A CYS A 38 ? 0.2969 0.1144 0.1759 0.0474  0.0780  0.0281  38  CYS A SG  
331 S SG  B CYS A 38 ? 0.2957 0.1266 0.1757 0.0407  0.0693  0.0119  38  CYS A SG  
332 N N   . ARG A 39 ? 0.2093 0.1056 0.1736 0.0140  0.0458  0.0193  39  ARG A N   
333 C CA  . ARG A 39 ? 0.2553 0.1042 0.1516 0.0266  0.0422  0.0121  39  ARG A CA  
334 C C   . ARG A 39 ? 0.1842 0.0996 0.1510 0.0199  0.0256  0.0159  39  ARG A C   
335 O O   . ARG A 39 ? 0.1815 0.1165 0.1584 0.0316  0.0434  0.0173  39  ARG A O   
336 C CB  . ARG A 39 ? 0.3251 0.1210 0.1711 0.0776  0.0750  0.0241  39  ARG A CB  
337 C CG  A ARG A 39 ? 0.4023 0.1272 0.1840 0.0764  0.0351  0.0165  39  ARG A CG  
338 C CG  B ARG A 39 ? 0.4047 0.1243 0.1698 0.0826  0.0323  0.0185  39  ARG A CG  
339 C CD  A ARG A 39 ? 0.4180 0.1269 0.1975 0.0894  0.0108  -0.0112 39  ARG A CD  
340 C CD  B ARG A 39 ? 0.4152 0.1897 0.2222 0.0385  0.0176  -0.0232 39  ARG A CD  
341 N NE  A ARG A 39 ? 0.4481 0.1427 0.2962 0.0559  -0.0198 -0.0507 39  ARG A NE  
342 N NE  B ARG A 39 ? 0.4167 0.1884 0.2819 0.0373  -0.0150 -0.0315 39  ARG A NE  
343 C CZ  A ARG A 39 ? 0.4454 0.1729 0.3096 0.0417  -0.0321 -0.0276 39  ARG A CZ  
344 C CZ  B ARG A 39 ? 0.4636 0.2209 0.3140 0.0736  -0.0334 -0.0562 39  ARG A CZ  
345 N NH1 A ARG A 39 ? 0.5432 0.1970 0.2509 0.0237  0.0210  -0.0168 39  ARG A NH1 
346 N NH1 B ARG A 39 ? 0.4515 0.2815 0.4172 0.1045  -0.0137 -0.1103 39  ARG A NH1 
347 N NH2 A ARG A 39 ? 0.3729 0.1605 0.3672 0.0577  -0.0711 -0.0125 39  ARG A NH2 
348 N NH2 B ARG A 39 ? 0.4398 0.2170 0.4344 0.0922  -0.1402 -0.0330 39  ARG A NH2 
349 N N   . ALA A 40 ? 0.1710 0.1080 0.1543 0.0112  0.0390  0.0184  40  ALA A N   
350 C CA  . ALA A 40 ? 0.1495 0.1094 0.1422 0.0161  0.0280  0.0152  40  ALA A CA  
351 C C   . ALA A 40 ? 0.1416 0.1022 0.1428 0.0059  0.0226  0.0076  40  ALA A C   
352 O O   . ALA A 40 ? 0.1525 0.1166 0.1610 -0.0069 0.0025  0.0133  40  ALA A O   
353 C CB  . ALA A 40 ? 0.1654 0.1226 0.1626 0.0267  0.0400  0.0093  40  ALA A CB  
354 N N   . LYS A 41 ? 0.1216 0.1023 0.1297 0.0117  0.0123  0.0065  41  LYS A N   
355 C CA  . LYS A 41 ? 0.1288 0.1004 0.1196 0.0097  0.0157  0.0004  41  LYS A CA  
356 C C   . LYS A 41 ? 0.1116 0.0935 0.1234 0.0035  0.0114  0.0001  41  LYS A C   
357 O O   . LYS A 41 ? 0.1393 0.1128 0.1124 0.0148  0.0174  -0.0008 41  LYS A O   
358 C CB  . LYS A 41 ? 0.1202 0.1273 0.1297 0.0179  0.0184  0.0094  41  LYS A CB  
359 C CG  . LYS A 41 ? 0.1520 0.1309 0.1438 0.0382  0.0237  0.0152  41  LYS A CG  
360 C CD  . LYS A 41 ? 0.1531 0.1702 0.1426 0.0340  0.0311  0.0252  41  LYS A CD  
361 C CE  . LYS A 41 ? 0.1850 0.2288 0.1599 0.0745  0.0370  0.0103  41  LYS A CE  
362 N NZ  . LYS A 41 ? 0.2592 0.1883 0.1957 0.0814  0.0482  -0.0057 41  LYS A NZ  
363 N N   . ARG A 42 ? 0.1063 0.0992 0.1108 0.0071  0.0127  -0.0045 42  ARG A N   
364 C CA  . ARG A 42 ? 0.1006 0.1010 0.1209 0.0039  0.0123  -0.0057 42  ARG A CA  
365 C C   . ARG A 42 ? 0.1123 0.0998 0.1058 0.0043  0.0121  -0.0033 42  ARG A C   
366 O O   . ARG A 42 ? 0.1117 0.1104 0.1293 0.0134  0.0159  -0.0122 42  ARG A O   
367 C CB  . ARG A 42 ? 0.1012 0.0989 0.1288 0.0011  0.0012  -0.0039 42  ARG A CB  
368 C CG  . ARG A 42 ? 0.1078 0.1053 0.1358 -0.0026 -0.0011 0.0011  42  ARG A CG  
369 C CD  . ARG A 42 ? 0.1055 0.1144 0.1422 -0.0028 -0.0065 -0.0021 42  ARG A CD  
370 N NE  . ARG A 42 ? 0.1132 0.1162 0.1312 0.0044  -0.0094 -0.0106 42  ARG A NE  
371 C CZ  . ARG A 42 ? 0.1219 0.1243 0.1350 0.0092  -0.0049 -0.0168 42  ARG A CZ  
372 N NH1 . ARG A 42 ? 0.1302 0.1694 0.1393 0.0161  -0.0191 -0.0136 42  ARG A NH1 
373 N NH2 . ARG A 42 ? 0.1420 0.1583 0.1269 0.0166  -0.0019 -0.0174 42  ARG A NH2 
374 N N   . ASN A 43 ? 0.1086 0.0967 0.1069 0.0059  0.0083  -0.0064 43  ASN A N   
375 C CA  . ASN A 43 ? 0.1129 0.0891 0.1072 0.0073  0.0086  -0.0045 43  ASN A CA  
376 C C   . ASN A 43 ? 0.1205 0.0861 0.1021 0.0104  0.0132  -0.0066 43  ASN A C   
377 O O   . ASN A 43 ? 0.1166 0.1040 0.1080 0.0073  0.0062  0.0017  43  ASN A O   
378 C CB  . ASN A 43 ? 0.1145 0.0993 0.1038 0.0029  0.0135  -0.0062 43  ASN A CB  
379 C CG  . ASN A 43 ? 0.1057 0.1017 0.1069 0.0075  0.0051  -0.0006 43  ASN A CG  
380 O OD1 . ASN A 43 ? 0.1152 0.1004 0.1136 0.0018  0.0078  -0.0096 43  ASN A OD1 
381 N ND2 . ASN A 43 ? 0.1169 0.1059 0.1196 -0.0081 0.0148  -0.0098 43  ASN A ND2 
382 N N   . ASN A 44 ? 0.1174 0.0987 0.1067 0.0082  0.0139  -0.0022 44  ASN A N   
383 C CA  . ASN A 44 ? 0.1160 0.1007 0.1076 0.0089  0.0167  -0.0024 44  ASN A CA  
384 C C   . ASN A 44 ? 0.1132 0.0962 0.1081 0.0013  0.0146  -0.0032 44  ASN A C   
385 O O   . ASN A 44 ? 0.1204 0.1116 0.1255 -0.0032 0.0140  -0.0204 44  ASN A O   
386 C CB  . ASN A 44 ? 0.1358 0.1038 0.1060 0.0154  0.0195  0.0029  44  ASN A CB  
387 C CG  . ASN A 44 ? 0.1358 0.1008 0.1182 0.0135  0.0224  0.0039  44  ASN A CG  
388 O OD1 . ASN A 44 ? 0.1733 0.1258 0.1183 0.0329  0.0299  0.0067  44  ASN A OD1 
389 N ND2 . ASN A 44 ? 0.1420 0.1064 0.1308 0.0176  0.0298  0.0127  44  ASN A ND2 
390 N N   . PHE A 45 ? 0.1013 0.0976 0.1091 0.0069  0.0103  -0.0094 45  PHE A N   
391 C CA  . PHE A 45 ? 0.0999 0.0985 0.1188 0.0036  0.0103  -0.0114 45  PHE A CA  
392 C C   . PHE A 45 ? 0.1059 0.0884 0.1167 0.0007  0.0158  -0.0069 45  PHE A C   
393 O O   . PHE A 45 ? 0.1138 0.1106 0.1124 0.0076  0.0101  -0.0007 45  PHE A O   
394 C CB  . PHE A 45 ? 0.1064 0.1027 0.1141 0.0092  0.0057  -0.0094 45  PHE A CB  
395 C CG  . PHE A 45 ? 0.1103 0.0942 0.1135 0.0080  0.0018  -0.0121 45  PHE A CG  
396 C CD1 . PHE A 45 ? 0.1157 0.1067 0.1204 0.0021  0.0007  -0.0100 45  PHE A CD1 
397 C CD2 . PHE A 45 ? 0.1159 0.0978 0.1161 0.0115  0.0080  -0.0048 45  PHE A CD2 
398 C CE1 . PHE A 45 ? 0.1325 0.1181 0.1164 -0.0002 -0.0087 -0.0096 45  PHE A CE1 
399 C CE2 . PHE A 45 ? 0.1263 0.1042 0.1196 0.0150  0.0149  -0.0028 45  PHE A CE2 
400 C CZ  . PHE A 45 ? 0.1524 0.1088 0.1110 0.0143  0.0063  -0.0134 45  PHE A CZ  
401 N N   . LYS A 46 ? 0.1119 0.1014 0.1213 -0.0035 0.0148  -0.0052 46  LYS A N   
402 C CA  . LYS A 46 ? 0.1368 0.0993 0.1258 -0.0012 0.0328  -0.0007 46  LYS A CA  
403 C C   . LYS A 46 ? 0.1464 0.1040 0.1209 -0.0011 0.0278  -0.0050 46  LYS A C   
404 O O   . LYS A 46 ? 0.2324 0.1142 0.1229 0.0122  0.0211  0.0026  46  LYS A O   
405 C CB  . LYS A 46 ? 0.1686 0.1582 0.1656 -0.0413 0.0545  -0.0083 46  LYS A CB  
406 C CG  . LYS A 46 ? 0.2108 0.1665 0.2605 -0.0440 0.0715  -0.0126 46  LYS A CG  
407 C CD  A LYS A 46 ? 0.2707 0.1484 0.2411 -0.0680 0.0158  0.0256  46  LYS A CD  
408 C CD  B LYS A 46 ? 0.2065 0.1575 0.1901 -0.0439 -0.0163 0.0360  46  LYS A CD  
409 C CE  A LYS A 46 ? 0.2917 0.1723 0.1918 -0.0292 -0.0354 0.0261  46  LYS A CE  
410 C CE  B LYS A 46 ? 0.3077 0.1505 0.2251 -0.0235 -0.0352 0.0135  46  LYS A CE  
411 N NZ  A LYS A 46 ? 0.3412 0.1865 0.3627 -0.0667 -0.0387 -0.0480 46  LYS A NZ  
412 N NZ  B LYS A 46 ? 0.3218 0.1848 0.3858 -0.0632 -0.0943 0.0070  46  LYS A NZ  
413 N N   . SER A 47 ? 0.1341 0.1014 0.1158 -0.0002 0.0163  -0.0094 47  SER A N   
414 C CA  . SER A 47 ? 0.1499 0.1007 0.1206 0.0008  0.0180  -0.0097 47  SER A CA  
415 C C   . SER A 47 ? 0.1378 0.0963 0.1159 0.0033  0.0140  -0.0101 47  SER A C   
416 O O   . SER A 47 ? 0.1374 0.0961 0.1133 0.0004  0.0117  -0.0094 47  SER A O   
417 C CB  . SER A 47 ? 0.1707 0.1040 0.1410 0.0019  0.0389  -0.0159 47  SER A CB  
418 O OG  . SER A 47 ? 0.1435 0.1315 0.1508 0.0046  0.0278  -0.0046 47  SER A OG  
419 N N   . ALA A 48 ? 0.1491 0.1001 0.1105 -0.0019 0.0087  -0.0126 48  ALA A N   
420 C CA  . ALA A 48 ? 0.1336 0.0949 0.1233 0.0019  0.0000  -0.0086 48  ALA A CA  
421 C C   . ALA A 48 ? 0.1278 0.0977 0.1136 -0.0042 0.0087  -0.0147 48  ALA A C   
422 O O   . ALA A 48 ? 0.1309 0.1077 0.1172 -0.0098 0.0055  -0.0103 48  ALA A O   
423 C CB  . ALA A 48 ? 0.1472 0.1062 0.1363 -0.0017 -0.0049 -0.0201 48  ALA A CB  
424 N N   . GLU A 49 ? 0.1313 0.1056 0.1194 0.0015  0.0122  -0.0184 49  GLU A N   
425 C CA  . GLU A 49 ? 0.1355 0.1104 0.1369 0.0146  0.0094  -0.0217 49  GLU A CA  
426 C C   . GLU A 49 ? 0.1118 0.1069 0.1344 0.0129  0.0085  -0.0128 49  GLU A C   
427 O O   . GLU A 49 ? 0.1244 0.1187 0.1412 0.0068  0.0014  -0.0094 49  GLU A O   
428 C CB  . GLU A 49 ? 0.1362 0.1721 0.1661 0.0251  0.0146  -0.0527 49  GLU A CB  
429 C CG  . GLU A 49 ? 0.1651 0.2963 0.2032 0.0859  -0.0027 -0.0625 49  GLU A CG  
430 C CD  . GLU A 49 ? 0.1508 0.5613 0.3095 0.1098  0.0098  -0.0855 49  GLU A CD  
431 O OE1 . GLU A 49 ? 0.1800 0.7505 0.2350 0.0398  0.0348  -0.0789 49  GLU A OE1 
432 O OE2 . GLU A 49 ? 0.2703 0.6376 0.5571 0.2252  0.0789  -0.0898 49  GLU A OE2 
433 N N   . ASP A 50 ? 0.1115 0.1052 0.1347 0.0051  0.0140  -0.0133 50  ASP A N   
434 C CA  . ASP A 50 ? 0.1088 0.1128 0.1340 -0.0013 -0.0003 -0.0182 50  ASP A CA  
435 C C   . ASP A 50 ? 0.1088 0.0981 0.1302 0.0046  -0.0003 -0.0210 50  ASP A C   
436 O O   . ASP A 50 ? 0.1129 0.1179 0.1322 0.0051  -0.0046 -0.0193 50  ASP A O   
437 C CB  . ASP A 50 ? 0.1336 0.1199 0.1604 -0.0204 0.0003  -0.0216 50  ASP A CB  
438 C CG  A ASP A 50 ? 0.1678 0.1596 0.1890 -0.0322 0.0380  -0.0189 50  ASP A CG  
439 C CG  B ASP A 50 ? 0.1054 0.1095 0.1907 -0.0215 -0.0117 -0.0072 50  ASP A CG  
440 O OD1 A ASP A 50 ? 0.1466 0.1905 0.2638 -0.0284 0.0576  -0.0347 50  ASP A OD1 
441 O OD1 B ASP A 50 ? 0.1574 0.1212 0.2781 -0.0214 -0.0816 0.0180  50  ASP A OD1 
442 O OD2 A ASP A 50 ? 0.2174 0.1615 0.2491 -0.0638 0.0650  -0.0180 50  ASP A OD2 
443 O OD2 B ASP A 50 ? 0.1191 0.1214 0.2199 -0.0045 -0.0079 -0.0401 50  ASP A OD2 
444 N N   . CYS A 51 ? 0.1089 0.0976 0.1192 -0.0036 0.0029  -0.0140 51  CYS A N   
445 C CA  . CYS A 51 ? 0.1066 0.0984 0.1136 0.0080  0.0051  -0.0155 51  CYS A CA  
446 C C   . CYS A 51 ? 0.1013 0.1083 0.1135 0.0005  -0.0035 -0.0131 51  CYS A C   
447 O O   . CYS A 51 ? 0.1214 0.1165 0.1106 0.0072  0.0015  -0.0108 51  CYS A O   
448 C CB  . CYS A 51 ? 0.1097 0.1064 0.1207 0.0036  0.0019  -0.0084 51  CYS A CB  
449 S SG  . CYS A 51 ? 0.1036 0.1573 0.1245 0.0086  0.0031  -0.0074 51  CYS A SG  
450 N N   . LEU A 52 ? 0.1133 0.0976 0.1130 -0.0003 -0.0002 -0.0074 52  LEU A N   
451 C CA  . LEU A 52 ? 0.1255 0.1043 0.1182 0.0008  -0.0084 -0.0072 52  LEU A CA  
452 C C   . LEU A 52 ? 0.1256 0.1021 0.1195 0.0113  -0.0083 -0.0129 52  LEU A C   
453 O O   . LEU A 52 ? 0.1417 0.1119 0.1253 0.0123  -0.0074 -0.0025 52  LEU A O   
454 C CB  . LEU A 52 ? 0.1676 0.0985 0.1282 -0.0041 -0.0083 -0.0120 52  LEU A CB  
455 C CG  . LEU A 52 ? 0.1811 0.1118 0.1458 -0.0232 -0.0187 -0.0077 52  LEU A CG  
456 C CD1 . LEU A 52 ? 0.2828 0.1407 0.1486 -0.0317 -0.0215 -0.0292 52  LEU A CD1 
457 C CD2 . LEU A 52 ? 0.1788 0.1796 0.1749 -0.0479 -0.0194 0.0196  52  LEU A CD2 
458 N N   . ARG A 53 ? 0.1199 0.1169 0.1196 0.0123  -0.0020 -0.0167 53  ARG A N   
459 C CA  . ARG A 53 ? 0.1235 0.1475 0.1289 0.0345  -0.0091 -0.0232 53  ARG A CA  
460 C C   . ARG A 53 ? 0.1078 0.1341 0.1308 0.0188  -0.0066 -0.0179 53  ARG A C   
461 O O   . ARG A 53 ? 0.1438 0.1356 0.1330 0.0189  -0.0277 -0.0108 53  ARG A O   
462 C CB  . ARG A 53 ? 0.1199 0.2185 0.1445 0.0279  0.0005  -0.0338 53  ARG A CB  
463 C CG  A ARG A 53 ? 0.1347 0.2414 0.2349 0.0209  -0.0280 -0.0541 53  ARG A CG  
464 C CG  B ARG A 53 ? 0.1254 0.2871 0.2467 0.0239  -0.0312 -0.0554 53  ARG A CG  
465 C CD  A ARG A 53 ? 0.1382 0.3173 0.2592 0.0067  -0.0115 -0.0534 53  ARG A CD  
466 C CD  B ARG A 53 ? 0.1397 0.3320 0.2720 0.0039  -0.0103 -0.0604 53  ARG A CD  
467 N NE  A ARG A 53 ? 0.1466 0.3311 0.2966 -0.0266 0.0172  -0.0859 53  ARG A NE  
468 N NE  B ARG A 53 ? 0.2181 0.3488 0.2797 -0.0032 0.0180  -0.0568 53  ARG A NE  
469 C CZ  A ARG A 53 ? 0.1893 0.3485 0.2837 -0.0302 0.0301  -0.0840 53  ARG A CZ  
470 C CZ  B ARG A 53 ? 0.2037 0.3728 0.2940 -0.0372 -0.0005 -0.0280 53  ARG A CZ  
471 N NH1 A ARG A 53 ? 0.3907 0.2857 0.1927 -0.0322 -0.0551 0.0361  53  ARG A NH1 
472 N NH1 B ARG A 53 ? 0.3068 0.2746 0.3591 -0.0935 0.0854  0.0271  53  ARG A NH1 
473 N NH2 A ARG A 53 ? 0.1843 0.3761 0.2564 0.0269  -0.0326 -0.0720 53  ARG A NH2 
474 N NH2 B ARG A 53 ? 0.2037 0.4717 0.2996 -0.0284 0.0167  -0.0073 53  ARG A NH2 
475 N N   . THR A 54 ? 0.1090 0.1384 0.1144 0.0187  -0.0039 -0.0159 54  THR A N   
476 C CA  . THR A 54 ? 0.1128 0.1235 0.1182 0.0092  -0.0056 -0.0128 54  THR A CA  
477 C C   . THR A 54 ? 0.1151 0.1280 0.1151 0.0225  -0.0013 -0.0072 54  THR A C   
478 O O   . THR A 54 ? 0.1155 0.1677 0.1131 0.0162  -0.0055 -0.0056 54  THR A O   
479 C CB  . THR A 54 ? 0.1571 0.1171 0.1321 0.0062  -0.0047 -0.0135 54  THR A CB  
480 O OG1 . THR A 54 ? 0.1970 0.1432 0.1987 -0.0247 0.0238  -0.0004 54  THR A OG1 
481 C CG2 . THR A 54 ? 0.2118 0.1331 0.1447 0.0267  -0.0306 -0.0299 54  THR A CG2 
482 N N   . CYS A 55 ? 0.1052 0.1362 0.1166 0.0150  -0.0020 -0.0150 55  CYS A N   
483 C CA  . CYS A 55 ? 0.1109 0.1499 0.1158 0.0183  0.0031  -0.0080 55  CYS A CA  
484 C C   . CYS A 55 ? 0.1127 0.1598 0.1463 0.0046  0.0069  -0.0121 55  CYS A C   
485 O O   . CYS A 55 ? 0.1352 0.1836 0.1779 -0.0051 0.0281  -0.0011 55  CYS A O   
486 C CB  . CYS A 55 ? 0.1076 0.1729 0.1190 0.0212  0.0017  -0.0054 55  CYS A CB  
487 S SG  . CYS A 55 ? 0.1112 0.1578 0.1392 0.0230  0.0174  0.0220  55  CYS A SG  
488 N N   A GLY A 56 ? 0.1489 0.1355 0.1533 0.0084  0.0135  -0.0006 56  GLY A N   
489 N N   B GLY A 56 ? 0.1279 0.1407 0.1568 -0.0092 0.0037  -0.0227 56  GLY A N   
490 C CA  A GLY A 56 ? 0.1604 0.1395 0.1588 0.0015  0.0119  0.0028  56  GLY A CA  
491 C CA  B GLY A 56 ? 0.1535 0.1424 0.1480 -0.0189 -0.0003 -0.0045 56  GLY A CA  
492 C C   A GLY A 56 ? 0.2253 0.1309 0.1554 0.0002  -0.0078 -0.0007 56  GLY A C   
493 C C   B GLY A 56 ? 0.1461 0.1400 0.2012 0.0024  -0.0147 -0.0210 56  GLY A C   
494 O O   A GLY A 56 ? 0.3714 0.1558 0.1975 -0.0984 -0.0611 0.0189  56  GLY A O   
495 O O   B GLY A 56 ? 0.2287 0.1329 0.2613 -0.0014 -0.0190 -0.0152 56  GLY A O   
496 N N   A GLY A 57 ? 0.2343 0.1752 0.2235 0.0160  -0.0486 0.0141  57  GLY A N   
497 N N   B GLY A 57 ? 0.2034 0.1323 0.2354 0.0320  -0.0631 -0.0083 57  GLY A N   
498 C CA  A GLY A 57 ? 0.3700 0.2123 0.1835 0.0199  -0.0682 0.0090  57  GLY A CA  
499 C CA  B GLY A 57 ? 0.3716 0.1707 0.2273 0.0226  -0.0589 0.0018  57  GLY A CA  
500 C C   A GLY A 57 ? 0.4190 0.2024 0.2079 -0.0081 -0.0376 0.0092  57  GLY A C   
501 C C   B GLY A 57 ? 0.4462 0.2039 0.2577 -0.0026 -0.0323 0.0325  57  GLY A C   
502 O O   A GLY A 57 ? 0.2597 0.2212 0.2092 -0.0188 -0.0243 0.0402  57  GLY A O   
503 O O   B GLY A 57 ? 0.4210 0.2112 0.3579 -0.0351 0.0004  -0.0626 57  GLY A O   
504 N N   . ALA A 58 ? 0.5980 0.2467 0.2793 0.0059  0.0163  0.0755  58  ALA A N   
505 C CA  . ALA A 58 ? 0.6453 0.3369 0.3106 -0.0613 0.0710  0.0499  58  ALA A CA  
506 C C   . ALA A 58 ? 0.5994 0.4012 0.3294 -0.0772 0.0969  0.0021  58  ALA A C   
507 O O   . ALA A 58 ? 0.6181 0.5307 0.5086 -0.1277 0.0775  -0.0199 58  ALA A O   
508 C CB  . ALA A 58 ? 0.6420 0.3844 0.2911 -0.0881 0.0174  0.0844  58  ALA A CB  
509 O OXT . ALA A 58 ? 0.6793 0.3554 0.3174 0.0625  0.0406  0.0449  58  ALA A OXT 
510 S S   . SO4 B .  ? 0.1241 0.1520 0.1256 0.0234  0.0067  -0.0240 61  SO4 A S   
511 O O1  . SO4 B .  ? 0.1760 0.1928 0.4626 0.0325  -0.0371 -0.1697 61  SO4 A O1  
512 O O2  . SO4 B .  ? 0.1165 0.1348 0.1413 0.0099  0.0155  -0.0095 61  SO4 A O2  
513 O O3  . SO4 B .  ? 0.1423 0.4612 0.1483 0.0580  0.0180  0.0706  61  SO4 A O3  
514 O O4  . SO4 B .  ? 0.1122 0.1885 0.1270 0.0086  0.0074  -0.0111 61  SO4 A O4  
515 S S   . SO4 C .  ? 0.2528 0.2047 0.2535 -0.0293 0.0539  -0.0267 62  SO4 A S   
516 O O1  . SO4 C .  ? 0.2330 0.1899 0.2834 -0.0247 0.0935  -0.0439 62  SO4 A O1  
517 O O2  . SO4 C .  ? 0.2821 0.1923 0.2245 -0.0642 0.0348  -0.0209 62  SO4 A O2  
518 O O3  . SO4 C .  ? 0.2294 0.2612 0.4681 -0.0618 0.0564  -0.0381 62  SO4 A O3  
519 O O4  . SO4 C .  ? 0.4361 0.2051 0.2556 -0.0737 0.1467  -0.0506 62  SO4 A O4  
520 S S   . SO4 D .  ? 0.2258 0.3621 0.1567 0.0702  0.0031  -0.0136 63  SO4 A S   
521 O O1  . SO4 D .  ? 0.3532 0.4088 0.5386 0.1576  0.1748  0.1576  63  SO4 A O1  
522 O O2  . SO4 D .  ? 0.2771 0.5476 0.3352 0.0337  -0.1018 -0.0751 63  SO4 A O2  
523 O O3  . SO4 D .  ? 0.2896 0.5358 0.2044 0.0089  -0.0449 0.0595  63  SO4 A O3  
524 O O4  . SO4 D .  ? 0.2082 0.6525 0.1407 0.0925  0.0053  -0.0101 63  SO4 A O4  
525 S S   . SO4 E .  ? 1.2028 0.2357 0.7667 0.1127  0.1720  -0.0785 64  SO4 A S   
526 O O1  . SO4 E .  ? 1.5450 0.2267 0.7649 0.0996  0.2508  0.1253  64  SO4 A O1  
527 O O3  . SO4 E .  ? 0.9820 0.5128 0.3225 0.0271  -0.0679 0.1618  64  SO4 A O3  
528 S S   . SO4 F .  ? 0.1576 0.3629 0.1901 -0.0731 -0.0284 0.0157  65  SO4 A S   
529 O O1  . SO4 F .  ? 0.2654 0.4699 0.3168 0.1673  -0.1249 -0.1702 65  SO4 A O1  
530 O O3  . SO4 F .  ? 0.3326 0.5220 0.4062 -0.2421 0.1346  -0.1359 65  SO4 A O3  
531 S S   . SO4 G .  ? 0.4792 0.2995 0.8951 -0.0447 0.2496  -0.0413 66  SO4 A S   
532 O O1  . SO4 G .  ? 0.5274 0.4415 0.9484 0.0194  0.2997  0.0421  66  SO4 A O1  
533 O O2  . SO4 G .  ? 0.4426 0.1671 0.9837 -0.0764 0.2700  0.0242  66  SO4 A O2  
534 O O3  . SO4 G .  ? 0.4786 0.6143 0.8855 -0.0374 0.2438  -0.2178 66  SO4 A O3  
535 O O4  . SO4 G .  ? 0.5929 0.1966 0.9908 -0.0734 0.3198  -0.0465 66  SO4 A O4  
536 S S   . SO4 H .  ? 0.9870 0.7350 0.6641 -0.4315 0.4450  -0.0587 68  SO4 A S   
537 O O1  . SO4 H .  ? 1.0991 0.5001 0.6714 -0.4105 0.4296  -0.0651 68  SO4 A O1  
538 O O2  . SO4 H .  ? 1.1005 0.7136 0.5809 -0.4435 0.5506  -0.0189 68  SO4 A O2  
539 O O3  . SO4 H .  ? 0.9201 0.7579 0.5454 -0.4678 0.4440  -0.1028 68  SO4 A O3  
540 O O4  . SO4 H .  ? 0.9241 0.7739 0.6674 -0.4001 0.4433  -0.0703 68  SO4 A O4  
541 S S   A SO4 I .  ? 0.1712 0.2898 0.3006 0.0657  0.0236  -0.0417 67  SO4 A S   
542 O O1  A SO4 I .  ? 0.2178 0.4050 0.3888 0.0318  0.1646  -0.0559 67  SO4 A O1  
543 O O2  A SO4 I .  ? 0.1577 0.2656 0.2450 0.0454  0.0387  -0.0068 67  SO4 A O2  
544 O O3  A SO4 I .  ? 0.2459 0.2741 0.2688 0.0540  0.0290  -0.0428 67  SO4 A O3  
545 O O4  A SO4 I .  ? 0.1565 0.4431 0.5276 0.0742  -0.0605 -0.0031 67  SO4 A O4  
546 C C1  . EDO J .  ? 0.3567 0.3914 0.3563 -0.1352 -0.0903 0.1249  81  EDO A C1  
547 O O1  . EDO J .  ? 0.6503 0.3867 0.2675 0.0260  -0.0286 0.0292  81  EDO A O1  
548 C C2  . EDO J .  ? 0.3392 0.4385 0.3055 -0.0801 -0.0156 0.0997  81  EDO A C2  
549 O O2  . EDO J .  ? 0.2925 0.1746 0.1752 0.0112  0.0629  -0.0066 81  EDO A O2  
550 C C1  . EDO K .  ? 0.5675 0.9211 0.3991 -0.4282 0.2643  -0.2445 82  EDO A C1  
551 O O1  . EDO K .  ? 0.6047 0.9292 0.5176 -0.4438 0.3101  -0.2038 82  EDO A O1  
552 C C2  . EDO K .  ? 0.6220 0.9660 0.3554 -0.3680 0.2760  -0.2104 82  EDO A C2  
553 O O2  . EDO K .  ? 0.6117 1.0076 0.6502 -0.3867 0.0563  -0.3139 82  EDO A O2  
554 O O   . HOH L .  ? 0.1275 0.1098 0.1416 0.0193  0.0262  0.0153  101 HOH A O   
555 O O   . HOH L .  ? 0.1186 0.1307 0.1390 0.0034  0.0218  0.0097  102 HOH A O   
556 O O   . HOH L .  ? 0.1789 0.2298 0.1663 0.0608  0.0600  0.0203  103 HOH A O   
557 O O   . HOH L .  ? 0.1320 0.1087 0.1314 0.0168  0.0221  0.0038  104 HOH A O   
558 O O   . HOH L .  ? 0.2186 0.1337 0.1579 0.0439  0.0437  0.0272  105 HOH A O   
559 O O   . HOH L .  ? 0.1093 0.1141 0.1235 0.0007  0.0212  -0.0057 106 HOH A O   
560 O O   . HOH L .  ? 0.1684 0.1352 0.1518 0.0003  0.0278  -0.0338 107 HOH A O   
561 O O   . HOH L .  ? 0.1240 0.1595 0.1582 -0.0034 0.0205  -0.0107 108 HOH A O   
562 O O   . HOH L .  ? 0.1873 0.2728 0.1878 0.0466  0.0626  0.0818  109 HOH A O   
563 O O   . HOH L .  ? 0.1415 0.2266 0.2427 -0.0322 -0.0264 0.0305  110 HOH A O   
564 O O   . HOH L .  ? 0.1538 0.1706 0.3220 0.0215  -0.0561 -0.0429 111 HOH A O   
565 O O   . HOH L .  ? 0.2384 0.3357 0.2422 0.0269  0.0285  0.1506  112 HOH A O   
566 O O   . HOH L .  ? 0.1525 0.1609 0.2048 0.0023  0.0438  0.0038  113 HOH A O   
567 O O   . HOH L .  ? 0.1865 0.2114 0.3133 -0.0468 0.0868  -0.1060 114 HOH A O   
568 O O   . HOH L .  ? 0.1753 0.2410 0.1224 -0.0496 0.0038  -0.0107 115 HOH A O   
569 O O   . HOH L .  ? 0.2419 0.3846 0.2077 -0.0122 0.0920  0.0065  116 HOH A O   
570 O O   . HOH L .  ? 0.1434 0.2187 0.1773 0.0295  -0.0280 -0.0483 117 HOH A O   
571 O O   . HOH L .  ? 0.1353 0.3561 0.2347 -0.0384 0.0304  -0.0346 118 HOH A O   
572 O O   . HOH L .  ? 0.2149 0.4285 0.4835 -0.0729 -0.0725 0.2048  119 HOH A O   
573 O O   . HOH L .  ? 0.4940 0.3095 0.1652 0.1838  0.0085  0.0353  120 HOH A O   
574 O O   . HOH L .  ? 0.5682 0.1930 0.2724 0.1565  0.1445  0.0429  121 HOH A O   
575 O O   . HOH L .  ? 0.3077 0.2037 0.3497 -0.0016 0.0766  0.0229  122 HOH A O   
576 O O   . HOH L .  ? 0.4115 0.2451 0.2953 -0.0920 0.0600  0.0039  123 HOH A O   
577 O O   . HOH L .  ? 0.2955 0.3683 0.2014 0.0981  -0.0135 0.0222  124 HOH A O   
578 O O   . HOH L .  ? 0.1517 0.2731 0.2728 0.0081  -0.0078 -0.0327 125 HOH A O   
579 O O   . HOH L .  ? 0.3592 0.2351 0.6006 -0.1298 -0.0399 0.0538  126 HOH A O   
580 O O   . HOH L .  ? 0.2353 0.3213 0.3435 -0.0373 0.0275  -0.1120 127 HOH A O   
581 O O   . HOH L .  ? 0.2580 0.2257 0.6036 -0.0301 -0.0484 -0.0770 128 HOH A O   
582 O O   . HOH L .  ? 0.2686 0.4359 0.4180 -0.0970 0.1044  -0.0676 129 HOH A O   
583 O O   . HOH L .  ? 0.7723 0.1819 0.2801 -0.0416 0.1482  -0.0117 130 HOH A O   
584 O O   . HOH L .  ? 0.2796 0.2420 0.2561 -0.0532 0.0189  0.0379  131 HOH A O   
585 O O   . HOH L .  ? 0.8579 0.3027 0.3919 -0.0952 0.0816  -0.0450 132 HOH A O   
586 O O   . HOH L .  ? 0.5812 0.2771 0.3364 -0.1613 0.0381  -0.0643 133 HOH A O   
587 O O   . HOH L .  ? 0.2649 0.5768 0.4512 -0.1201 0.0694  -0.0384 134 HOH A O   
588 O O   . HOH L .  ? 0.1468 0.1603 0.1961 0.0141  0.0281  0.0206  135 HOH A O   
589 O O   . HOH L .  ? 0.1569 0.3484 0.3081 0.0284  0.0060  0.0628  136 HOH A O   
590 O O   . HOH L .  ? 0.2314 0.2206 0.2484 -0.0127 0.0083  0.0118  137 HOH A O   
591 O O   . HOH L .  ? 0.2009 0.2850 0.3345 0.0098  0.0284  -0.0949 138 HOH A O   
592 O O   . HOH L .  ? 0.1557 0.2371 0.2232 0.0415  -0.0060 -0.0927 139 HOH A O   
593 O O   . HOH L .  ? 0.4318 0.2523 0.2693 0.1284  -0.0656 -0.0561 140 HOH A O   
594 O O   . HOH L .  ? 0.2588 0.2371 0.4181 -0.0114 0.1491  0.0063  141 HOH A O   
595 O O   . HOH L .  ? 0.5044 0.6868 0.2101 -0.1398 0.0114  0.0602  142 HOH A O   
596 O O   . HOH L .  ? 0.1401 0.2178 0.3554 -0.0036 -0.0022 -0.0757 143 HOH A O   
597 O O   . HOH L .  ? 0.3176 0.4641 0.5759 0.0942  -0.0450 0.0722  144 HOH A O   
598 O O   . HOH L .  ? 0.1780 0.4430 0.2486 -0.0782 0.0474  -0.1563 145 HOH A O   
599 O O   . HOH L .  ? 0.3054 0.3266 0.3865 0.0843  -0.0357 0.0211  146 HOH A O   
600 O O   . HOH L .  ? 0.3875 0.4333 0.3888 0.1203  -0.1368 -0.0823 147 HOH A O   
601 O O   . HOH L .  ? 0.6821 0.2186 0.2193 -0.0210 -0.0756 -0.0241 148 HOH A O   
602 O O   . HOH L .  ? 0.7008 0.2410 0.4219 0.0461  -0.3594 -0.0451 149 HOH A O   
603 O O   . HOH L .  ? 0.2038 0.2748 0.4531 -0.0910 0.0322  -0.1868 150 HOH A O   
604 O O   . HOH L .  ? 0.6322 0.1677 0.1993 0.1483  0.0952  -0.0022 151 HOH A O   
605 O O   . HOH L .  ? 0.3754 0.4544 0.3208 0.1008  0.0254  -0.0593 152 HOH A O   
606 O O   . HOH L .  ? 0.3604 0.4056 0.5786 -0.0064 -0.1595 0.0017  153 HOH A O   
607 O O   . HOH L .  ? 0.3518 0.5331 0.3334 -0.1673 0.0956  -0.0308 154 HOH A O   
608 O O   . HOH L .  ? 0.2004 0.1976 0.5053 -0.0044 -0.0219 0.0001  155 HOH A O   
609 O O   . HOH L .  ? 0.2284 0.2076 0.3207 0.0487  -0.0590 -0.0663 156 HOH A O   
610 O O   . HOH L .  ? 0.2542 0.5904 0.3173 -0.0408 0.0027  -0.1955 157 HOH A O   
611 O O   . HOH L .  ? 0.3664 0.5008 0.5209 0.0046  -0.0517 -0.1527 158 HOH A O   
612 O O   . HOH L .  ? 0.4386 0.1952 0.1794 0.0690  0.0718  0.0173  159 HOH A O   
613 O O   . HOH L .  ? 0.4651 0.3807 0.3932 0.1225  -0.1935 -0.1784 160 HOH A O   
614 O O   . HOH L .  ? 0.4522 0.5356 0.3783 0.0572  0.0123  0.1538  161 HOH A O   
615 O O   . HOH L .  ? 0.3178 0.4546 0.4069 -0.0098 0.2004  0.1230  162 HOH A O   
616 O O   . HOH L .  ? 0.5042 0.2011 0.2531 0.0070  -0.0470 0.0279  163 HOH A O   
617 O O   . HOH L .  ? 0.3480 0.2417 0.5300 -0.0073 -0.1736 0.0294  164 HOH A O   
618 O O   . HOH L .  ? 0.4631 0.2893 0.2148 0.0202  0.0363  -0.0264 165 HOH A O   
619 O O   . HOH L .  ? 0.2156 0.3025 0.4022 -0.0054 0.0585  0.1135  166 HOH A O   
620 O O   . HOH L .  ? 0.4644 0.5601 0.3221 -0.0870 -0.1115 0.0455  167 HOH A O   
621 O O   . HOH L .  ? 0.4465 1.0507 0.5392 -0.0847 0.0314  0.3853  168 HOH A O   
622 O O   . HOH L .  ? 0.2285 0.4687 0.7637 0.0168  0.0171  -0.1632 169 HOH A O   
623 O O   . HOH L .  ? 0.7271 0.5747 0.5987 0.0921  -0.0880 0.0790  170 HOH A O   
624 O O   . HOH L .  ? 0.2997 0.1508 0.2904 0.0523  0.0003  -0.0285 171 HOH A O   
625 O O   . HOH L .  ? 0.6129 0.7059 0.3141 -0.0471 0.0171  0.0050  172 HOH A O   
626 O O   . HOH L .  ? 0.5583 0.3585 0.2117 -0.0004 0.0253  -0.0822 173 HOH A O   
627 O O   . HOH L .  ? 0.3413 0.3456 0.4370 0.0756  -0.0652 -0.1338 174 HOH A O   
628 O O   . HOH L .  ? 0.3403 0.6372 0.3535 0.1041  0.1639  0.0572  175 HOH A O   
629 O O   . HOH L .  ? 0.4278 0.4989 0.6205 0.0762  0.0971  0.1968  176 HOH A O   
630 O O   . HOH L .  ? 0.6792 0.3716 0.5440 0.1388  -0.3408 0.0262  177 HOH A O   
631 O O   . HOH L .  ? 0.1572 0.2626 0.2527 -0.0214 0.0425  -0.0567 178 HOH A O   
632 O O   . HOH L .  ? 0.2903 0.6540 0.5113 0.0814  -0.1015 0.0788  179 HOH A O   
633 O O   . HOH L .  ? 0.3635 0.6780 0.2911 0.0131  0.1726  0.1175  180 HOH A O   
634 O O   . HOH L .  ? 0.2196 0.5345 0.3838 0.0090  -0.0416 0.1145  181 HOH A O   
635 O O   . HOH L .  ? 0.5871 0.2948 0.6055 0.0615  -0.0139 -0.0606 182 HOH A O   
636 O O   . HOH L .  ? 0.2261 0.5216 0.2641 0.0010  -0.0131 -0.0364 183 HOH A O   
637 O O   . HOH L .  ? 0.1465 0.5407 0.2912 -0.0168 -0.0005 -0.0061 184 HOH A O   
638 O O   . HOH L .  ? 0.1706 0.1500 0.1605 0.0308  0.0542  -0.0137 185 HOH A O   
639 O O   . HOH L .  ? 0.5294 0.3475 0.3866 -0.0119 0.0996  -0.1845 186 HOH A O   
640 O O   . HOH L .  ? 0.2971 0.4713 0.6011 -0.0405 -0.0046 -0.2109 187 HOH A O   
641 O O   . HOH L .  ? 0.1562 0.6732 0.2648 0.1133  0.0091  -0.1337 188 HOH A O   
642 O O   . HOH L .  ? 0.1680 0.2053 0.3330 0.0130  0.0624  0.0535  189 HOH A O   
643 O O   . HOH L .  ? 0.7566 0.2851 0.3043 0.1500  0.0647  -0.0511 190 HOH A O   
644 O O   . HOH L .  ? 0.3688 0.5009 0.2301 0.1124  0.0711  0.0244  191 HOH A O   
645 O O   . HOH L .  ? 0.2907 0.3831 0.4101 0.0961  0.0557  -0.0335 192 HOH A O   
646 O O   . HOH L .  ? 0.4683 0.3314 0.2779 -0.0275 0.0088  -0.0339 193 HOH A O   
647 O O   . HOH L .  ? 0.6880 0.2385 0.2650 -0.1415 0.1366  -0.0140 194 HOH A O   
648 O O   . HOH L .  ? 0.2286 0.6367 0.2862 -0.0886 0.0048  -0.0984 195 HOH A O   
649 O O   . HOH L .  ? 0.4050 0.3070 0.5041 -0.0036 0.1698  0.1787  196 HOH A O   
650 O O   . HOH L .  ? 0.2550 0.4362 0.4071 -0.0129 0.0402  0.0059  197 HOH A O   
651 O O   . HOH L .  ? 0.2084 0.4061 0.4136 0.0170  0.0572  0.0153  198 HOH A O   
652 O O   . HOH L .  ? 0.4193 0.2515 0.5799 -0.0337 0.0112  -0.0049 199 HOH A O   
653 O O   . HOH L .  ? 0.5250 0.3725 0.6049 0.0071  -0.0569 0.0779  200 HOH A O   
654 O O   . HOH L .  ? 0.4031 0.5538 0.2604 0.1463  -0.0295 -0.0160 201 HOH A O   
655 O O   . HOH L .  ? 0.3477 0.3543 0.3523 0.0282  -0.0846 0.0179  202 HOH A O   
656 O O   . HOH L .  ? 0.4602 0.4586 0.4336 0.0837  0.0452  0.0235  203 HOH A O   
657 O O   . HOH L .  ? 0.3845 0.3134 0.1925 -0.0621 -0.0219 0.0230  204 HOH A O   
658 O O   . HOH L .  ? 0.1183 0.1455 0.1735 0.0045  0.0318  -0.0123 205 HOH A O   
659 O O   . HOH L .  ? 0.2478 0.2156 0.2482 0.0184  -0.0220 -0.0173 206 HOH A O   
660 O O   . HOH L .  ? 0.3018 0.4809 0.4215 -0.0945 -0.0197 0.0592  207 HOH A O   
661 O O   . HOH L .  ? 0.1467 0.2262 0.2362 -0.0269 0.0058  0.0324  208 HOH A O   
662 O O   . HOH L .  ? 0.5032 0.3991 0.6437 -0.0660 -0.0531 0.1039  209 HOH A O   
663 O O   . HOH L .  ? 0.3238 0.2129 0.3045 0.0229  -0.0584 -0.0475 210 HOH A O   
664 O O   . HOH L .  ? 0.4806 0.3887 0.5124 0.1988  0.2621  0.0528  211 HOH A O   
665 O O   . HOH L .  ? 0.2433 0.1809 0.2616 -0.0118 -0.0980 -0.0158 212 HOH A O   
666 O O   . HOH L .  ? 0.1516 0.2223 0.2113 -0.0386 0.0666  -0.0747 213 HOH A O   
667 O O   . HOH L .  ? 0.2534 0.2631 0.1916 0.0330  0.0150  0.0089  214 HOH A O   
668 O O   . HOH L .  ? 0.3289 0.3025 0.3282 0.0500  0.0185  -0.1082 215 HOH A O   
669 O O   . HOH L .  ? 0.1975 0.2748 0.4171 -0.0954 0.1015  -0.1459 216 HOH A O   
670 O O   . HOH L .  ? 0.4354 0.4882 0.4152 0.2063  0.1255  0.0703  217 HOH A O   
671 O O   . HOH L .  ? 0.2851 0.4269 0.5164 -0.0676 0.0799  0.0480  218 HOH A O   
672 O O   . HOH L .  ? 0.3732 0.3557 0.4891 0.0163  0.0463  0.1447  219 HOH A O   
673 O O   . HOH L .  ? 0.4127 0.5835 0.3593 0.0764  0.1259  0.0345  220 HOH A O   
674 O O   . HOH L .  ? 0.5603 0.1942 0.4801 -0.0092 -0.0524 -0.0783 221 HOH A O   
675 O O   . HOH L .  ? 0.1983 0.2249 0.2360 0.0026  -0.0048 -0.0341 222 HOH A O   
676 O O   . HOH L .  ? 0.3022 0.3683 0.5924 0.1221  0.0677  -0.0487 223 HOH A O   
677 O O   . HOH L .  ? 0.2924 0.6188 0.3401 0.0770  -0.0867 -0.0207 224 HOH A O   
678 O O   . HOH L .  ? 0.4530 0.4824 0.5772 -0.0139 -0.1614 0.0864  225 HOH A O   
679 O O   . HOH L .  ? 0.4907 0.4876 0.2205 -0.0564 -0.1766 0.0029  226 HOH A O   
680 O O   . HOH L .  ? 0.6435 0.5037 0.5706 0.1804  -0.0602 0.3011  227 HOH A O   
681 O O   . HOH L .  ? 0.3261 0.6078 0.4082 0.1156  0.0298  0.1900  228 HOH A O   
682 O O   . HOH L .  ? 0.4668 0.5138 0.6389 -0.0167 -0.0737 -0.1459 229 HOH A O   
683 O O   . HOH L .  ? 0.1675 0.3852 0.3183 0.0245  -0.0052 -0.1223 230 HOH A O   
684 O O   . HOH L .  ? 0.5459 0.4059 0.5994 0.0077  -0.0097 0.0539  231 HOH A O   
685 O O   . HOH L .  ? 0.6137 0.2672 0.4208 -0.1512 0.0227  -0.0257 232 HOH A O   
686 O O   . HOH L .  ? 0.3389 0.4625 0.3634 -0.0668 0.0342  -0.0505 233 HOH A O   
687 O O   . HOH L .  ? 0.4416 0.3312 0.4083 0.0719  0.0475  -0.0277 234 HOH A O   
688 O O   . HOH L .  ? 0.5389 0.5722 0.4182 -0.0530 0.2621  -0.0973 235 HOH A O   
689 O O   . HOH L .  ? 0.6813 0.4220 0.1933 -0.0893 0.0987  0.0303  236 HOH A O   
690 O O   . HOH L .  ? 0.5466 0.1863 0.6429 0.0919  0.2944  -0.1205 237 HOH A O   
691 O O   . HOH L .  ? 0.5064 0.5089 0.5826 0.0260  0.1438  0.1810  238 HOH A O   
692 O O   . HOH L .  ? 0.5574 0.3345 0.5889 0.0536  -0.0230 -0.0425 239 HOH A O   
693 O O   . HOH L .  ? 0.4260 0.8260 0.5654 0.0619  0.1838  -0.1331 240 HOH A O   
694 O O   . HOH L .  ? 0.3228 0.5885 0.5514 -0.0811 -0.1649 0.0483  241 HOH A O   
695 O O   . HOH L .  ? 0.4685 0.5505 0.4498 -0.0127 0.0139  0.0022  242 HOH A O   
696 O O   . HOH L .  ? 0.5267 0.4937 0.4313 -0.0260 0.0219  -0.0030 243 HOH A O   
697 O O   . HOH L .  ? 0.4339 0.5880 0.3089 0.1354  -0.1334 -0.0693 244 HOH A O   
698 O O   . HOH L .  ? 0.5274 0.2580 0.2655 0.0436  0.0097  -0.0200 245 HOH A O   
699 O O   . HOH L .  ? 0.5401 0.4312 0.5297 0.0661  -0.0280 0.1215  246 HOH A O   
700 O O   . HOH L .  ? 0.4461 0.5409 0.7623 -0.1865 -0.1545 -0.1254 247 HOH A O   
701 O O   . HOH L .  ? 0.7776 0.2705 0.6889 0.1032  0.0074  -0.1779 248 HOH A O   
702 O O   . HOH L .  ? 0.4302 0.2567 0.3357 0.0500  -0.0889 0.0836  249 HOH A O   
703 O O   . HOH L .  ? 0.3852 0.9158 0.7851 -0.0179 -0.0341 0.0962  250 HOH A O   
704 O O   . HOH L .  ? 0.3372 0.2591 0.3438 0.0631  0.0436  -0.0808 251 HOH A O   
705 O O   . HOH L .  ? 0.4200 0.3099 0.3188 -0.0911 0.0040  -0.0025 252 HOH A O   
706 O O   . HOH L .  ? 0.5180 0.2983 0.2322 0.0279  0.0041  0.0136  253 HOH A O   
707 O O   . HOH L .  ? 0.4601 0.6161 0.5221 -0.0612 0.2038  0.0597  254 HOH A O   
708 O O   . HOH L .  ? 0.7772 0.4493 0.4332 -0.0951 -0.0867 -0.0462 255 HOH A O   
709 O O   . HOH L .  ? 0.3485 0.5365 0.3284 0.1015  0.0495  -0.0298 256 HOH A O   
710 O O   . HOH L .  ? 0.1787 0.4909 0.4551 0.1022  -0.0065 0.0232  257 HOH A O   
711 O O   . HOH L .  ? 0.3705 0.4127 0.2713 0.0300  0.1027  0.0825  258 HOH A O   
712 O O   . HOH L .  ? 0.3980 0.5473 0.4905 0.0992  0.0876  -0.0271 259 HOH A O   
713 O O   . HOH L .  ? 0.4866 0.5026 0.4141 0.0811  0.0748  0.2132  260 HOH A O   
714 O O   . HOH L .  ? 0.3467 0.1770 0.5650 -0.0286 -0.1564 0.0400  261 HOH A O   
715 O O   . HOH L .  ? 0.5755 0.3547 0.5206 0.0494  -0.0546 -0.0022 262 HOH A O   
716 O O   . HOH L .  ? 1.0529 0.5597 0.6560 -0.0426 0.1841  0.1195  263 HOH A O   
717 O O   . HOH L .  ? 0.3466 0.2843 0.3966 0.0762  0.0570  -0.0407 264 HOH A O   
718 O O   . HOH L .  ? 0.2752 0.4122 0.3176 -0.1017 -0.1296 0.1867  265 HOH A O   
719 O O   . HOH L .  ? 0.6527 0.5144 0.3808 -0.0262 0.0321  0.0122  266 HOH A O   
720 O O   . HOH L .  ? 0.3983 0.6587 0.6817 0.1645  -0.0149 -0.0492 267 HOH A O   
721 O O   B HOH L .  ? 0.1820 0.2623 0.2241 -0.0339 0.0210  0.0396  300 HOH A O   
722 O O   B HOH L .  ? 0.1632 0.2758 0.2156 0.0665  0.0466  0.0423  301 HOH A O   
723 O O   B HOH L .  ? 0.2558 0.6829 0.3166 -0.0645 0.1532  -0.0292 303 HOH A O   
# 
